data_2PP1
#
_entry.id   2PP1
#
_cell.length_a   123.187
_cell.length_b   173.826
_cell.length_c   173.792
_cell.angle_alpha   90.00
_cell.angle_beta   90.00
_cell.angle_gamma   90.00
#
_symmetry.space_group_name_H-M   'P 2 2 2'
#
loop_
_entity.id
_entity.type
_entity.pdbx_description
1 polymer 'L-talarate/galactarate dehydratase'
2 non-polymer 'MAGNESIUM ION'
3 non-polymer '(2R,3S,4R)-2,3,4-TRIHYDROXY-5-(HYDROXYAMINO)-5-OXOPENTANOIC ACID'
4 water water
#
_entity_poly.entity_id   1
_entity_poly.type   'polypeptide(L)'
_entity_poly.pdbx_seq_one_letter_code
;MALSANSDAVTYAKAANTRTAAETGDRIEWVKLSLAFLPLATPVSDAKVLTGRQKPLTEVAIIIAEIRSRDGFEGVGFSY
SKRAGGQGIYAHAKEIADNLLGEDPNDIDKIYTKLLWAGASVGRSGMAVQAISPIDIALWDMKAKRAGLPLAKLLGAHRD
SVQCYNTSGGFLHTPLDQVLKNVVISRENGIGGIKLKVGQPNCAEDIRRLTAVREALGDEFPLMVDANQQWDRETAIRMG
RKMEQFNLIWIEEPLDAYDIEGHAQLAAALDTPIATGEMLTSFREHEQLILGNASDFVQPDAPRVGGISPFLKIMDLAAK
HGRKLAPHFAMEVHLHLSAAYPLEPWLEHFEWLNPLFNEQLELRDGRMWISDRHGLGFTLSEQARRWTQLTCEFGKRP
;
_entity_poly.pdbx_strand_id   A,B,C,D,E,F
#
loop_
_chem_comp.id
_chem_comp.type
_chem_comp.name
_chem_comp.formula
LLH non-polymer '(2R,3S,4R)-2,3,4-TRIHYDROXY-5-(HYDROXYAMINO)-5-OXOPENTANOIC ACID' 'C5 H9 N O7'
MG non-polymer 'MAGNESIUM ION' 'Mg 2'
#
# COMPACT_ATOMS: atom_id res chain seq x y z
N SER A 4 -10.80 -57.45 19.42
CA SER A 4 -11.39 -56.90 20.68
C SER A 4 -11.20 -55.39 20.74
N ALA A 5 -12.23 -54.70 21.22
CA ALA A 5 -12.17 -53.25 21.32
C ALA A 5 -11.19 -52.82 22.40
N ASN A 6 -11.11 -53.59 23.50
CA ASN A 6 -10.20 -53.22 24.58
C ASN A 6 -9.72 -54.42 25.39
N SER A 7 -8.91 -54.15 26.43
CA SER A 7 -8.37 -55.19 27.30
C SER A 7 -8.09 -54.57 28.66
N ASP A 8 -7.44 -55.33 29.55
CA ASP A 8 -7.12 -54.84 30.88
C ASP A 8 -6.00 -53.81 30.85
N ALA A 9 -5.23 -53.81 29.77
CA ALA A 9 -4.13 -52.86 29.62
C ALA A 9 -4.52 -51.87 28.54
N VAL A 10 -3.60 -51.57 27.64
CA VAL A 10 -3.89 -50.65 26.55
C VAL A 10 -3.10 -51.15 25.33
N THR A 11 -3.69 -51.05 24.15
CA THR A 11 -3.01 -51.49 22.94
C THR A 11 -3.06 -50.41 21.86
N TYR A 12 -2.13 -50.48 20.92
CA TYR A 12 -2.06 -49.48 19.86
C TYR A 12 -2.04 -50.11 18.47
N ALA A 13 -2.90 -49.60 17.59
CA ALA A 13 -2.98 -50.06 16.21
C ALA A 13 -1.84 -49.41 15.44
N LYS A 14 -1.30 -50.12 14.45
CA LYS A 14 -0.20 -49.57 13.64
C LYS A 14 -0.69 -49.29 12.22
N ALA A 15 -0.15 -48.23 11.62
CA ALA A 15 -0.54 -47.81 10.27
C ALA A 15 0.16 -48.48 9.10
N ALA A 16 -0.55 -49.39 8.43
CA ALA A 16 0.00 -50.10 7.27
C ALA A 16 0.48 -49.09 6.22
N ASN A 17 -0.23 -47.97 6.12
CA ASN A 17 0.13 -46.93 5.18
C ASN A 17 0.37 -45.63 5.95
N THR A 18 1.64 -45.26 6.08
CA THR A 18 2.02 -44.04 6.78
C THR A 18 2.25 -42.89 5.81
N ARG A 19 1.80 -43.06 4.57
CA ARG A 19 1.95 -42.01 3.56
C ARG A 19 1.19 -40.84 4.17
N THR A 20 1.82 -39.68 4.23
CA THR A 20 1.13 -38.55 4.87
C THR A 20 0.57 -37.48 3.93
N ALA A 21 -0.41 -36.75 4.47
CA ALA A 21 -1.05 -35.66 3.73
C ALA A 21 -0.03 -34.56 3.45
N ALA A 22 0.94 -34.41 4.35
CA ALA A 22 1.98 -33.40 4.19
C ALA A 22 2.88 -33.68 2.99
N GLU A 23 3.31 -34.92 2.83
CA GLU A 23 4.20 -35.27 1.73
C GLU A 23 3.53 -35.43 0.36
N THR A 24 2.22 -35.57 0.33
CA THR A 24 1.52 -35.75 -0.94
C THR A 24 0.73 -34.54 -1.44
N GLY A 25 0.52 -33.56 -0.57
CA GLY A 25 -0.26 -32.39 -0.94
C GLY A 25 0.26 -31.58 -2.12
N ASP A 26 -0.65 -30.86 -2.77
CA ASP A 26 -0.31 -30.02 -3.91
C ASP A 26 0.56 -28.86 -3.40
N ARG A 27 1.17 -28.12 -4.31
CA ARG A 27 2.05 -27.01 -3.96
C ARG A 27 1.90 -25.85 -4.96
N ILE A 28 1.92 -24.62 -4.44
CA ILE A 28 1.81 -23.45 -5.29
C ILE A 28 3.18 -23.26 -5.97
N GLU A 29 3.19 -23.05 -7.28
CA GLU A 29 4.48 -22.87 -7.97
C GLU A 29 4.59 -21.58 -8.76
N TRP A 30 3.45 -20.92 -8.97
CA TRP A 30 3.46 -19.69 -9.74
C TRP A 30 2.34 -18.76 -9.24
N VAL A 31 2.63 -17.45 -9.29
CA VAL A 31 1.68 -16.43 -8.88
C VAL A 31 1.90 -15.19 -9.74
N LYS A 32 0.79 -14.63 -10.24
CA LYS A 32 0.85 -13.42 -11.04
C LYS A 32 -0.10 -12.38 -10.46
N LEU A 33 0.39 -11.18 -10.21
CA LEU A 33 -0.44 -10.11 -9.67
C LEU A 33 -0.59 -9.02 -10.71
N SER A 34 -1.76 -8.40 -10.77
CA SER A 34 -1.99 -7.31 -11.71
C SER A 34 -2.77 -6.18 -11.08
N LEU A 35 -2.42 -4.96 -11.47
CA LEU A 35 -3.14 -3.78 -11.01
C LEU A 35 -3.74 -3.22 -12.30
N ALA A 36 -5.06 -3.27 -12.41
CA ALA A 36 -5.73 -2.77 -13.60
C ALA A 36 -6.67 -1.65 -13.21
N PHE A 37 -7.04 -0.83 -14.19
CA PHE A 37 -7.97 0.25 -13.93
C PHE A 37 -9.17 0.18 -14.86
N LEU A 38 -10.35 0.17 -14.25
CA LEU A 38 -11.61 0.09 -14.93
C LEU A 38 -12.10 1.52 -15.16
N PRO A 39 -12.06 2.00 -16.40
CA PRO A 39 -12.50 3.38 -16.68
C PRO A 39 -14.01 3.53 -16.65
N LEU A 40 -14.48 4.64 -16.09
CA LEU A 40 -15.91 4.93 -16.04
C LEU A 40 -16.14 6.17 -16.92
N ALA A 41 -16.69 5.94 -18.11
CA ALA A 41 -16.96 7.00 -19.08
C ALA A 41 -17.81 8.10 -18.47
N THR A 42 -18.76 7.72 -17.64
CA THR A 42 -19.62 8.68 -16.99
C THR A 42 -19.21 8.83 -15.52
N PRO A 43 -18.59 9.97 -15.16
CA PRO A 43 -18.17 10.21 -13.77
C PRO A 43 -19.36 9.93 -12.82
N VAL A 44 -19.09 9.18 -11.76
CA VAL A 44 -20.13 8.81 -10.80
C VAL A 44 -20.10 9.60 -9.51
N SER A 45 -21.27 10.10 -9.10
CA SER A 45 -21.39 10.87 -7.86
C SER A 45 -22.51 10.43 -6.92
N ASP A 46 -22.15 10.00 -5.71
CA ASP A 46 -23.17 9.67 -4.72
C ASP A 46 -23.14 10.85 -3.76
N ALA A 47 -23.85 10.77 -2.64
CA ALA A 47 -23.89 11.90 -1.71
C ALA A 47 -22.53 12.39 -1.20
N LYS A 48 -21.52 11.52 -1.18
CA LYS A 48 -20.19 11.91 -0.71
C LYS A 48 -19.61 13.02 -1.58
N VAL A 49 -20.03 13.06 -2.84
CA VAL A 49 -19.56 14.06 -3.76
C VAL A 49 -20.36 15.34 -3.61
N LEU A 50 -21.68 15.20 -3.45
CA LEU A 50 -22.53 16.37 -3.32
C LEU A 50 -22.33 17.11 -2.00
N THR A 51 -21.72 16.48 -1.00
CA THR A 51 -21.48 17.16 0.27
C THR A 51 -20.05 17.73 0.27
N GLY A 52 -19.32 17.45 -0.80
CA GLY A 52 -17.95 17.93 -0.91
C GLY A 52 -16.88 17.06 -0.26
N ARG A 53 -17.26 15.90 0.25
CA ARG A 53 -16.26 15.02 0.87
C ARG A 53 -15.30 14.42 -0.15
N GLN A 54 -15.80 14.18 -1.37
CA GLN A 54 -14.98 13.57 -2.42
C GLN A 54 -15.30 14.12 -3.80
N LYS A 55 -14.45 13.76 -4.76
CA LYS A 55 -14.61 14.17 -6.16
C LYS A 55 -15.32 13.02 -6.88
N PRO A 56 -15.92 13.30 -8.04
CA PRO A 56 -16.60 12.22 -8.77
C PRO A 56 -15.67 11.03 -9.04
N LEU A 57 -16.25 9.83 -9.06
CA LEU A 57 -15.49 8.60 -9.32
C LEU A 57 -15.36 8.42 -10.85
N THR A 58 -14.12 8.28 -11.33
CA THR A 58 -13.91 8.14 -12.77
C THR A 58 -13.30 6.82 -13.19
N GLU A 59 -12.91 6.00 -12.22
CA GLU A 59 -12.33 4.71 -12.54
C GLU A 59 -12.32 3.83 -11.29
N VAL A 60 -12.05 2.55 -11.49
CA VAL A 60 -11.98 1.62 -10.36
C VAL A 60 -10.72 0.80 -10.45
N ALA A 61 -9.94 0.77 -9.37
CA ALA A 61 -8.71 -0.01 -9.35
C ALA A 61 -9.12 -1.45 -9.12
N ILE A 62 -8.49 -2.37 -9.86
CA ILE A 62 -8.76 -3.79 -9.72
C ILE A 62 -7.42 -4.50 -9.52
N ILE A 63 -7.25 -5.18 -8.38
CA ILE A 63 -6.01 -5.90 -8.10
C ILE A 63 -6.31 -7.38 -8.27
N ILE A 64 -5.63 -8.01 -9.21
CA ILE A 64 -5.87 -9.41 -9.52
C ILE A 64 -4.75 -10.34 -9.14
N ALA A 65 -5.11 -11.53 -8.68
CA ALA A 65 -4.13 -12.54 -8.33
C ALA A 65 -4.48 -13.81 -9.09
N GLU A 66 -3.47 -14.46 -9.67
CA GLU A 66 -3.66 -15.72 -10.39
C GLU A 66 -2.65 -16.67 -9.76
N ILE A 67 -3.12 -17.84 -9.35
CA ILE A 67 -2.25 -18.82 -8.70
C ILE A 67 -2.31 -20.20 -9.39
N ARG A 68 -1.15 -20.80 -9.63
CA ARG A 68 -1.09 -22.10 -10.28
C ARG A 68 -0.33 -23.11 -9.44
N SER A 69 -0.89 -24.30 -9.31
CA SER A 69 -0.27 -25.34 -8.52
C SER A 69 0.49 -26.38 -9.35
N ARG A 70 1.39 -27.08 -8.67
CA ARG A 70 2.18 -28.12 -9.27
C ARG A 70 1.29 -29.15 -9.96
N ASP A 71 0.23 -29.58 -9.28
CA ASP A 71 -0.65 -30.59 -9.87
C ASP A 71 -1.64 -30.13 -10.92
N GLY A 72 -1.45 -28.92 -11.45
CA GLY A 72 -2.32 -28.44 -12.51
C GLY A 72 -3.54 -27.61 -12.22
N PHE A 73 -3.72 -27.17 -10.98
CA PHE A 73 -4.90 -26.36 -10.65
C PHE A 73 -4.57 -24.87 -10.70
N GLU A 74 -5.58 -24.06 -10.96
CA GLU A 74 -5.39 -22.62 -11.01
C GLU A 74 -6.54 -21.90 -10.34
N GLY A 75 -6.26 -20.75 -9.76
CA GLY A 75 -7.29 -19.97 -9.10
C GLY A 75 -7.11 -18.51 -9.45
N VAL A 76 -8.21 -17.78 -9.53
CA VAL A 76 -8.16 -16.37 -9.81
C VAL A 76 -9.03 -15.65 -8.77
N GLY A 77 -8.61 -14.45 -8.38
CA GLY A 77 -9.37 -13.68 -7.42
C GLY A 77 -8.98 -12.21 -7.53
N PHE A 78 -9.74 -11.32 -6.89
CA PHE A 78 -9.42 -9.91 -6.96
C PHE A 78 -10.00 -9.07 -5.82
N SER A 79 -9.45 -7.87 -5.66
CA SER A 79 -9.96 -6.90 -4.70
C SER A 79 -9.98 -5.62 -5.55
N TYR A 80 -10.36 -4.50 -4.97
CA TYR A 80 -10.46 -3.29 -5.74
C TYR A 80 -10.39 -2.08 -4.85
N SER A 81 -10.41 -0.92 -5.47
CA SER A 81 -10.41 0.33 -4.73
C SER A 81 -11.12 1.39 -5.54
N LYS A 82 -12.06 2.08 -4.90
CA LYS A 82 -12.78 3.16 -5.56
C LYS A 82 -12.11 4.39 -4.95
N ARG A 83 -11.30 5.05 -5.77
CA ARG A 83 -10.49 6.21 -5.41
C ARG A 83 -9.17 5.68 -4.86
N ALA A 84 -8.37 6.52 -4.21
CA ALA A 84 -7.06 6.08 -3.73
C ALA A 84 -7.04 4.81 -2.88
N GLY A 85 -6.11 3.92 -3.19
CA GLY A 85 -5.97 2.68 -2.46
C GLY A 85 -5.41 1.56 -3.29
N GLY A 86 -5.70 1.58 -4.59
CA GLY A 86 -5.25 0.54 -5.50
C GLY A 86 -3.75 0.36 -5.58
N GLN A 87 -3.00 1.45 -5.62
CA GLN A 87 -1.55 1.38 -5.70
C GLN A 87 -0.99 0.69 -4.47
N GLY A 88 -1.54 1.04 -3.31
CA GLY A 88 -1.09 0.45 -2.06
C GLY A 88 -1.44 -1.01 -1.92
N ILE A 89 -2.62 -1.39 -2.36
CA ILE A 89 -3.04 -2.79 -2.26
C ILE A 89 -2.12 -3.64 -3.14
N TYR A 90 -1.92 -3.21 -4.39
CA TYR A 90 -1.06 -3.94 -5.31
C TYR A 90 0.38 -4.03 -4.79
N ALA A 91 0.92 -2.91 -4.34
CA ALA A 91 2.29 -2.85 -3.82
C ALA A 91 2.50 -3.84 -2.67
N HIS A 92 1.58 -3.87 -1.71
CA HIS A 92 1.73 -4.78 -0.58
C HIS A 92 1.61 -6.22 -1.06
N ALA A 93 0.61 -6.49 -1.90
CA ALA A 93 0.42 -7.85 -2.41
C ALA A 93 1.73 -8.30 -3.07
N LYS A 94 2.34 -7.39 -3.81
CA LYS A 94 3.60 -7.69 -4.49
C LYS A 94 4.72 -7.97 -3.51
N GLU A 95 4.75 -7.24 -2.41
CA GLU A 95 5.81 -7.43 -1.43
C GLU A 95 5.66 -8.71 -0.59
N ILE A 96 4.47 -9.31 -0.57
CA ILE A 96 4.30 -10.53 0.22
C ILE A 96 3.99 -11.80 -0.59
N ALA A 97 3.63 -11.63 -1.86
CA ALA A 97 3.27 -12.77 -2.73
C ALA A 97 4.23 -13.96 -2.78
N ASP A 98 5.54 -13.71 -2.78
CA ASP A 98 6.45 -14.84 -2.87
C ASP A 98 6.35 -15.83 -1.71
N ASN A 99 5.68 -15.42 -0.63
CA ASN A 99 5.49 -16.32 0.52
C ASN A 99 4.59 -17.50 0.15
N LEU A 100 3.84 -17.34 -0.94
CA LEU A 100 2.92 -18.38 -1.41
C LEU A 100 3.63 -19.60 -2.01
N LEU A 101 4.78 -19.34 -2.64
CA LEU A 101 5.53 -20.42 -3.29
C LEU A 101 5.87 -21.56 -2.35
N GLY A 102 5.54 -22.77 -2.75
CA GLY A 102 5.83 -23.93 -1.93
C GLY A 102 4.78 -24.27 -0.88
N GLU A 103 3.72 -23.47 -0.78
CA GLU A 103 2.68 -23.75 0.21
C GLU A 103 1.63 -24.68 -0.37
N ASP A 104 0.98 -25.46 0.50
CA ASP A 104 -0.11 -26.34 0.07
C ASP A 104 -1.28 -25.37 -0.06
N PRO A 105 -1.78 -25.17 -1.30
CA PRO A 105 -2.90 -24.25 -1.52
C PRO A 105 -4.20 -24.55 -0.80
N ASN A 106 -4.35 -25.76 -0.26
CA ASN A 106 -5.58 -26.09 0.44
C ASN A 106 -5.63 -25.54 1.87
N ASP A 107 -4.48 -25.22 2.44
CA ASP A 107 -4.41 -24.69 3.79
C ASP A 107 -4.54 -23.16 3.73
N ILE A 108 -5.70 -22.72 3.28
CA ILE A 108 -6.01 -21.31 3.08
C ILE A 108 -5.81 -20.44 4.32
N ASP A 109 -6.28 -20.91 5.47
CA ASP A 109 -6.13 -20.14 6.68
C ASP A 109 -4.69 -20.11 7.15
N LYS A 110 -3.99 -21.23 6.97
CA LYS A 110 -2.59 -21.32 7.38
C LYS A 110 -1.81 -20.30 6.55
N ILE A 111 -2.13 -20.24 5.26
CA ILE A 111 -1.46 -19.30 4.35
C ILE A 111 -1.78 -17.86 4.72
N TYR A 112 -3.06 -17.61 5.03
CA TYR A 112 -3.50 -16.27 5.42
C TYR A 112 -2.67 -15.80 6.60
N THR A 113 -2.53 -16.67 7.58
CA THR A 113 -1.76 -16.35 8.77
C THR A 113 -0.29 -16.05 8.46
N LYS A 114 0.29 -16.81 7.53
CA LYS A 114 1.66 -16.61 7.14
C LYS A 114 1.81 -15.23 6.49
N LEU A 115 0.84 -14.85 5.67
CA LEU A 115 0.86 -13.57 4.98
C LEU A 115 0.70 -12.41 5.97
N LEU A 116 -0.11 -12.60 7.00
CA LEU A 116 -0.29 -11.55 8.02
C LEU A 116 1.03 -11.37 8.78
N TRP A 117 1.72 -12.47 9.10
CA TRP A 117 2.99 -12.38 9.82
C TRP A 117 4.06 -11.72 8.95
N ALA A 118 4.06 -12.04 7.66
CA ALA A 118 5.04 -11.45 6.74
C ALA A 118 4.84 -9.93 6.69
N GLY A 119 3.63 -9.47 7.02
CA GLY A 119 3.36 -8.04 7.00
C GLY A 119 2.80 -7.59 8.34
N ALA A 120 3.28 -8.19 9.42
CA ALA A 120 2.78 -7.85 10.75
C ALA A 120 2.80 -6.37 11.09
N SER A 121 3.81 -5.65 10.62
CA SER A 121 3.95 -4.24 10.90
C SER A 121 2.79 -3.38 10.41
N VAL A 122 2.10 -3.81 9.37
CA VAL A 122 0.99 -3.03 8.82
C VAL A 122 -0.43 -3.47 9.21
N GLY A 123 -0.55 -4.23 10.28
CA GLY A 123 -1.88 -4.59 10.78
C GLY A 123 -2.63 -5.79 10.30
N ARG A 124 -3.84 -5.94 10.85
CA ARG A 124 -4.75 -7.05 10.52
C ARG A 124 -6.09 -6.56 10.01
N SER A 125 -6.12 -5.35 9.48
CA SER A 125 -7.34 -4.77 8.94
C SER A 125 -6.89 -3.76 7.89
N GLY A 126 -7.84 -3.20 7.14
CA GLY A 126 -7.48 -2.22 6.15
C GLY A 126 -6.76 -2.74 4.92
N MET A 127 -6.00 -1.84 4.30
CA MET A 127 -5.26 -2.11 3.09
C MET A 127 -4.47 -3.41 3.04
N ALA A 128 -3.72 -3.72 4.09
CA ALA A 128 -2.92 -4.94 4.11
C ALA A 128 -3.76 -6.21 3.88
N VAL A 129 -4.93 -6.31 4.50
CA VAL A 129 -5.76 -7.50 4.29
C VAL A 129 -6.44 -7.42 2.94
N GLN A 130 -6.62 -6.20 2.42
CA GLN A 130 -7.24 -6.06 1.12
C GLN A 130 -6.25 -6.51 0.04
N ALA A 131 -4.98 -6.59 0.42
CA ALA A 131 -3.93 -7.04 -0.49
C ALA A 131 -3.91 -8.57 -0.44
N ILE A 132 -4.42 -9.12 0.65
CA ILE A 132 -4.49 -10.56 0.82
C ILE A 132 -5.78 -11.09 0.15
N SER A 133 -6.80 -10.24 0.08
CA SER A 133 -8.09 -10.63 -0.51
C SER A 133 -7.98 -11.34 -1.88
N PRO A 134 -7.26 -10.75 -2.86
CA PRO A 134 -7.14 -11.38 -4.18
C PRO A 134 -6.60 -12.81 -4.08
N ILE A 135 -5.57 -12.95 -3.25
CA ILE A 135 -4.93 -14.24 -3.01
C ILE A 135 -5.88 -15.21 -2.31
N ASP A 136 -6.50 -14.78 -1.21
CA ASP A 136 -7.43 -15.61 -0.45
C ASP A 136 -8.56 -16.09 -1.36
N ILE A 137 -9.11 -15.16 -2.14
CA ILE A 137 -10.20 -15.49 -3.05
C ILE A 137 -9.74 -16.46 -4.15
N ALA A 138 -8.54 -16.25 -4.69
CA ALA A 138 -8.02 -17.14 -5.72
C ALA A 138 -7.87 -18.56 -5.17
N LEU A 139 -7.43 -18.68 -3.93
CA LEU A 139 -7.27 -20.00 -3.32
C LEU A 139 -8.63 -20.69 -3.15
N TRP A 140 -9.67 -19.94 -2.81
CA TRP A 140 -10.99 -20.55 -2.66
C TRP A 140 -11.48 -20.95 -4.05
N ASP A 141 -11.22 -20.09 -5.03
CA ASP A 141 -11.61 -20.34 -6.41
C ASP A 141 -10.97 -21.67 -6.83
N MET A 142 -9.69 -21.83 -6.49
CA MET A 142 -8.96 -23.03 -6.83
C MET A 142 -9.51 -24.27 -6.12
N LYS A 143 -9.79 -24.18 -4.83
CA LYS A 143 -10.31 -25.33 -4.11
C LYS A 143 -11.66 -25.78 -4.70
N ALA A 144 -12.51 -24.82 -5.03
CA ALA A 144 -13.81 -25.15 -5.61
C ALA A 144 -13.59 -25.90 -6.92
N LYS A 145 -12.68 -25.37 -7.75
CA LYS A 145 -12.38 -26.01 -9.03
C LYS A 145 -11.83 -27.42 -8.81
N ARG A 146 -10.98 -27.56 -7.81
CA ARG A 146 -10.40 -28.87 -7.49
C ARG A 146 -11.51 -29.88 -7.21
N ALA A 147 -12.63 -29.40 -6.63
CA ALA A 147 -13.76 -30.28 -6.31
C ALA A 147 -14.74 -30.36 -7.48
N GLY A 148 -14.48 -29.58 -8.53
CA GLY A 148 -15.37 -29.56 -9.67
C GLY A 148 -16.73 -28.96 -9.32
N LEU A 149 -16.72 -27.89 -8.54
CA LEU A 149 -17.97 -27.25 -8.11
C LEU A 149 -17.94 -25.74 -8.16
N PRO A 150 -19.10 -25.12 -8.37
CA PRO A 150 -19.14 -23.65 -8.38
C PRO A 150 -18.78 -23.34 -6.90
N LEU A 151 -18.19 -22.19 -6.63
CA LEU A 151 -17.84 -21.87 -5.24
C LEU A 151 -19.01 -22.04 -4.26
N ALA A 152 -20.20 -21.59 -4.65
CA ALA A 152 -21.38 -21.69 -3.79
C ALA A 152 -21.61 -23.12 -3.33
N LYS A 153 -21.36 -24.08 -4.23
CA LYS A 153 -21.56 -25.48 -3.90
C LYS A 153 -20.45 -26.04 -3.01
N LEU A 154 -19.24 -25.53 -3.16
CA LEU A 154 -18.15 -25.97 -2.32
C LEU A 154 -18.49 -25.53 -0.88
N LEU A 155 -18.99 -24.30 -0.74
CA LEU A 155 -19.36 -23.76 0.56
C LEU A 155 -20.62 -24.41 1.09
N GLY A 156 -21.50 -24.80 0.15
CA GLY A 156 -22.77 -25.38 0.52
C GLY A 156 -23.78 -24.27 0.33
N ALA A 157 -24.73 -24.47 -0.58
CA ALA A 157 -25.73 -23.44 -0.85
C ALA A 157 -27.08 -23.72 -0.21
N HIS A 158 -27.81 -22.64 0.03
CA HIS A 158 -29.15 -22.69 0.61
C HIS A 158 -30.13 -22.30 -0.47
N ARG A 159 -29.61 -21.78 -1.57
CA ARG A 159 -30.44 -21.37 -2.71
C ARG A 159 -29.59 -21.40 -3.97
N ASP A 160 -30.23 -21.56 -5.12
CA ASP A 160 -29.49 -21.63 -6.38
C ASP A 160 -29.48 -20.33 -7.16
N SER A 161 -30.09 -19.30 -6.57
CA SER A 161 -30.14 -17.97 -7.16
C SER A 161 -30.45 -17.01 -6.01
N VAL A 162 -30.11 -15.73 -6.17
CA VAL A 162 -30.39 -14.78 -5.10
C VAL A 162 -31.03 -13.48 -5.61
N GLN A 163 -31.98 -12.95 -4.84
CA GLN A 163 -32.66 -11.70 -5.17
C GLN A 163 -31.59 -10.67 -5.51
N CYS A 164 -31.83 -9.89 -6.56
CA CYS A 164 -30.84 -8.92 -6.99
C CYS A 164 -31.45 -7.55 -7.26
N TYR A 165 -30.79 -6.52 -6.78
CA TYR A 165 -31.28 -5.15 -6.98
C TYR A 165 -30.17 -4.34 -7.66
N ASN A 166 -30.56 -3.31 -8.40
CA ASN A 166 -29.56 -2.48 -9.08
C ASN A 166 -29.25 -1.19 -8.33
N THR A 167 -27.99 -0.78 -8.40
CA THR A 167 -27.52 0.43 -7.75
C THR A 167 -26.98 1.47 -8.75
N SER A 168 -26.33 0.99 -9.81
CA SER A 168 -25.72 1.87 -10.80
C SER A 168 -26.65 2.84 -11.50
N GLY A 169 -27.94 2.57 -11.51
CA GLY A 169 -28.86 3.47 -12.18
C GLY A 169 -29.54 4.47 -11.25
N GLY A 170 -29.10 4.56 -10.00
CA GLY A 170 -29.74 5.48 -9.08
C GLY A 170 -28.82 6.49 -8.40
N PHE A 171 -27.74 6.86 -9.08
CA PHE A 171 -26.78 7.81 -8.53
C PHE A 171 -27.23 9.27 -8.62
N LEU A 172 -26.65 10.10 -7.75
CA LEU A 172 -27.02 11.51 -7.68
C LEU A 172 -26.57 12.43 -8.80
N HIS A 173 -25.68 11.96 -9.67
CA HIS A 173 -25.25 12.79 -10.79
C HIS A 173 -26.26 12.60 -11.93
N THR A 174 -27.19 11.67 -11.72
CA THR A 174 -28.21 11.36 -12.72
C THR A 174 -29.52 12.13 -12.51
N PRO A 175 -29.97 12.89 -13.52
CA PRO A 175 -31.21 13.65 -13.41
C PRO A 175 -32.39 12.71 -13.16
N LEU A 176 -33.37 13.16 -12.38
CA LEU A 176 -34.54 12.34 -12.08
C LEU A 176 -35.11 11.69 -13.33
N ASP A 177 -35.20 12.45 -14.40
CA ASP A 177 -35.73 11.95 -15.67
C ASP A 177 -35.02 10.68 -16.11
N GLN A 178 -33.69 10.71 -16.12
CA GLN A 178 -32.89 9.58 -16.53
C GLN A 178 -33.00 8.42 -15.51
N VAL A 179 -33.15 8.76 -14.24
CA VAL A 179 -33.28 7.73 -13.20
C VAL A 179 -34.55 6.91 -13.46
N LEU A 180 -35.64 7.60 -13.82
CA LEU A 180 -36.89 6.92 -14.11
C LEU A 180 -36.76 6.03 -15.34
N LYS A 181 -35.95 6.47 -16.30
CA LYS A 181 -35.69 5.67 -17.50
C LYS A 181 -34.88 4.43 -17.10
N ASN A 182 -33.93 4.61 -16.19
CA ASN A 182 -33.09 3.50 -15.74
C ASN A 182 -33.93 2.45 -15.04
N VAL A 183 -34.86 2.89 -14.21
CA VAL A 183 -35.74 1.97 -13.48
C VAL A 183 -36.43 1.03 -14.47
N VAL A 184 -36.90 1.59 -15.58
CA VAL A 184 -37.56 0.80 -16.60
C VAL A 184 -36.60 -0.17 -17.26
N ILE A 185 -35.44 0.33 -17.67
CA ILE A 185 -34.44 -0.52 -18.31
C ILE A 185 -34.10 -1.70 -17.40
N SER A 186 -33.86 -1.40 -16.12
CA SER A 186 -33.50 -2.42 -15.14
C SER A 186 -34.63 -3.41 -14.93
N ARG A 187 -35.83 -2.88 -14.75
CA ARG A 187 -37.00 -3.72 -14.53
C ARG A 187 -37.26 -4.63 -15.73
N GLU A 188 -37.14 -4.10 -16.94
CA GLU A 188 -37.36 -4.91 -18.13
C GLU A 188 -36.27 -5.96 -18.31
N ASN A 189 -35.12 -5.77 -17.65
CA ASN A 189 -34.03 -6.73 -17.75
C ASN A 189 -34.07 -7.74 -16.62
N GLY A 190 -35.18 -7.76 -15.90
CA GLY A 190 -35.34 -8.72 -14.81
C GLY A 190 -34.81 -8.38 -13.43
N ILE A 191 -34.49 -7.12 -13.17
CA ILE A 191 -33.97 -6.76 -11.85
C ILE A 191 -35.05 -7.01 -10.79
N GLY A 192 -34.61 -7.36 -9.58
CA GLY A 192 -35.57 -7.64 -8.52
C GLY A 192 -35.77 -6.49 -7.54
N GLY A 193 -35.07 -5.37 -7.76
CA GLY A 193 -35.20 -4.24 -6.88
C GLY A 193 -34.38 -3.04 -7.32
N ILE A 194 -34.68 -1.88 -6.76
CA ILE A 194 -33.99 -0.64 -7.11
C ILE A 194 -33.48 0.09 -5.86
N LYS A 195 -32.23 0.55 -5.92
CA LYS A 195 -31.68 1.31 -4.80
C LYS A 195 -31.41 2.72 -5.32
N LEU A 196 -31.89 3.71 -4.58
CA LEU A 196 -31.72 5.10 -4.95
C LEU A 196 -30.74 5.79 -4.01
N LYS A 197 -29.78 6.52 -4.56
CA LYS A 197 -28.83 7.25 -3.74
C LYS A 197 -29.49 8.49 -3.17
N VAL A 198 -29.31 8.73 -1.88
CA VAL A 198 -29.87 9.91 -1.22
C VAL A 198 -28.80 10.50 -0.33
N GLY A 199 -29.18 11.48 0.50
CA GLY A 199 -28.19 12.06 1.38
C GLY A 199 -27.56 13.35 0.89
N GLN A 200 -28.16 13.97 -0.13
CA GLN A 200 -27.60 15.22 -0.63
C GLN A 200 -28.05 16.37 0.29
N PRO A 201 -27.33 17.49 0.27
CA PRO A 201 -27.68 18.64 1.10
C PRO A 201 -29.17 18.98 1.02
N ASN A 202 -29.70 19.04 -0.19
CA ASN A 202 -31.11 19.37 -0.38
C ASN A 202 -31.98 18.15 -0.05
N CYS A 203 -32.41 18.05 1.20
CA CYS A 203 -33.24 16.93 1.63
C CYS A 203 -34.53 16.80 0.84
N ALA A 204 -35.16 17.95 0.59
CA ALA A 204 -36.41 17.97 -0.15
C ALA A 204 -36.26 17.35 -1.54
N GLU A 205 -35.13 17.59 -2.19
CA GLU A 205 -34.91 17.04 -3.51
C GLU A 205 -34.86 15.52 -3.47
N ASP A 206 -34.25 14.96 -2.44
CA ASP A 206 -34.17 13.50 -2.31
C ASP A 206 -35.57 12.95 -2.14
N ILE A 207 -36.38 13.62 -1.33
CA ILE A 207 -37.75 13.17 -1.10
C ILE A 207 -38.53 13.22 -2.41
N ARG A 208 -38.26 14.25 -3.21
CA ARG A 208 -38.94 14.40 -4.49
C ARG A 208 -38.57 13.23 -5.41
N ARG A 209 -37.27 12.96 -5.54
CA ARG A 209 -36.78 11.87 -6.38
C ARG A 209 -37.31 10.52 -5.89
N LEU A 210 -37.28 10.32 -4.57
CA LEU A 210 -37.73 9.07 -3.99
C LEU A 210 -39.22 8.83 -4.23
N THR A 211 -40.04 9.86 -4.03
CA THR A 211 -41.48 9.70 -4.25
C THR A 211 -41.78 9.37 -5.71
N ALA A 212 -41.03 9.99 -6.62
CA ALA A 212 -41.20 9.76 -8.05
C ALA A 212 -40.86 8.31 -8.40
N VAL A 213 -39.78 7.79 -7.85
CA VAL A 213 -39.38 6.42 -8.13
C VAL A 213 -40.39 5.42 -7.60
N ARG A 214 -40.87 5.63 -6.39
CA ARG A 214 -41.86 4.74 -5.80
C ARG A 214 -43.13 4.79 -6.64
N GLU A 215 -43.47 5.99 -7.07
CA GLU A 215 -44.65 6.21 -7.88
C GLU A 215 -44.53 5.38 -9.16
N ALA A 216 -43.39 5.49 -9.83
CA ALA A 216 -43.14 4.78 -11.07
C ALA A 216 -43.10 3.27 -10.89
N LEU A 217 -42.52 2.81 -9.78
CA LEU A 217 -42.41 1.38 -9.52
C LEU A 217 -43.69 0.72 -9.05
N GLY A 218 -44.56 1.49 -8.40
CA GLY A 218 -45.77 0.91 -7.88
C GLY A 218 -45.46 0.53 -6.45
N ASP A 219 -46.51 0.26 -5.67
CA ASP A 219 -46.34 -0.07 -4.26
C ASP A 219 -45.54 -1.30 -3.87
N GLU A 220 -45.57 -2.34 -4.70
CA GLU A 220 -44.89 -3.60 -4.35
C GLU A 220 -43.39 -3.75 -4.61
N PHE A 221 -42.91 -3.24 -5.74
CA PHE A 221 -41.51 -3.42 -6.08
C PHE A 221 -40.51 -3.02 -5.02
N PRO A 222 -39.55 -3.92 -4.72
CA PRO A 222 -38.52 -3.66 -3.71
C PRO A 222 -37.72 -2.40 -4.03
N LEU A 223 -37.74 -1.47 -3.07
CA LEU A 223 -37.05 -0.21 -3.22
C LEU A 223 -36.23 0.07 -1.96
N MET A 224 -35.00 0.54 -2.14
CA MET A 224 -34.14 0.86 -1.01
C MET A 224 -33.38 2.17 -1.29
N VAL A 225 -32.88 2.81 -0.23
CA VAL A 225 -32.12 4.04 -0.39
C VAL A 225 -30.76 3.91 0.28
N ASP A 226 -29.83 4.76 -0.16
CA ASP A 226 -28.46 4.74 0.33
C ASP A 226 -27.93 6.16 0.51
N ALA A 227 -27.62 6.54 1.75
CA ALA A 227 -27.12 7.88 2.04
C ALA A 227 -25.60 8.00 2.04
N ASN A 228 -24.91 6.86 1.94
CA ASN A 228 -23.45 6.86 1.93
C ASN A 228 -22.83 7.71 3.05
N GLN A 229 -23.37 7.56 4.26
CA GLN A 229 -22.89 8.23 5.47
C GLN A 229 -23.10 9.74 5.53
N GLN A 230 -23.85 10.30 4.60
CA GLN A 230 -23.97 11.76 4.57
C GLN A 230 -24.94 12.52 5.47
N TRP A 231 -25.65 11.84 6.36
CA TRP A 231 -26.56 12.56 7.24
C TRP A 231 -26.00 12.58 8.64
N ASP A 232 -26.39 13.58 9.44
CA ASP A 232 -25.98 13.58 10.84
C ASP A 232 -27.19 12.91 11.52
N ARG A 233 -27.07 12.59 12.80
CA ARG A 233 -28.16 11.93 13.50
C ARG A 233 -29.51 12.64 13.41
N GLU A 234 -29.49 13.98 13.56
CA GLU A 234 -30.73 14.75 13.51
C GLU A 234 -31.46 14.55 12.19
N THR A 235 -30.73 14.70 11.10
CA THR A 235 -31.31 14.55 9.78
C THR A 235 -31.73 13.11 9.48
N ALA A 236 -30.92 12.15 9.91
CA ALA A 236 -31.20 10.74 9.69
C ALA A 236 -32.57 10.33 10.21
N ILE A 237 -32.86 10.63 11.47
CA ILE A 237 -34.15 10.25 12.05
C ILE A 237 -35.27 11.02 11.39
N ARG A 238 -35.00 12.27 11.01
CA ARG A 238 -36.01 13.09 10.36
C ARG A 238 -36.37 12.46 9.00
N MET A 239 -35.35 12.19 8.19
CA MET A 239 -35.58 11.56 6.88
C MET A 239 -36.17 10.17 7.07
N GLY A 240 -35.71 9.46 8.09
CA GLY A 240 -36.21 8.12 8.36
C GLY A 240 -37.72 8.15 8.54
N ARG A 241 -38.20 8.98 9.46
CA ARG A 241 -39.63 9.12 9.73
C ARG A 241 -40.41 9.36 8.45
N LYS A 242 -39.93 10.32 7.67
CA LYS A 242 -40.56 10.69 6.42
C LYS A 242 -40.55 9.62 5.33
N MET A 243 -39.63 8.66 5.42
CA MET A 243 -39.56 7.60 4.40
C MET A 243 -40.30 6.32 4.78
N GLU A 244 -40.83 6.27 6.00
CA GLU A 244 -41.56 5.09 6.46
C GLU A 244 -42.67 4.75 5.46
N GLN A 245 -43.28 5.79 4.91
CA GLN A 245 -44.38 5.64 3.96
C GLN A 245 -44.01 4.91 2.68
N PHE A 246 -42.73 4.90 2.31
CA PHE A 246 -42.34 4.24 1.07
C PHE A 246 -42.09 2.75 1.21
N ASN A 247 -42.18 2.25 2.44
CA ASN A 247 -41.97 0.84 2.73
C ASN A 247 -40.70 0.31 2.08
N LEU A 248 -39.58 0.98 2.34
CA LEU A 248 -38.30 0.60 1.78
C LEU A 248 -37.80 -0.71 2.37
N ILE A 249 -37.04 -1.46 1.58
CA ILE A 249 -36.47 -2.72 2.06
C ILE A 249 -35.44 -2.35 3.12
N TRP A 250 -34.80 -1.19 2.93
CA TRP A 250 -33.83 -0.70 3.90
C TRP A 250 -33.32 0.70 3.59
N ILE A 251 -32.73 1.32 4.60
CA ILE A 251 -32.11 2.65 4.48
C ILE A 251 -30.66 2.28 4.76
N GLU A 252 -29.78 2.57 3.83
CA GLU A 252 -28.37 2.19 3.96
C GLU A 252 -27.44 3.34 4.31
N GLU A 253 -26.45 3.03 5.14
CA GLU A 253 -25.46 4.01 5.59
C GLU A 253 -26.03 5.40 5.86
N PRO A 254 -27.03 5.49 6.74
CA PRO A 254 -27.59 6.81 7.03
C PRO A 254 -26.56 7.71 7.72
N LEU A 255 -25.64 7.08 8.46
CA LEU A 255 -24.62 7.81 9.19
C LEU A 255 -23.21 7.29 8.95
N ASP A 256 -22.23 7.98 9.57
CA ASP A 256 -20.84 7.59 9.47
C ASP A 256 -20.76 6.08 9.74
N ALA A 257 -19.98 5.39 8.93
CA ALA A 257 -19.82 3.94 9.05
C ALA A 257 -19.41 3.47 10.44
N TYR A 258 -18.79 4.34 11.22
CA TYR A 258 -18.35 3.97 12.54
C TYR A 258 -19.23 4.48 13.67
N ASP A 259 -20.35 5.13 13.32
CA ASP A 259 -21.26 5.62 14.34
C ASP A 259 -22.18 4.46 14.76
N ILE A 260 -21.65 3.56 15.57
CA ILE A 260 -22.37 2.38 16.01
C ILE A 260 -23.67 2.70 16.76
N GLU A 261 -23.58 3.50 17.81
CA GLU A 261 -24.77 3.83 18.59
C GLU A 261 -25.74 4.63 17.75
N GLY A 262 -25.23 5.45 16.84
CA GLY A 262 -26.11 6.23 15.98
C GLY A 262 -26.97 5.29 15.15
N HIS A 263 -26.32 4.30 14.52
CA HIS A 263 -27.05 3.35 13.69
C HIS A 263 -28.03 2.55 14.57
N ALA A 264 -27.52 2.02 15.67
CA ALA A 264 -28.35 1.24 16.59
C ALA A 264 -29.61 2.02 16.95
N GLN A 265 -29.42 3.30 17.24
CA GLN A 265 -30.53 4.16 17.63
C GLN A 265 -31.57 4.27 16.50
N LEU A 266 -31.11 4.46 15.28
CA LEU A 266 -32.03 4.56 14.15
C LEU A 266 -32.75 3.23 13.92
N ALA A 267 -32.02 2.14 14.01
CA ALA A 267 -32.58 0.82 13.83
C ALA A 267 -33.70 0.55 14.83
N ALA A 268 -33.48 0.92 16.09
CA ALA A 268 -34.48 0.70 17.12
C ALA A 268 -35.67 1.65 17.00
N ALA A 269 -35.45 2.84 16.47
CA ALA A 269 -36.52 3.83 16.34
C ALA A 269 -37.42 3.66 15.12
N LEU A 270 -36.89 3.09 14.05
CA LEU A 270 -37.69 2.93 12.84
C LEU A 270 -38.07 1.47 12.56
N ASP A 271 -39.20 1.27 11.90
CA ASP A 271 -39.61 -0.08 11.53
C ASP A 271 -38.82 -0.44 10.27
N THR A 272 -38.55 0.56 9.43
CA THR A 272 -37.77 0.34 8.22
C THR A 272 -36.41 -0.22 8.59
N PRO A 273 -35.97 -1.27 7.90
CA PRO A 273 -34.65 -1.84 8.24
C PRO A 273 -33.52 -0.87 7.95
N ILE A 274 -32.46 -1.01 8.74
CA ILE A 274 -31.27 -0.18 8.57
C ILE A 274 -30.17 -1.11 8.09
N ALA A 275 -29.37 -0.65 7.13
CA ALA A 275 -28.30 -1.47 6.59
C ALA A 275 -26.97 -0.69 6.59
N THR A 276 -25.86 -1.40 6.85
CA THR A 276 -24.56 -0.74 6.85
C THR A 276 -23.40 -1.74 6.90
N GLY A 277 -22.18 -1.26 6.71
CA GLY A 277 -21.02 -2.13 6.78
C GLY A 277 -20.09 -2.22 5.58
N GLU A 278 -20.54 -1.77 4.43
CA GLU A 278 -19.70 -1.85 3.23
C GLU A 278 -18.30 -1.25 3.38
N MET A 279 -18.18 -0.20 4.19
CA MET A 279 -16.89 0.47 4.37
C MET A 279 -15.95 -0.20 5.36
N LEU A 280 -16.45 -1.14 6.14
CA LEU A 280 -15.63 -1.82 7.13
C LEU A 280 -14.57 -2.69 6.46
N THR A 281 -13.39 -2.76 7.08
CA THR A 281 -12.29 -3.51 6.48
C THR A 281 -11.73 -4.67 7.31
N SER A 282 -12.59 -5.40 8.00
CA SER A 282 -12.15 -6.55 8.79
C SER A 282 -13.29 -7.17 9.57
N PHE A 283 -13.07 -8.40 10.02
CA PHE A 283 -14.05 -9.09 10.83
C PHE A 283 -14.26 -8.26 12.11
N ARG A 284 -13.17 -7.87 12.75
CA ARG A 284 -13.21 -7.08 13.99
C ARG A 284 -14.16 -5.89 13.87
N GLU A 285 -13.98 -5.11 12.81
CA GLU A 285 -14.83 -3.94 12.59
C GLU A 285 -16.30 -4.34 12.48
N HIS A 286 -16.60 -5.38 11.71
CA HIS A 286 -17.99 -5.81 11.59
C HIS A 286 -18.52 -6.32 12.92
N GLU A 287 -17.65 -6.97 13.70
CA GLU A 287 -18.05 -7.52 14.98
C GLU A 287 -18.50 -6.41 15.93
N GLN A 288 -17.76 -5.31 15.93
CA GLN A 288 -18.12 -4.19 16.79
C GLN A 288 -19.50 -3.64 16.42
N LEU A 289 -19.80 -3.56 15.14
CA LEU A 289 -21.10 -3.06 14.74
C LEU A 289 -22.22 -4.06 15.06
N ILE A 290 -21.95 -5.35 14.87
CA ILE A 290 -22.96 -6.35 15.14
C ILE A 290 -23.24 -6.48 16.65
N LEU A 291 -22.19 -6.48 17.46
CA LEU A 291 -22.40 -6.57 18.91
C LEU A 291 -23.15 -5.33 19.39
N GLY A 292 -22.99 -4.24 18.66
CA GLY A 292 -23.66 -3.00 19.01
C GLY A 292 -25.04 -2.86 18.40
N ASN A 293 -25.51 -3.90 17.73
CA ASN A 293 -26.84 -3.88 17.13
C ASN A 293 -27.05 -2.69 16.19
N ALA A 294 -26.04 -2.37 15.41
CA ALA A 294 -26.10 -1.24 14.49
C ALA A 294 -27.12 -1.37 13.36
N SER A 295 -27.33 -2.58 12.83
CA SER A 295 -28.24 -2.71 11.71
C SER A 295 -28.95 -4.05 11.54
N ASP A 296 -30.06 -4.00 10.81
CA ASP A 296 -30.88 -5.16 10.50
C ASP A 296 -30.25 -5.95 9.36
N PHE A 297 -29.58 -5.24 8.45
CA PHE A 297 -28.90 -5.89 7.33
C PHE A 297 -27.41 -5.62 7.52
N VAL A 298 -26.63 -6.69 7.43
CA VAL A 298 -25.18 -6.57 7.54
C VAL A 298 -24.69 -6.64 6.10
N GLN A 299 -23.85 -5.67 5.73
CA GLN A 299 -23.34 -5.57 4.36
C GLN A 299 -21.83 -5.67 4.25
N PRO A 300 -21.28 -6.89 4.37
CA PRO A 300 -19.83 -7.05 4.27
C PRO A 300 -19.41 -6.98 2.80
N ASP A 301 -18.11 -6.81 2.57
CA ASP A 301 -17.54 -6.71 1.23
C ASP A 301 -16.29 -7.60 1.31
N ALA A 302 -16.34 -8.76 0.68
CA ALA A 302 -15.21 -9.70 0.74
C ALA A 302 -13.86 -9.03 0.43
N PRO A 303 -13.78 -8.31 -0.70
CA PRO A 303 -12.50 -7.67 -1.02
C PRO A 303 -12.05 -6.72 0.08
N ARG A 304 -12.99 -5.91 0.58
CA ARG A 304 -12.69 -4.95 1.63
C ARG A 304 -12.27 -5.51 2.98
N VAL A 305 -12.89 -6.63 3.39
CA VAL A 305 -12.59 -7.21 4.70
C VAL A 305 -11.43 -8.21 4.75
N GLY A 306 -10.80 -8.45 3.61
CA GLY A 306 -9.68 -9.38 3.60
C GLY A 306 -9.93 -10.68 2.86
N GLY A 307 -11.04 -10.76 2.13
CA GLY A 307 -11.32 -11.97 1.37
C GLY A 307 -12.51 -12.83 1.81
N ILE A 308 -12.62 -14.01 1.21
CA ILE A 308 -13.69 -14.93 1.54
C ILE A 308 -13.57 -15.50 2.94
N SER A 309 -12.35 -15.86 3.35
CA SER A 309 -12.13 -16.43 4.67
C SER A 309 -12.74 -15.55 5.79
N PRO A 310 -12.33 -14.28 5.87
CA PRO A 310 -12.94 -13.47 6.95
C PRO A 310 -14.43 -13.26 6.72
N PHE A 311 -14.83 -13.12 5.45
CA PHE A 311 -16.24 -12.90 5.12
C PHE A 311 -17.12 -14.03 5.66
N LEU A 312 -16.61 -15.25 5.61
CA LEU A 312 -17.36 -16.40 6.12
C LEU A 312 -17.63 -16.23 7.63
N LYS A 313 -16.61 -15.78 8.37
CA LYS A 313 -16.73 -15.56 9.80
C LYS A 313 -17.78 -14.47 10.08
N ILE A 314 -17.78 -13.42 9.26
CA ILE A 314 -18.72 -12.34 9.42
C ILE A 314 -20.14 -12.86 9.19
N MET A 315 -20.29 -13.70 8.18
CA MET A 315 -21.60 -14.28 7.87
C MET A 315 -22.15 -15.04 9.07
N ASP A 316 -21.32 -15.90 9.67
CA ASP A 316 -21.78 -16.69 10.80
C ASP A 316 -22.18 -15.80 11.97
N LEU A 317 -21.40 -14.73 12.22
CA LEU A 317 -21.72 -13.83 13.32
C LEU A 317 -23.07 -13.19 13.06
N ALA A 318 -23.23 -12.62 11.87
CA ALA A 318 -24.46 -11.98 11.48
C ALA A 318 -25.66 -12.92 11.69
N ALA A 319 -25.55 -14.13 11.16
CA ALA A 319 -26.61 -15.13 11.27
C ALA A 319 -26.94 -15.40 12.72
N LYS A 320 -25.93 -15.57 13.56
CA LYS A 320 -26.13 -15.83 14.97
C LYS A 320 -26.96 -14.70 15.61
N HIS A 321 -26.76 -13.47 15.14
CA HIS A 321 -27.50 -12.33 15.66
C HIS A 321 -28.80 -12.08 14.89
N GLY A 322 -29.20 -13.07 14.10
CA GLY A 322 -30.43 -12.97 13.32
C GLY A 322 -30.55 -11.87 12.28
N ARG A 323 -29.42 -11.40 11.76
CA ARG A 323 -29.46 -10.34 10.75
C ARG A 323 -29.50 -10.87 9.30
N LYS A 324 -30.02 -10.06 8.39
CA LYS A 324 -30.10 -10.42 6.98
C LYS A 324 -28.76 -10.02 6.36
N LEU A 325 -28.42 -10.60 5.21
CA LEU A 325 -27.16 -10.30 4.55
C LEU A 325 -27.40 -9.64 3.20
N ALA A 326 -26.68 -8.56 2.94
CA ALA A 326 -26.77 -7.86 1.67
C ALA A 326 -25.35 -7.37 1.36
N PRO A 327 -24.52 -8.26 0.79
CA PRO A 327 -23.13 -7.95 0.45
C PRO A 327 -23.04 -6.74 -0.46
N HIS A 328 -21.96 -5.99 -0.35
CA HIS A 328 -21.77 -4.79 -1.18
C HIS A 328 -20.88 -4.98 -2.41
N PHE A 329 -21.37 -4.53 -3.55
CA PHE A 329 -20.59 -4.59 -4.79
C PHE A 329 -20.14 -6.01 -5.13
N ALA A 330 -19.06 -6.12 -5.91
CA ALA A 330 -18.48 -7.39 -6.34
C ALA A 330 -19.43 -8.58 -6.38
N MET A 331 -20.52 -8.44 -7.15
CA MET A 331 -21.49 -9.52 -7.23
C MET A 331 -20.85 -10.81 -7.77
N GLU A 332 -19.81 -10.67 -8.58
CA GLU A 332 -19.13 -11.84 -9.16
C GLU A 332 -18.62 -12.76 -8.05
N VAL A 333 -18.37 -12.21 -6.87
CA VAL A 333 -17.90 -13.01 -5.75
C VAL A 333 -19.04 -13.23 -4.75
N HIS A 334 -19.73 -12.15 -4.41
CA HIS A 334 -20.82 -12.20 -3.44
C HIS A 334 -22.00 -13.09 -3.79
N LEU A 335 -22.19 -13.39 -5.07
CA LEU A 335 -23.26 -14.27 -5.50
C LEU A 335 -23.14 -15.60 -4.78
N HIS A 336 -21.91 -16.12 -4.74
CA HIS A 336 -21.61 -17.40 -4.11
C HIS A 336 -21.74 -17.36 -2.60
N LEU A 337 -21.24 -16.30 -1.99
CA LEU A 337 -21.30 -16.15 -0.53
C LEU A 337 -22.75 -15.99 -0.05
N SER A 338 -23.51 -15.11 -0.69
CA SER A 338 -24.89 -14.91 -0.27
C SER A 338 -25.73 -16.18 -0.55
N ALA A 339 -25.34 -16.96 -1.56
CA ALA A 339 -26.07 -18.19 -1.87
C ALA A 339 -25.89 -19.16 -0.70
N ALA A 340 -24.77 -19.00 0.00
CA ALA A 340 -24.46 -19.84 1.15
C ALA A 340 -25.05 -19.34 2.48
N TYR A 341 -25.59 -18.12 2.48
CA TYR A 341 -26.17 -17.58 3.73
C TYR A 341 -27.52 -18.26 4.07
N PRO A 342 -27.72 -18.62 5.34
CA PRO A 342 -28.95 -19.27 5.80
C PRO A 342 -30.25 -18.46 5.63
N LEU A 343 -30.19 -17.15 5.84
CA LEU A 343 -31.41 -16.33 5.68
C LEU A 343 -31.43 -15.72 4.27
N GLU A 344 -32.63 -15.43 3.76
CA GLU A 344 -32.77 -14.88 2.41
C GLU A 344 -31.99 -13.55 2.26
N PRO A 345 -30.97 -13.54 1.39
CA PRO A 345 -30.13 -12.35 1.17
C PRO A 345 -30.48 -11.55 -0.07
N TRP A 346 -29.70 -10.50 -0.30
CA TRP A 346 -29.86 -9.63 -1.47
C TRP A 346 -28.49 -9.48 -2.11
N LEU A 347 -28.45 -9.37 -3.42
CA LEU A 347 -27.21 -9.21 -4.16
C LEU A 347 -27.25 -7.85 -4.84
N GLU A 348 -26.15 -7.12 -4.80
CA GLU A 348 -26.09 -5.79 -5.41
C GLU A 348 -25.52 -5.83 -6.83
N HIS A 349 -26.23 -5.22 -7.77
CA HIS A 349 -25.79 -5.21 -9.16
C HIS A 349 -25.21 -3.89 -9.69
N PHE A 350 -24.10 -4.04 -10.41
CA PHE A 350 -23.39 -2.96 -11.08
C PHE A 350 -22.94 -3.69 -12.35
N GLU A 351 -22.86 -2.98 -13.49
CA GLU A 351 -22.41 -3.63 -14.72
C GLU A 351 -20.93 -3.34 -14.94
N TRP A 352 -20.39 -2.45 -14.10
CA TRP A 352 -18.99 -2.03 -14.18
C TRP A 352 -17.93 -3.09 -14.43
N LEU A 353 -18.01 -4.22 -13.72
CA LEU A 353 -17.00 -5.25 -13.86
C LEU A 353 -17.25 -6.27 -14.97
N ASN A 354 -18.39 -6.18 -15.64
CA ASN A 354 -18.72 -7.13 -16.72
C ASN A 354 -17.59 -7.31 -17.75
N PRO A 355 -16.98 -6.21 -18.23
CA PRO A 355 -15.90 -6.26 -19.22
C PRO A 355 -14.64 -7.01 -18.79
N LEU A 356 -14.44 -7.21 -17.49
CA LEU A 356 -13.26 -7.91 -17.00
C LEU A 356 -13.29 -9.41 -17.25
N PHE A 357 -14.48 -9.96 -17.44
CA PHE A 357 -14.60 -11.40 -17.61
C PHE A 357 -15.25 -11.81 -18.92
N ASN A 358 -14.97 -13.03 -19.34
CA ASN A 358 -15.55 -13.55 -20.56
C ASN A 358 -16.97 -14.02 -20.37
N GLU A 359 -17.32 -14.40 -19.14
CA GLU A 359 -18.66 -14.89 -18.84
C GLU A 359 -19.53 -13.86 -18.12
N GLN A 360 -20.82 -13.89 -18.41
CA GLN A 360 -21.76 -12.97 -17.78
C GLN A 360 -22.76 -13.76 -16.94
N LEU A 361 -23.18 -13.18 -15.81
CA LEU A 361 -24.15 -13.82 -14.92
C LEU A 361 -25.55 -13.67 -15.50
N GLU A 362 -26.39 -14.67 -15.26
CA GLU A 362 -27.75 -14.63 -15.75
C GLU A 362 -28.70 -13.95 -14.73
N LEU A 363 -29.27 -12.82 -15.14
CA LEU A 363 -30.23 -12.11 -14.29
C LEU A 363 -31.60 -12.39 -14.86
N ARG A 364 -32.47 -13.01 -14.08
CA ARG A 364 -33.79 -13.33 -14.56
C ARG A 364 -34.84 -13.44 -13.48
N ASP A 365 -36.00 -12.88 -13.76
CA ASP A 365 -37.13 -12.93 -12.84
C ASP A 365 -36.74 -12.39 -11.46
N GLY A 366 -35.99 -11.29 -11.45
CA GLY A 366 -35.58 -10.66 -10.21
C GLY A 366 -34.43 -11.30 -9.45
N ARG A 367 -33.88 -12.39 -9.98
CA ARG A 367 -32.80 -13.09 -9.30
C ARG A 367 -31.60 -13.36 -10.19
N MET A 368 -30.42 -13.47 -9.57
CA MET A 368 -29.18 -13.75 -10.28
C MET A 368 -28.95 -15.24 -10.03
N TRP A 369 -28.77 -16.01 -11.12
CA TRP A 369 -28.59 -17.44 -11.00
C TRP A 369 -27.15 -17.90 -11.01
N ILE A 370 -26.85 -18.90 -10.17
CA ILE A 370 -25.50 -19.44 -10.08
C ILE A 370 -25.32 -20.40 -11.26
N SER A 371 -24.33 -20.14 -12.11
CA SER A 371 -24.08 -21.00 -13.25
C SER A 371 -23.42 -22.28 -12.79
N ASP A 372 -23.24 -23.23 -13.71
CA ASP A 372 -22.62 -24.50 -13.37
C ASP A 372 -21.09 -24.42 -13.47
N ARG A 373 -20.57 -23.25 -13.84
CA ARG A 373 -19.12 -23.08 -13.95
C ARG A 373 -18.46 -23.21 -12.57
N HIS A 374 -17.27 -23.80 -12.54
CA HIS A 374 -16.54 -24.04 -11.29
C HIS A 374 -15.89 -22.82 -10.63
N GLY A 375 -15.70 -22.91 -9.31
CA GLY A 375 -15.13 -21.80 -8.57
C GLY A 375 -16.00 -20.59 -8.73
N LEU A 376 -15.38 -19.42 -8.93
CA LEU A 376 -16.13 -18.18 -9.12
C LEU A 376 -16.91 -18.23 -10.42
N GLY A 377 -16.42 -19.03 -11.37
CA GLY A 377 -17.09 -19.16 -12.65
C GLY A 377 -16.78 -18.05 -13.64
N PHE A 378 -15.58 -17.48 -13.52
CA PHE A 378 -15.17 -16.38 -14.41
C PHE A 378 -13.74 -16.58 -14.88
N THR A 379 -13.45 -16.09 -16.09
CA THR A 379 -12.10 -16.14 -16.64
C THR A 379 -11.78 -14.72 -17.07
N LEU A 380 -10.55 -14.30 -16.89
CA LEU A 380 -10.14 -12.95 -17.26
C LEU A 380 -10.24 -12.69 -18.76
N SER A 381 -10.82 -11.55 -19.12
CA SER A 381 -10.99 -11.19 -20.52
C SER A 381 -9.75 -10.50 -21.06
N GLU A 382 -9.69 -10.35 -22.37
CA GLU A 382 -8.57 -9.68 -23.01
C GLU A 382 -8.60 -8.23 -22.57
N GLN A 383 -9.80 -7.70 -22.37
CA GLN A 383 -9.96 -6.32 -21.94
C GLN A 383 -9.30 -6.10 -20.58
N ALA A 384 -9.38 -7.10 -19.71
CA ALA A 384 -8.77 -7.01 -18.39
C ALA A 384 -7.26 -6.86 -18.54
N ARG A 385 -6.70 -7.54 -19.53
CA ARG A 385 -5.26 -7.48 -19.76
C ARG A 385 -4.91 -6.10 -20.34
N ARG A 386 -5.75 -5.60 -21.23
CA ARG A 386 -5.54 -4.29 -21.83
C ARG A 386 -5.57 -3.19 -20.77
N TRP A 387 -6.45 -3.33 -19.77
CA TRP A 387 -6.55 -2.34 -18.72
C TRP A 387 -5.53 -2.53 -17.60
N THR A 388 -4.68 -3.55 -17.73
CA THR A 388 -3.67 -3.80 -16.70
C THR A 388 -2.55 -2.77 -16.85
N GLN A 389 -2.19 -2.11 -15.76
CA GLN A 389 -1.12 -1.12 -15.81
C GLN A 389 0.20 -1.63 -15.23
N LEU A 390 0.13 -2.47 -14.20
CA LEU A 390 1.31 -3.03 -13.58
C LEU A 390 1.08 -4.52 -13.38
N THR A 391 2.16 -5.30 -13.43
CA THR A 391 2.03 -6.73 -13.22
C THR A 391 3.36 -7.28 -12.77
N CYS A 392 3.33 -8.43 -12.10
CA CYS A 392 4.55 -9.08 -11.64
C CYS A 392 4.26 -10.55 -11.45
N GLU A 393 5.30 -11.36 -11.45
CA GLU A 393 5.14 -12.80 -11.29
C GLU A 393 6.16 -13.39 -10.33
N PHE A 394 5.82 -14.54 -9.77
CA PHE A 394 6.69 -15.25 -8.84
C PHE A 394 6.64 -16.73 -9.18
N GLY A 395 7.76 -17.42 -9.03
CA GLY A 395 7.82 -18.83 -9.33
C GLY A 395 7.88 -19.09 -10.83
N LYS A 396 7.38 -20.25 -11.26
CA LYS A 396 7.40 -20.60 -12.67
C LYS A 396 6.15 -21.39 -13.03
N ARG A 397 5.51 -21.00 -14.14
CA ARG A 397 4.31 -21.70 -14.57
C ARG A 397 4.55 -23.20 -14.66
N PRO A 398 3.66 -24.00 -14.05
CA PRO A 398 3.81 -25.46 -14.06
C PRO A 398 3.78 -26.02 -15.48
N SER B 4 -24.12 50.73 28.98
CA SER B 4 -24.86 49.44 29.14
C SER B 4 -24.43 48.39 28.11
N ALA B 5 -24.35 47.15 28.58
CA ALA B 5 -23.96 46.03 27.75
C ALA B 5 -25.18 45.43 27.04
N ASN B 6 -26.37 45.88 27.41
CA ASN B 6 -27.60 45.38 26.80
C ASN B 6 -28.70 46.44 26.81
N SER B 7 -29.86 46.11 26.26
CA SER B 7 -31.00 47.02 26.20
C SER B 7 -32.29 46.23 26.24
N ASP B 8 -33.40 46.89 25.99
CA ASP B 8 -34.71 46.22 25.99
C ASP B 8 -34.89 45.37 24.74
N ALA B 9 -34.14 45.69 23.69
CA ALA B 9 -34.23 44.93 22.45
C ALA B 9 -32.93 44.13 22.33
N VAL B 10 -32.32 44.17 21.16
CA VAL B 10 -31.06 43.48 20.94
C VAL B 10 -30.24 44.31 19.97
N THR B 11 -28.92 44.33 20.14
CA THR B 11 -28.07 45.10 19.24
C THR B 11 -26.90 44.25 18.76
N TYR B 12 -26.28 44.66 17.67
CA TYR B 12 -25.16 43.91 17.11
C TYR B 12 -23.94 44.77 16.83
N ALA B 13 -22.77 44.24 17.22
CA ALA B 13 -21.50 44.91 17.01
C ALA B 13 -21.03 44.62 15.58
N LYS B 14 -20.36 45.59 14.96
CA LYS B 14 -19.87 45.44 13.59
C LYS B 14 -18.35 45.31 13.60
N ALA B 15 -17.81 44.46 12.73
CA ALA B 15 -16.38 44.22 12.65
C ALA B 15 -15.58 45.22 11.81
N ALA B 16 -14.90 46.14 12.49
CA ALA B 16 -14.09 47.15 11.79
C ALA B 16 -13.12 46.46 10.82
N ASN B 17 -12.55 45.35 11.25
CA ASN B 17 -11.63 44.58 10.44
C ASN B 17 -12.24 43.20 10.18
N THR B 18 -12.71 42.99 8.95
CA THR B 18 -13.30 41.73 8.56
C THR B 18 -12.30 40.83 7.85
N ARG B 19 -11.02 41.17 7.95
CA ARG B 19 -9.96 40.36 7.35
C ARG B 19 -10.15 39.00 8.00
N THR B 20 -10.24 37.94 7.19
CA THR B 20 -10.46 36.62 7.79
C THR B 20 -9.26 35.69 7.86
N ALA B 21 -9.35 34.73 8.77
CA ALA B 21 -8.31 33.73 8.96
C ALA B 21 -8.20 32.86 7.71
N ALA B 22 -9.32 32.68 7.02
CA ALA B 22 -9.36 31.88 5.80
C ALA B 22 -8.54 32.50 4.68
N GLU B 23 -8.70 33.80 4.47
CA GLU B 23 -7.98 34.49 3.40
C GLU B 23 -6.51 34.80 3.68
N THR B 24 -6.10 34.76 4.95
CA THR B 24 -4.72 35.09 5.28
C THR B 24 -3.83 33.90 5.66
N GLY B 25 -4.45 32.74 5.90
CA GLY B 25 -3.68 31.57 6.29
C GLY B 25 -2.62 31.10 5.32
N ASP B 26 -1.62 30.39 5.86
CA ASP B 26 -0.54 29.84 5.07
C ASP B 26 -1.12 28.75 4.15
N ARG B 27 -0.34 28.29 3.18
CA ARG B 27 -0.78 27.27 2.23
C ARG B 27 0.37 26.32 1.88
N ILE B 28 0.05 25.03 1.76
CA ILE B 28 1.06 24.04 1.39
C ILE B 28 1.30 24.19 -0.10
N GLU B 29 2.56 24.24 -0.53
CA GLU B 29 2.84 24.39 -1.97
C GLU B 29 3.73 23.30 -2.53
N TRP B 30 4.38 22.55 -1.66
CA TRP B 30 5.27 21.49 -2.11
C TRP B 30 5.27 20.33 -1.13
N VAL B 31 5.42 19.12 -1.66
CA VAL B 31 5.47 17.92 -0.85
C VAL B 31 6.41 16.92 -1.52
N LYS B 32 7.27 16.30 -0.73
CA LYS B 32 8.20 15.30 -1.25
C LYS B 32 8.09 14.04 -0.38
N LEU B 33 7.88 12.89 -1.03
CA LEU B 33 7.78 11.63 -0.30
C LEU B 33 8.97 10.75 -0.67
N SER B 34 9.46 9.99 0.30
CA SER B 34 10.58 9.10 0.04
C SER B 34 10.39 7.76 0.74
N LEU B 35 10.83 6.70 0.06
CA LEU B 35 10.79 5.36 0.63
C LEU B 35 12.26 5.00 0.73
N ALA B 36 12.76 4.86 1.96
CA ALA B 36 14.14 4.51 2.16
C ALA B 36 14.24 3.23 2.94
N PHE B 37 15.39 2.56 2.85
CA PHE B 37 15.59 1.33 3.58
C PHE B 37 16.83 1.41 4.46
N LEU B 38 16.61 1.14 5.74
CA LEU B 38 17.64 1.15 6.77
C LEU B 38 18.20 -0.26 6.88
N PRO B 39 19.43 -0.47 6.40
CA PRO B 39 20.01 -1.82 6.48
C PRO B 39 20.48 -2.18 7.88
N LEU B 40 20.25 -3.45 8.26
CA LEU B 40 20.68 -3.95 9.55
C LEU B 40 21.76 -5.01 9.28
N ALA B 41 23.02 -4.62 9.53
CA ALA B 41 24.17 -5.51 9.31
C ALA B 41 24.01 -6.83 10.04
N THR B 42 23.46 -6.74 11.25
CA THR B 42 23.26 -7.94 12.05
C THR B 42 21.77 -8.30 12.05
N PRO B 43 21.40 -9.39 11.34
CA PRO B 43 20.00 -9.82 11.29
C PRO B 43 19.43 -9.92 12.71
N VAL B 44 18.25 -9.34 12.91
CA VAL B 44 17.61 -9.32 14.22
C VAL B 44 16.50 -10.35 14.42
N SER B 45 16.54 -11.08 15.52
CA SER B 45 15.53 -12.08 15.82
C SER B 45 14.92 -12.01 17.22
N ASP B 46 13.62 -11.76 17.31
CA ASP B 46 12.96 -11.78 18.60
C ASP B 46 12.21 -13.12 18.62
N ALA B 47 11.35 -13.35 19.61
CA ALA B 47 10.66 -14.64 19.69
C ALA B 47 9.84 -15.03 18.46
N LYS B 48 9.39 -14.04 17.67
CA LYS B 48 8.58 -14.31 16.48
C LYS B 48 9.38 -15.14 15.47
N VAL B 49 10.70 -14.99 15.51
CA VAL B 49 11.57 -15.72 14.61
C VAL B 49 11.85 -17.10 15.18
N LEU B 50 12.09 -17.18 16.49
CA LEU B 50 12.39 -18.47 17.09
C LEU B 50 11.20 -19.43 17.12
N THR B 51 9.98 -18.91 16.96
CA THR B 51 8.81 -19.79 16.94
C THR B 51 8.46 -20.12 15.50
N GLY B 52 9.20 -19.54 14.55
CA GLY B 52 8.94 -19.81 13.15
C GLY B 52 7.89 -18.93 12.49
N ARG B 53 7.34 -17.96 13.20
CA ARG B 53 6.33 -17.09 12.61
C ARG B 53 6.92 -16.16 11.54
N GLN B 54 8.18 -15.76 11.72
CA GLN B 54 8.82 -14.85 10.78
C GLN B 54 10.30 -15.16 10.59
N LYS B 55 10.89 -14.49 9.59
CA LYS B 55 12.32 -14.64 9.27
C LYS B 55 13.05 -13.48 9.96
N PRO B 56 14.36 -13.62 10.16
CA PRO B 56 15.10 -12.53 10.81
C PRO B 56 14.90 -11.18 10.09
N LEU B 57 14.93 -10.10 10.85
CA LEU B 57 14.76 -8.74 10.32
C LEU B 57 16.12 -8.26 9.79
N THR B 58 16.19 -7.85 8.53
CA THR B 58 17.45 -7.41 7.96
C THR B 58 17.48 -5.95 7.52
N GLU B 59 16.33 -5.28 7.59
CA GLU B 59 16.26 -3.89 7.20
C GLU B 59 14.96 -3.28 7.70
N VAL B 60 14.88 -1.96 7.66
CA VAL B 60 13.67 -1.27 8.09
C VAL B 60 13.24 -0.26 7.03
N ALA B 61 11.99 -0.36 6.59
CA ALA B 61 11.48 0.58 5.60
C ALA B 61 11.17 1.89 6.33
N ILE B 62 11.55 3.01 5.71
CA ILE B 62 11.29 4.32 6.29
C ILE B 62 10.58 5.16 5.21
N ILE B 63 9.37 5.63 5.51
CA ILE B 63 8.63 6.44 4.55
C ILE B 63 8.66 7.87 5.08
N ILE B 64 9.26 8.76 4.30
CA ILE B 64 9.41 10.14 4.72
C ILE B 64 8.57 11.13 3.95
N ALA B 65 8.07 12.14 4.66
CA ALA B 65 7.30 13.20 4.03
C ALA B 65 7.94 14.53 4.39
N GLU B 66 8.07 15.41 3.41
CA GLU B 66 8.63 16.75 3.62
C GLU B 66 7.60 17.70 3.04
N ILE B 67 7.18 18.68 3.82
CA ILE B 67 6.18 19.64 3.37
C ILE B 67 6.65 21.08 3.50
N ARG B 68 6.42 21.89 2.46
CA ARG B 68 6.83 23.29 2.48
C ARG B 68 5.66 24.21 2.19
N SER B 69 5.54 25.27 3.00
CA SER B 69 4.44 26.21 2.83
C SER B 69 4.85 27.48 2.09
N ARG B 70 3.84 28.16 1.57
CA ARG B 70 4.01 29.40 0.86
C ARG B 70 4.77 30.41 1.70
N ASP B 71 4.42 30.54 2.98
CA ASP B 71 5.08 31.50 3.83
C ASP B 71 6.45 31.12 4.39
N GLY B 72 7.07 30.09 3.83
CA GLY B 72 8.40 29.70 4.25
C GLY B 72 8.61 28.66 5.33
N PHE B 73 7.56 27.98 5.76
CA PHE B 73 7.74 26.96 6.79
C PHE B 73 7.88 25.56 6.18
N GLU B 74 8.57 24.68 6.90
CA GLU B 74 8.77 23.32 6.42
C GLU B 74 8.60 22.33 7.56
N GLY B 75 8.11 21.14 7.22
CA GLY B 75 7.93 20.10 8.23
C GLY B 75 8.41 18.79 7.68
N VAL B 76 8.92 17.93 8.55
CA VAL B 76 9.37 16.62 8.14
C VAL B 76 8.78 15.60 9.11
N GLY B 77 8.45 14.42 8.60
CA GLY B 77 7.89 13.37 9.44
C GLY B 77 8.09 12.03 8.75
N PHE B 78 7.85 10.93 9.46
CA PHE B 78 8.00 9.61 8.86
C PHE B 78 7.23 8.50 9.56
N SER B 79 7.10 7.38 8.86
CA SER B 79 6.49 6.18 9.41
C SER B 79 7.48 5.10 8.94
N TYR B 80 7.21 3.85 9.25
CA TYR B 80 8.15 2.81 8.89
C TYR B 80 7.44 1.48 8.83
N SER B 81 8.21 0.46 8.45
CA SER B 81 7.69 -0.89 8.42
C SER B 81 8.83 -1.86 8.66
N LYS B 82 8.61 -2.79 9.58
CA LYS B 82 9.60 -3.82 9.86
C LYS B 82 9.00 -5.03 9.16
N ARG B 83 9.63 -5.39 8.04
CA ARG B 83 9.20 -6.48 7.16
C ARG B 83 8.21 -5.88 6.17
N ALA B 84 7.46 -6.71 5.45
CA ALA B 84 6.55 -6.18 4.42
C ALA B 84 5.56 -5.12 4.89
N GLY B 85 5.45 -4.06 4.09
CA GLY B 85 4.52 -2.97 4.40
C GLY B 85 4.98 -1.64 3.86
N GLY B 86 6.30 -1.46 3.79
CA GLY B 86 6.86 -0.20 3.31
C GLY B 86 6.45 0.21 1.91
N GLN B 87 6.42 -0.75 0.99
CA GLN B 87 6.04 -0.46 -0.39
C GLN B 87 4.60 0.05 -0.43
N GLY B 88 3.73 -0.58 0.33
CA GLY B 88 2.33 -0.19 0.36
C GLY B 88 2.11 1.15 1.01
N ILE B 89 2.83 1.44 2.08
CA ILE B 89 2.67 2.71 2.76
C ILE B 89 3.09 3.85 1.83
N TYR B 90 4.25 3.69 1.21
CA TYR B 90 4.76 4.71 0.29
C TYR B 90 3.81 4.90 -0.90
N ALA B 91 3.38 3.78 -1.50
CA ALA B 91 2.49 3.84 -2.65
C ALA B 91 1.20 4.59 -2.34
N HIS B 92 0.58 4.31 -1.20
CA HIS B 92 -0.67 5.00 -0.86
C HIS B 92 -0.39 6.47 -0.59
N ALA B 93 0.67 6.75 0.17
CA ALA B 93 1.01 8.15 0.46
C ALA B 93 1.16 8.90 -0.86
N LYS B 94 1.81 8.25 -1.82
CA LYS B 94 2.03 8.86 -3.13
C LYS B 94 0.71 9.10 -3.86
N GLU B 95 -0.23 8.17 -3.72
CA GLU B 95 -1.50 8.31 -4.42
C GLU B 95 -2.41 9.38 -3.79
N ILE B 96 -2.16 9.79 -2.56
CA ILE B 96 -3.03 10.80 -1.94
C ILE B 96 -2.36 12.15 -1.63
N ALA B 97 -1.03 12.18 -1.66
CA ALA B 97 -0.28 13.40 -1.35
C ALA B 97 -0.68 14.70 -2.03
N ASP B 98 -1.06 14.64 -3.30
CA ASP B 98 -1.41 15.89 -3.98
C ASP B 98 -2.62 16.61 -3.36
N ASN B 99 -3.37 15.91 -2.51
CA ASN B 99 -4.52 16.53 -1.84
C ASN B 99 -4.06 17.61 -0.87
N LEU B 100 -2.78 17.56 -0.49
CA LEU B 100 -2.21 18.52 0.45
C LEU B 100 -2.04 19.92 -0.15
N LEU B 101 -1.77 19.97 -1.45
CA LEU B 101 -1.54 21.24 -2.13
C LEU B 101 -2.69 22.21 -1.97
N GLY B 102 -2.38 23.43 -1.53
CA GLY B 102 -3.41 24.43 -1.36
C GLY B 102 -4.12 24.40 -0.03
N GLU B 103 -3.77 23.46 0.85
CA GLU B 103 -4.43 23.39 2.16
C GLU B 103 -3.69 24.25 3.19
N ASP B 104 -4.42 24.74 4.18
CA ASP B 104 -3.82 25.53 5.27
C ASP B 104 -3.19 24.45 6.13
N PRO B 105 -1.85 24.41 6.22
CA PRO B 105 -1.16 23.41 7.02
C PRO B 105 -1.48 23.37 8.51
N ASN B 106 -2.12 24.41 9.04
CA ASN B 106 -2.44 24.43 10.45
C ASN B 106 -3.69 23.61 10.79
N ASP B 107 -4.54 23.36 9.81
CA ASP B 107 -5.76 22.58 10.02
C ASP B 107 -5.44 21.10 9.82
N ILE B 108 -4.60 20.58 10.71
CA ILE B 108 -4.12 19.21 10.67
C ILE B 108 -5.21 18.15 10.65
N ASP B 109 -6.21 18.31 11.51
CA ASP B 109 -7.29 17.36 11.55
C ASP B 109 -8.18 17.44 10.32
N LYS B 110 -8.39 18.66 9.83
CA LYS B 110 -9.20 18.88 8.64
C LYS B 110 -8.51 18.17 7.47
N ILE B 111 -7.20 18.29 7.41
CA ILE B 111 -6.42 17.66 6.35
C ILE B 111 -6.47 16.15 6.48
N TYR B 112 -6.33 15.66 7.70
CA TYR B 112 -6.35 14.23 7.97
C TYR B 112 -7.65 13.65 7.43
N THR B 113 -8.75 14.33 7.74
CA THR B 113 -10.06 13.89 7.28
C THR B 113 -10.18 13.87 5.75
N LYS B 114 -9.59 14.88 5.11
CA LYS B 114 -9.62 14.95 3.66
C LYS B 114 -8.85 13.77 3.07
N LEU B 115 -7.73 13.43 3.69
CA LEU B 115 -6.91 12.32 3.23
C LEU B 115 -7.62 10.98 3.41
N LEU B 116 -8.36 10.84 4.50
CA LEU B 116 -9.11 9.61 4.75
C LEU B 116 -10.20 9.46 3.68
N TRP B 117 -10.89 10.57 3.35
CA TRP B 117 -11.93 10.52 2.33
C TRP B 117 -11.35 10.20 0.95
N ALA B 118 -10.20 10.77 0.64
CA ALA B 118 -9.55 10.51 -0.64
C ALA B 118 -9.20 9.03 -0.76
N GLY B 119 -9.08 8.35 0.38
CA GLY B 119 -8.77 6.92 0.36
C GLY B 119 -9.80 6.12 1.15
N ALA B 120 -11.03 6.57 1.13
CA ALA B 120 -12.10 5.92 1.90
C ALA B 120 -12.21 4.41 1.69
N SER B 121 -11.98 3.96 0.46
CA SER B 121 -12.09 2.56 0.13
C SER B 121 -11.15 1.65 0.94
N VAL B 122 -10.01 2.19 1.37
CA VAL B 122 -9.04 1.36 2.11
C VAL B 122 -9.03 1.50 3.64
N GLY B 123 -10.11 2.02 4.21
CA GLY B 123 -10.21 2.07 5.65
C GLY B 123 -9.70 3.23 6.47
N ARG B 124 -9.87 3.10 7.79
CA ARG B 124 -9.45 4.11 8.75
C ARG B 124 -8.49 3.54 9.78
N SER B 125 -7.81 2.46 9.43
CA SER B 125 -6.85 1.82 10.31
C SER B 125 -5.84 1.12 9.41
N GLY B 126 -4.78 0.59 9.99
CA GLY B 126 -3.80 -0.11 9.19
C GLY B 126 -2.94 0.73 8.26
N MET B 127 -2.47 0.10 7.20
CA MET B 127 -1.59 0.69 6.22
C MET B 127 -1.97 2.07 5.72
N ALA B 128 -3.24 2.28 5.36
CA ALA B 128 -3.67 3.57 4.87
C ALA B 128 -3.38 4.73 5.82
N VAL B 129 -3.62 4.53 7.12
CA VAL B 129 -3.34 5.62 8.07
C VAL B 129 -1.84 5.70 8.33
N GLN B 130 -1.14 4.59 8.09
CA GLN B 130 0.30 4.62 8.29
C GLN B 130 0.95 5.41 7.16
N ALA B 131 0.20 5.59 6.08
CA ALA B 131 0.66 6.36 4.92
C ALA B 131 0.39 7.84 5.22
N ILE B 132 -0.55 8.08 6.11
CA ILE B 132 -0.89 9.45 6.50
C ILE B 132 0.04 9.90 7.64
N SER B 133 0.55 8.95 8.41
CA SER B 133 1.45 9.25 9.53
C SER B 133 2.60 10.22 9.19
N PRO B 134 3.38 9.95 8.13
CA PRO B 134 4.50 10.83 7.77
C PRO B 134 4.02 12.27 7.58
N ILE B 135 2.91 12.40 6.86
CA ILE B 135 2.30 13.69 6.59
C ILE B 135 1.79 14.37 7.87
N ASP B 136 1.02 13.63 8.66
CA ASP B 136 0.47 14.17 9.90
C ASP B 136 1.61 14.65 10.81
N ILE B 137 2.63 13.82 10.94
CA ILE B 137 3.78 14.15 11.77
C ILE B 137 4.53 15.39 11.22
N ALA B 138 4.70 15.45 9.91
CA ALA B 138 5.38 16.59 9.31
C ALA B 138 4.62 17.88 9.60
N LEU B 139 3.29 17.82 9.55
CA LEU B 139 2.49 19.01 9.81
C LEU B 139 2.64 19.46 11.27
N TRP B 140 2.74 18.51 12.21
CA TRP B 140 2.93 18.89 13.61
C TRP B 140 4.33 19.47 13.77
N ASP B 141 5.29 18.86 13.08
CA ASP B 141 6.67 19.32 13.12
C ASP B 141 6.69 20.78 12.65
N MET B 142 5.95 21.06 11.58
CA MET B 142 5.86 22.40 11.02
C MET B 142 5.20 23.38 11.99
N LYS B 143 4.08 23.00 12.58
CA LYS B 143 3.40 23.90 13.50
C LYS B 143 4.29 24.25 14.69
N ALA B 144 5.01 23.27 15.21
CA ALA B 144 5.91 23.52 16.34
C ALA B 144 6.97 24.54 15.90
N LYS B 145 7.55 24.32 14.73
CA LYS B 145 8.57 25.22 14.21
C LYS B 145 7.99 26.62 14.03
N ARG B 146 6.75 26.70 13.53
CA ARG B 146 6.09 27.97 13.34
C ARG B 146 6.02 28.74 14.66
N ALA B 147 5.89 28.00 15.77
CA ALA B 147 5.82 28.63 17.09
C ALA B 147 7.20 28.79 17.71
N GLY B 148 8.22 28.28 17.03
CA GLY B 148 9.58 28.37 17.55
C GLY B 148 9.75 27.52 18.81
N LEU B 149 9.17 26.32 18.81
CA LEU B 149 9.23 25.45 19.98
C LEU B 149 9.48 23.99 19.64
N PRO B 150 10.13 23.28 20.56
CA PRO B 150 10.36 21.85 20.31
C PRO B 150 8.91 21.30 20.32
N LEU B 151 8.64 20.22 19.60
CA LEU B 151 7.27 19.69 19.59
C LEU B 151 6.68 19.48 21.00
N ALA B 152 7.48 18.96 21.92
CA ALA B 152 7.01 18.72 23.29
C ALA B 152 6.45 19.98 23.92
N LYS B 153 7.07 21.12 23.61
CA LYS B 153 6.63 22.39 24.17
C LYS B 153 5.37 22.91 23.48
N LEU B 154 5.22 22.62 22.20
CA LEU B 154 4.02 23.04 21.49
C LEU B 154 2.84 22.28 22.14
N LEU B 155 3.04 20.99 22.39
CA LEU B 155 1.99 20.16 22.99
C LEU B 155 1.81 20.52 24.47
N GLY B 156 2.90 20.95 25.09
CA GLY B 156 2.86 21.27 26.51
C GLY B 156 3.52 20.07 27.20
N ALA B 157 4.64 20.30 27.87
CA ALA B 157 5.34 19.22 28.54
C ALA B 157 5.10 19.17 30.03
N HIS B 158 5.28 17.97 30.59
CA HIS B 158 5.12 17.72 32.01
C HIS B 158 6.50 17.41 32.57
N ARG B 159 7.46 17.20 31.67
CA ARG B 159 8.83 16.90 32.06
C ARG B 159 9.76 17.30 30.91
N ASP B 160 11.01 17.59 31.22
CA ASP B 160 11.96 18.00 30.18
C ASP B 160 12.88 16.88 29.72
N SER B 161 12.66 15.69 30.26
CA SER B 161 13.41 14.51 29.87
C SER B 161 12.57 13.30 30.30
N VAL B 162 12.80 12.15 29.69
CA VAL B 162 12.01 10.97 30.05
C VAL B 162 12.88 9.72 30.25
N GLN B 163 12.52 8.92 31.26
CA GLN B 163 13.22 7.66 31.57
C GLN B 163 13.36 6.88 30.28
N CYS B 164 14.54 6.32 30.05
CA CYS B 164 14.78 5.59 28.81
C CYS B 164 15.41 4.23 29.05
N TYR B 165 14.91 3.23 28.35
CA TYR B 165 15.45 1.88 28.48
C TYR B 165 15.86 1.38 27.11
N ASN B 166 16.83 0.47 27.06
CA ASN B 166 17.28 -0.07 25.79
C ASN B 166 16.66 -1.43 25.44
N THR B 167 16.38 -1.62 24.15
CA THR B 167 15.80 -2.86 23.65
C THR B 167 16.72 -3.59 22.66
N SER B 168 17.46 -2.83 21.86
CA SER B 168 18.33 -3.40 20.83
C SER B 168 19.41 -4.34 21.33
N GLY B 169 19.78 -4.24 22.60
CA GLY B 169 20.82 -5.13 23.11
C GLY B 169 20.30 -6.38 23.80
N GLY B 170 19.00 -6.65 23.72
CA GLY B 170 18.46 -7.82 24.41
C GLY B 170 17.69 -8.79 23.52
N PHE B 171 18.05 -8.87 22.24
CA PHE B 171 17.37 -9.75 21.31
C PHE B 171 17.80 -11.21 21.41
N LEU B 172 16.93 -12.11 20.96
CA LEU B 172 17.17 -13.55 21.05
C LEU B 172 18.24 -14.15 20.13
N HIS B 173 18.70 -13.40 19.14
CA HIS B 173 19.75 -13.93 18.26
C HIS B 173 21.10 -13.67 18.94
N THR B 174 21.07 -12.94 20.05
CA THR B 174 22.28 -12.59 20.80
C THR B 174 22.59 -13.56 21.95
N PRO B 175 23.78 -14.16 21.93
CA PRO B 175 24.17 -15.12 22.99
C PRO B 175 24.16 -14.42 24.35
N LEU B 176 23.80 -15.15 25.39
CA LEU B 176 23.75 -14.58 26.73
C LEU B 176 25.01 -13.78 27.07
N ASP B 177 26.15 -14.33 26.68
CA ASP B 177 27.43 -13.67 26.94
C ASP B 177 27.45 -12.25 26.40
N GLN B 178 27.06 -12.09 25.14
CA GLN B 178 27.02 -10.78 24.49
C GLN B 178 25.95 -9.87 25.11
N VAL B 179 24.84 -10.47 25.53
CA VAL B 179 23.76 -9.69 26.14
C VAL B 179 24.27 -9.03 27.42
N LEU B 180 25.03 -9.79 28.21
CA LEU B 180 25.60 -9.25 29.44
C LEU B 180 26.59 -8.12 29.15
N LYS B 181 27.31 -8.25 28.03
CA LYS B 181 28.24 -7.22 27.61
C LYS B 181 27.44 -5.96 27.21
N ASN B 182 26.32 -6.19 26.52
CA ASN B 182 25.47 -5.08 26.08
C ASN B 182 24.92 -4.31 27.26
N VAL B 183 24.48 -5.04 28.29
CA VAL B 183 23.95 -4.41 29.50
C VAL B 183 24.95 -3.40 30.05
N VAL B 184 26.22 -3.80 30.08
CA VAL B 184 27.28 -2.93 30.58
C VAL B 184 27.46 -1.71 29.68
N ILE B 185 27.57 -1.95 28.37
CA ILE B 185 27.73 -0.85 27.43
C ILE B 185 26.59 0.16 27.58
N SER B 186 25.37 -0.36 27.65
CA SER B 186 24.20 0.50 27.79
C SER B 186 24.19 1.25 29.11
N ARG B 187 24.48 0.53 30.19
CA ARG B 187 24.50 1.14 31.51
C ARG B 187 25.58 2.23 31.60
N GLU B 188 26.76 1.96 31.04
CA GLU B 188 27.83 2.94 31.07
C GLU B 188 27.52 4.15 30.20
N ASN B 189 26.56 4.01 29.28
CA ASN B 189 26.19 5.11 28.41
C ASN B 189 24.99 5.87 28.94
N GLY B 190 24.64 5.59 30.19
CA GLY B 190 23.54 6.29 30.83
C GLY B 190 22.12 5.76 30.65
N ILE B 191 21.96 4.53 30.17
CA ILE B 191 20.62 4.00 29.99
C ILE B 191 19.92 3.89 31.34
N GLY B 192 18.60 4.04 31.34
CA GLY B 192 17.85 3.97 32.59
C GLY B 192 17.15 2.64 32.82
N GLY B 193 17.31 1.70 31.90
CA GLY B 193 16.67 0.41 32.03
C GLY B 193 17.01 -0.55 30.89
N ILE B 194 16.74 -1.83 31.11
CA ILE B 194 17.03 -2.87 30.14
C ILE B 194 15.81 -3.74 29.86
N LYS B 195 15.56 -4.02 28.59
CA LYS B 195 14.45 -4.87 28.21
C LYS B 195 15.06 -6.11 27.55
N LEU B 196 14.63 -7.28 28.01
CA LEU B 196 15.13 -8.54 27.48
C LEU B 196 14.04 -9.25 26.69
N LYS B 197 14.37 -9.70 25.48
CA LYS B 197 13.41 -10.42 24.67
C LYS B 197 13.26 -11.85 25.22
N VAL B 198 12.02 -12.31 25.35
CA VAL B 198 11.76 -13.66 25.82
C VAL B 198 10.66 -14.26 24.95
N GLY B 199 10.14 -15.42 25.35
CA GLY B 199 9.08 -16.04 24.56
C GLY B 199 9.55 -17.08 23.56
N GLN B 200 10.77 -17.58 23.73
CA GLN B 200 11.26 -18.60 22.82
C GLN B 200 10.70 -19.96 23.28
N PRO B 201 10.66 -20.95 22.38
CA PRO B 201 10.15 -22.28 22.72
C PRO B 201 10.73 -22.80 24.03
N ASN B 202 12.05 -22.69 24.18
CA ASN B 202 12.71 -23.17 25.40
C ASN B 202 12.49 -22.18 26.54
N CYS B 203 11.43 -22.39 27.31
CA CYS B 203 11.11 -21.51 28.42
C CYS B 203 12.24 -21.42 29.43
N ALA B 204 12.82 -22.56 29.74
CA ALA B 204 13.91 -22.63 30.71
C ALA B 204 15.08 -21.74 30.31
N GLU B 205 15.37 -21.67 29.02
CA GLU B 205 16.48 -20.86 28.55
C GLU B 205 16.22 -19.38 28.81
N ASP B 206 14.97 -18.95 28.62
CA ASP B 206 14.61 -17.55 28.87
C ASP B 206 14.80 -17.25 30.35
N ILE B 207 14.38 -18.18 31.21
CA ILE B 207 14.53 -17.98 32.64
C ILE B 207 16.00 -17.87 33.00
N ARG B 208 16.82 -18.68 32.34
CA ARG B 208 18.26 -18.68 32.57
C ARG B 208 18.84 -17.31 32.21
N ARG B 209 18.52 -16.84 31.00
CA ARG B 209 19.02 -15.55 30.52
C ARG B 209 18.51 -14.42 31.41
N LEU B 210 17.24 -14.47 31.79
CA LEU B 210 16.65 -13.44 32.63
C LEU B 210 17.30 -13.36 34.01
N THR B 211 17.51 -14.52 34.64
CA THR B 211 18.13 -14.54 35.96
C THR B 211 19.56 -13.97 35.88
N ALA B 212 20.26 -14.29 34.81
CA ALA B 212 21.63 -13.81 34.62
C ALA B 212 21.67 -12.28 34.50
N VAL B 213 20.72 -11.72 33.73
CA VAL B 213 20.67 -10.29 33.53
C VAL B 213 20.35 -9.57 34.83
N ARG B 214 19.37 -10.09 35.58
CA ARG B 214 19.00 -9.47 36.85
C ARG B 214 20.19 -9.53 37.80
N GLU B 215 20.87 -10.66 37.77
CA GLU B 215 22.03 -10.90 38.61
C GLU B 215 23.08 -9.83 38.31
N ALA B 216 23.37 -9.64 37.02
CA ALA B 216 24.36 -8.66 36.59
C ALA B 216 23.96 -7.22 36.88
N LEU B 217 22.67 -6.92 36.75
CA LEU B 217 22.18 -5.57 36.99
C LEU B 217 22.03 -5.19 38.46
N GLY B 218 21.81 -6.19 39.29
CA GLY B 218 21.61 -5.90 40.70
C GLY B 218 20.11 -5.78 40.88
N ASP B 219 19.65 -5.81 42.12
CA ASP B 219 18.24 -5.76 42.43
C ASP B 219 17.44 -4.51 42.03
N GLU B 220 18.08 -3.36 42.02
CA GLU B 220 17.38 -2.11 41.73
C GLU B 220 17.13 -1.69 40.27
N PHE B 221 18.12 -1.89 39.41
CA PHE B 221 17.99 -1.46 38.03
C PHE B 221 16.73 -1.90 37.31
N PRO B 222 16.03 -0.95 36.66
CA PRO B 222 14.81 -1.25 35.92
C PRO B 222 15.03 -2.30 34.84
N LEU B 223 14.28 -3.39 34.94
CA LEU B 223 14.37 -4.49 34.00
C LEU B 223 12.98 -4.88 33.53
N MET B 224 12.85 -5.13 32.23
CA MET B 224 11.57 -5.54 31.67
C MET B 224 11.79 -6.63 30.63
N VAL B 225 10.73 -7.39 30.32
CA VAL B 225 10.82 -8.44 29.32
C VAL B 225 9.76 -8.26 28.25
N ASP B 226 10.01 -8.85 27.09
CA ASP B 226 9.11 -8.73 25.94
C ASP B 226 8.99 -10.07 25.21
N ALA B 227 7.78 -10.63 25.21
CA ALA B 227 7.54 -11.93 24.55
C ALA B 227 7.09 -11.82 23.10
N ASN B 228 6.80 -10.61 22.65
CA ASN B 228 6.37 -10.40 21.26
C ASN B 228 5.25 -11.35 20.83
N GLN B 229 4.25 -11.51 21.70
CA GLN B 229 3.07 -12.35 21.46
C GLN B 229 3.30 -13.84 21.37
N GLN B 230 4.49 -14.31 21.71
CA GLN B 230 4.76 -15.74 21.53
C GLN B 230 4.33 -16.80 22.54
N TRP B 231 3.61 -16.41 23.60
CA TRP B 231 3.16 -17.42 24.55
C TRP B 231 1.67 -17.63 24.41
N ASP B 232 1.18 -18.81 24.80
CA ASP B 232 -0.26 -19.02 24.81
C ASP B 232 -0.63 -18.67 26.25
N ARG B 233 -1.92 -18.60 26.57
CA ARG B 233 -2.33 -18.23 27.91
C ARG B 233 -1.73 -19.11 29.02
N GLU B 234 -1.69 -20.42 28.79
CA GLU B 234 -1.15 -21.36 29.79
C GLU B 234 0.29 -21.00 30.14
N THR B 235 1.11 -20.82 29.12
CA THR B 235 2.51 -20.50 29.33
C THR B 235 2.72 -19.11 29.93
N ALA B 236 1.92 -18.16 29.47
CA ALA B 236 2.01 -16.78 29.94
C ALA B 236 1.88 -16.68 31.47
N ILE B 237 0.83 -17.26 32.02
CA ILE B 237 0.63 -17.19 33.47
C ILE B 237 1.71 -17.98 34.20
N ARG B 238 2.17 -19.07 33.60
CA ARG B 238 3.21 -19.89 34.21
C ARG B 238 4.50 -19.06 34.28
N MET B 239 4.92 -18.50 33.16
CA MET B 239 6.11 -17.66 33.13
C MET B 239 5.92 -16.43 34.01
N GLY B 240 4.71 -15.88 34.00
CA GLY B 240 4.42 -14.71 34.81
C GLY B 240 4.73 -14.98 36.27
N ARG B 241 4.12 -16.04 36.82
CA ARG B 241 4.33 -16.43 38.22
C ARG B 241 5.81 -16.53 38.53
N LYS B 242 6.54 -17.24 37.67
CA LYS B 242 7.96 -17.44 37.84
C LYS B 242 8.83 -16.20 37.74
N MET B 243 8.32 -15.14 37.10
CA MET B 243 9.10 -13.92 36.96
C MET B 243 8.79 -12.85 38.01
N GLU B 244 7.80 -13.11 38.86
CA GLU B 244 7.43 -12.15 39.90
C GLU B 244 8.67 -11.79 40.73
N GLN B 245 9.51 -12.79 40.95
CA GLN B 245 10.72 -12.61 41.75
C GLN B 245 11.72 -11.60 41.20
N PHE B 246 11.67 -11.34 39.89
CA PHE B 246 12.61 -10.39 39.30
C PHE B 246 12.19 -8.94 39.40
N ASN B 247 10.99 -8.71 39.92
CA ASN B 247 10.44 -7.37 40.08
C ASN B 247 10.60 -6.55 38.81
N LEU B 248 10.10 -7.09 37.70
CA LEU B 248 10.19 -6.43 36.41
C LEU B 248 9.29 -5.20 36.36
N ILE B 249 9.69 -4.20 35.57
CA ILE B 249 8.88 -3.00 35.43
C ILE B 249 7.61 -3.42 34.67
N TRP B 250 7.76 -4.40 33.78
CA TRP B 250 6.62 -4.93 33.05
C TRP B 250 6.97 -6.16 32.21
N ILE B 251 5.93 -6.88 31.81
CA ILE B 251 6.04 -8.05 30.94
C ILE B 251 5.26 -7.55 29.73
N GLU B 252 5.92 -7.52 28.57
CA GLU B 252 5.31 -6.98 27.37
C GLU B 252 4.86 -8.02 26.36
N GLU B 253 3.72 -7.74 25.73
CA GLU B 253 3.14 -8.64 24.73
C GLU B 253 3.26 -10.11 25.06
N PRO B 254 2.76 -10.52 26.23
CA PRO B 254 2.84 -11.94 26.58
C PRO B 254 2.01 -12.78 25.62
N LEU B 255 0.94 -12.20 25.08
CA LEU B 255 0.04 -12.90 24.18
C LEU B 255 -0.24 -12.15 22.89
N ASP B 256 -1.01 -12.79 22.02
CA ASP B 256 -1.41 -12.20 20.75
C ASP B 256 -1.91 -10.79 21.04
N ALA B 257 -1.49 -9.84 20.22
CA ALA B 257 -1.85 -8.43 20.39
C ALA B 257 -3.35 -8.19 20.49
N TYR B 258 -4.15 -9.10 19.95
CA TYR B 258 -5.58 -8.93 19.97
C TYR B 258 -6.31 -9.78 21.02
N ASP B 259 -5.55 -10.49 21.84
CA ASP B 259 -6.16 -11.30 22.89
C ASP B 259 -6.42 -10.39 24.10
N ILE B 260 -7.48 -9.58 23.99
CA ILE B 260 -7.84 -8.65 25.03
C ILE B 260 -8.10 -9.28 26.39
N GLU B 261 -9.01 -10.25 26.45
CA GLU B 261 -9.32 -10.89 27.72
C GLU B 261 -8.12 -11.65 28.25
N GLY B 262 -7.30 -12.18 27.34
CA GLY B 262 -6.11 -12.90 27.78
C GLY B 262 -5.20 -11.94 28.54
N HIS B 263 -4.94 -10.77 27.96
CA HIS B 263 -4.09 -9.79 28.60
C HIS B 263 -4.73 -9.33 29.92
N ALA B 264 -6.01 -8.97 29.85
CA ALA B 264 -6.71 -8.51 31.04
C ALA B 264 -6.56 -9.51 32.17
N GLN B 265 -6.70 -10.78 31.83
CA GLN B 265 -6.60 -11.86 32.81
C GLN B 265 -5.21 -11.89 33.45
N LEU B 266 -4.17 -11.77 32.63
CA LEU B 266 -2.80 -11.78 33.17
C LEU B 266 -2.56 -10.55 34.04
N ALA B 267 -3.03 -9.41 33.59
CA ALA B 267 -2.87 -8.16 34.33
C ALA B 267 -3.51 -8.26 35.72
N ALA B 268 -4.72 -8.83 35.78
CA ALA B 268 -5.42 -8.96 37.05
C ALA B 268 -4.80 -10.02 37.96
N ALA B 269 -4.20 -11.05 37.37
CA ALA B 269 -3.60 -12.14 38.14
C ALA B 269 -2.20 -11.87 38.69
N LEU B 270 -1.44 -11.02 38.01
CA LEU B 270 -0.07 -10.75 38.47
C LEU B 270 0.10 -9.34 39.01
N ASP B 271 1.04 -9.18 39.93
CA ASP B 271 1.32 -7.86 40.48
C ASP B 271 2.20 -7.14 39.45
N THR B 272 3.05 -7.91 38.78
CA THR B 272 3.93 -7.35 37.75
C THR B 272 3.07 -6.69 36.68
N PRO B 273 3.43 -5.46 36.28
CA PRO B 273 2.64 -4.79 35.25
C PRO B 273 2.69 -5.52 33.92
N ILE B 274 1.61 -5.38 33.15
CA ILE B 274 1.52 -5.97 31.84
C ILE B 274 1.50 -4.82 30.84
N ALA B 275 2.24 -4.97 29.74
CA ALA B 275 2.30 -3.92 28.73
C ALA B 275 2.00 -4.48 27.34
N THR B 276 1.30 -3.70 26.51
CA THR B 276 0.99 -4.15 25.14
C THR B 276 0.45 -3.01 24.28
N GLY B 277 0.32 -3.26 22.98
CA GLY B 277 -0.23 -2.25 22.09
C GLY B 277 0.60 -1.81 20.89
N GLU B 278 1.89 -2.09 20.90
CA GLU B 278 2.75 -1.66 19.79
C GLU B 278 2.26 -2.08 18.39
N MET B 279 1.61 -3.23 18.30
CA MET B 279 1.15 -3.74 17.00
C MET B 279 -0.17 -3.14 16.53
N LEU B 280 -0.90 -2.46 17.41
CA LEU B 280 -2.17 -1.88 17.03
C LEU B 280 -2.00 -0.75 16.02
N THR B 281 -2.94 -0.62 15.10
CA THR B 281 -2.83 0.38 14.06
C THR B 281 -3.95 1.41 13.97
N SER B 282 -4.43 1.87 15.12
CA SER B 282 -5.47 2.89 15.13
C SER B 282 -5.94 3.20 16.55
N PHE B 283 -6.62 4.32 16.71
CA PHE B 283 -7.18 4.69 17.99
C PHE B 283 -8.20 3.61 18.39
N ARG B 284 -9.08 3.26 17.46
CA ARG B 284 -10.12 2.25 17.69
C ARG B 284 -9.54 0.99 18.32
N GLU B 285 -8.48 0.46 17.70
CA GLU B 285 -7.86 -0.75 18.21
C GLU B 285 -7.35 -0.57 19.64
N HIS B 286 -6.71 0.55 19.91
CA HIS B 286 -6.21 0.80 21.27
C HIS B 286 -7.38 0.96 22.24
N GLU B 287 -8.46 1.56 21.76
CA GLU B 287 -9.62 1.80 22.60
C GLU B 287 -10.22 0.46 23.07
N GLN B 288 -10.29 -0.51 22.17
CA GLN B 288 -10.83 -1.81 22.52
C GLN B 288 -9.98 -2.46 23.61
N LEU B 289 -8.67 -2.34 23.51
CA LEU B 289 -7.82 -2.93 24.54
C LEU B 289 -7.93 -2.19 25.88
N ILE B 290 -8.01 -0.87 25.82
CA ILE B 290 -8.09 -0.09 27.05
C ILE B 290 -9.44 -0.30 27.75
N LEU B 291 -10.54 -0.31 26.99
CA LEU B 291 -11.85 -0.52 27.60
C LEU B 291 -11.90 -1.93 28.20
N GLY B 292 -11.10 -2.82 27.62
CA GLY B 292 -11.04 -4.20 28.11
C GLY B 292 -10.03 -4.41 29.21
N ASN B 293 -9.41 -3.33 29.68
CA ASN B 293 -8.42 -3.43 30.75
C ASN B 293 -7.31 -4.42 30.48
N ALA B 294 -6.84 -4.44 29.23
CA ALA B 294 -5.80 -5.37 28.82
C ALA B 294 -4.42 -5.17 29.49
N SER B 295 -4.04 -3.93 29.76
CA SER B 295 -2.72 -3.70 30.34
C SER B 295 -2.54 -2.47 31.22
N ASP B 296 -1.51 -2.54 32.05
CA ASP B 296 -1.13 -1.47 32.98
C ASP B 296 -0.36 -0.38 32.22
N PHE B 297 0.38 -0.81 31.21
CA PHE B 297 1.14 0.12 30.37
C PHE B 297 0.55 0.06 28.98
N VAL B 298 0.23 1.22 28.42
CA VAL B 298 -0.30 1.30 27.06
C VAL B 298 0.89 1.71 26.21
N GLN B 299 1.13 0.97 25.13
CA GLN B 299 2.25 1.21 24.26
C GLN B 299 1.88 1.55 22.81
N PRO B 300 1.44 2.78 22.57
CA PRO B 300 1.06 3.17 21.21
C PRO B 300 2.33 3.45 20.40
N ASP B 301 2.16 3.52 19.08
CA ASP B 301 3.25 3.76 18.14
C ASP B 301 2.68 4.78 17.17
N ALA B 302 3.11 6.03 17.27
CA ALA B 302 2.58 7.08 16.41
C ALA B 302 2.56 6.69 14.93
N PRO B 303 3.70 6.22 14.40
CA PRO B 303 3.71 5.84 12.98
C PRO B 303 2.67 4.78 12.68
N ARG B 304 2.60 3.76 13.54
CA ARG B 304 1.66 2.66 13.35
C ARG B 304 0.19 3.00 13.45
N VAL B 305 -0.17 3.93 14.35
CA VAL B 305 -1.58 4.28 14.55
C VAL B 305 -2.13 5.40 13.67
N GLY B 306 -1.28 5.96 12.82
CA GLY B 306 -1.77 7.01 11.94
C GLY B 306 -1.18 8.38 12.22
N GLY B 307 -0.17 8.45 13.08
CA GLY B 307 0.46 9.72 13.38
C GLY B 307 0.29 10.29 14.77
N ILE B 308 0.72 11.54 14.94
CA ILE B 308 0.62 12.23 16.22
C ILE B 308 -0.82 12.52 16.60
N SER B 309 -1.63 12.96 15.64
CA SER B 309 -3.03 13.30 15.92
C SER B 309 -3.76 12.14 16.63
N PRO B 310 -3.79 10.94 16.02
CA PRO B 310 -4.49 9.86 16.72
C PRO B 310 -3.79 9.49 18.03
N PHE B 311 -2.46 9.53 18.02
CA PHE B 311 -1.68 9.19 19.21
C PHE B 311 -2.08 10.05 20.41
N LEU B 312 -2.37 11.32 20.15
CA LEU B 312 -2.78 12.23 21.23
C LEU B 312 -4.09 11.74 21.86
N LYS B 313 -5.02 11.29 21.02
CA LYS B 313 -6.30 10.78 21.50
C LYS B 313 -6.09 9.52 22.34
N ILE B 314 -5.17 8.68 21.91
CA ILE B 314 -4.88 7.44 22.64
C ILE B 314 -4.30 7.80 24.01
N MET B 315 -3.42 8.79 24.03
CA MET B 315 -2.82 9.23 25.29
C MET B 315 -3.89 9.65 26.30
N ASP B 316 -4.83 10.48 25.85
CA ASP B 316 -5.87 10.96 26.74
C ASP B 316 -6.72 9.81 27.27
N LEU B 317 -7.03 8.84 26.40
CA LEU B 317 -7.85 7.71 26.82
C LEU B 317 -7.09 6.95 27.89
N ALA B 318 -5.84 6.60 27.59
CA ALA B 318 -4.99 5.87 28.54
C ALA B 318 -4.95 6.57 29.90
N ALA B 319 -4.67 7.86 29.88
CA ALA B 319 -4.59 8.66 31.10
C ALA B 319 -5.90 8.58 31.88
N LYS B 320 -7.02 8.74 31.19
CA LYS B 320 -8.33 8.68 31.83
C LYS B 320 -8.50 7.35 32.56
N HIS B 321 -7.95 6.27 32.00
CA HIS B 321 -8.05 4.97 32.63
C HIS B 321 -6.89 4.68 33.57
N GLY B 322 -6.17 5.75 33.94
CA GLY B 322 -5.05 5.62 34.87
C GLY B 322 -3.88 4.74 34.47
N ARG B 323 -3.67 4.55 33.17
CA ARG B 323 -2.55 3.71 32.71
C ARG B 323 -1.25 4.50 32.46
N LYS B 324 -0.11 3.81 32.54
CA LYS B 324 1.19 4.42 32.29
C LYS B 324 1.40 4.36 30.76
N LEU B 325 2.31 5.18 30.25
CA LEU B 325 2.58 5.21 28.82
C LEU B 325 4.01 4.80 28.55
N ALA B 326 4.21 3.90 27.59
CA ALA B 326 5.53 3.45 27.18
C ALA B 326 5.43 3.25 25.67
N PRO B 327 5.61 4.35 24.90
CA PRO B 327 5.54 4.31 23.44
C PRO B 327 6.55 3.32 22.86
N HIS B 328 6.22 2.73 21.72
CA HIS B 328 7.11 1.76 21.08
C HIS B 328 7.96 2.31 19.96
N PHE B 329 9.26 2.03 20.01
CA PHE B 329 10.19 2.44 18.95
C PHE B 329 10.17 3.95 18.71
N ALA B 330 10.56 4.36 17.50
CA ALA B 330 10.58 5.76 17.06
C ALA B 330 10.74 6.77 18.20
N MET B 331 11.82 6.64 18.96
CA MET B 331 12.04 7.56 20.06
C MET B 331 12.16 9.01 19.57
N GLU B 332 12.63 9.18 18.33
CA GLU B 332 12.78 10.52 17.76
C GLU B 332 11.46 11.28 17.77
N VAL B 333 10.36 10.54 17.75
CA VAL B 333 9.04 11.17 17.78
C VAL B 333 8.42 11.03 19.17
N HIS B 334 8.47 9.81 19.71
CA HIS B 334 7.87 9.52 21.00
C HIS B 334 8.45 10.29 22.19
N LEU B 335 9.67 10.79 22.07
CA LEU B 335 10.28 11.57 23.15
C LEU B 335 9.37 12.75 23.48
N HIS B 336 8.87 13.42 22.44
CA HIS B 336 8.00 14.58 22.58
C HIS B 336 6.62 14.23 23.11
N LEU B 337 6.05 13.15 22.60
CA LEU B 337 4.73 12.71 23.04
C LEU B 337 4.73 12.26 24.49
N SER B 338 5.70 11.43 24.87
CA SER B 338 5.77 10.96 26.24
C SER B 338 6.10 12.12 27.20
N ALA B 339 6.81 13.13 26.71
CA ALA B 339 7.15 14.28 27.54
C ALA B 339 5.85 15.01 27.89
N ALA B 340 4.87 14.87 27.02
CA ALA B 340 3.58 15.52 27.20
C ALA B 340 2.59 14.68 28.03
N TYR B 341 2.92 13.43 28.31
CA TYR B 341 2.02 12.57 29.09
C TYR B 341 2.01 12.97 30.58
N PRO B 342 0.82 13.05 31.20
CA PRO B 342 0.68 13.41 32.62
C PRO B 342 1.35 12.48 33.62
N LEU B 343 1.32 11.17 33.38
CA LEU B 343 1.97 10.23 34.30
C LEU B 343 3.38 9.91 33.82
N GLU B 344 4.28 9.56 34.74
CA GLU B 344 5.67 9.26 34.40
C GLU B 344 5.75 8.12 33.36
N PRO B 345 6.26 8.42 32.16
CA PRO B 345 6.38 7.43 31.08
C PRO B 345 7.77 6.85 30.91
N TRP B 346 7.90 5.96 29.92
CA TRP B 346 9.18 5.35 29.57
C TRP B 346 9.37 5.53 28.07
N LEU B 347 10.62 5.67 27.65
CA LEU B 347 10.95 5.84 26.23
C LEU B 347 11.80 4.65 25.82
N GLU B 348 11.55 4.10 24.65
CA GLU B 348 12.28 2.94 24.17
C GLU B 348 13.43 3.34 23.25
N HIS B 349 14.62 2.81 23.54
CA HIS B 349 15.79 3.14 22.74
C HIS B 349 16.29 2.06 21.78
N PHE B 350 16.61 2.50 20.57
CA PHE B 350 17.18 1.69 19.50
C PHE B 350 18.14 2.70 18.87
N GLU B 351 19.28 2.25 18.35
CA GLU B 351 20.21 3.18 17.71
C GLU B 351 19.99 3.15 16.20
N TRP B 352 19.16 2.21 15.76
CA TRP B 352 18.88 2.01 14.33
C TRP B 352 18.63 3.24 13.47
N LEU B 353 17.84 4.18 13.96
CA LEU B 353 17.51 5.36 13.16
C LEU B 353 18.48 6.53 13.30
N ASN B 354 19.48 6.41 14.16
CA ASN B 354 20.46 7.49 14.36
C ASN B 354 21.05 8.03 13.05
N PRO B 355 21.48 7.15 12.13
CA PRO B 355 22.07 7.55 10.85
C PRO B 355 21.18 8.37 9.92
N LEU B 356 19.86 8.33 10.14
CA LEU B 356 18.94 9.09 9.28
C LEU B 356 18.96 10.59 9.55
N PHE B 357 19.41 10.98 10.72
CA PHE B 357 19.41 12.39 11.08
C PHE B 357 20.79 12.96 11.39
N ASN B 358 20.91 14.27 11.26
CA ASN B 358 22.17 14.93 11.55
C ASN B 358 22.36 15.13 13.05
N GLU B 359 21.27 15.22 13.79
CA GLU B 359 21.33 15.45 15.23
C GLU B 359 21.05 14.18 16.04
N GLN B 360 21.72 14.06 17.19
CA GLN B 360 21.54 12.93 18.05
C GLN B 360 20.94 13.40 19.39
N LEU B 361 20.10 12.55 19.99
CA LEU B 361 19.47 12.86 21.27
C LEU B 361 20.46 12.63 22.39
N GLU B 362 20.35 13.42 23.45
CA GLU B 362 21.24 13.28 24.60
C GLU B 362 20.67 12.30 25.64
N LEU B 363 21.39 11.20 25.84
CA LEU B 363 20.99 10.19 26.83
C LEU B 363 21.91 10.39 28.02
N ARG B 364 21.35 10.69 29.18
CA ARG B 364 22.17 10.92 30.35
C ARG B 364 21.45 10.67 31.65
N ASP B 365 22.16 10.02 32.57
CA ASP B 365 21.63 9.71 33.88
C ASP B 365 20.29 8.97 33.79
N GLY B 366 20.21 8.02 32.87
CA GLY B 366 19.00 7.22 32.71
C GLY B 366 17.85 7.87 31.97
N ARG B 367 18.02 9.12 31.52
CA ARG B 367 16.94 9.81 30.82
C ARG B 367 17.37 10.41 29.49
N MET B 368 16.40 10.56 28.59
CA MET B 368 16.66 11.16 27.28
C MET B 368 16.15 12.60 27.42
N TRP B 369 17.00 13.57 27.11
CA TRP B 369 16.63 14.97 27.25
C TRP B 369 16.13 15.62 25.97
N ILE B 370 15.12 16.47 26.12
CA ILE B 370 14.54 17.17 24.98
C ILE B 370 15.45 18.36 24.67
N SER B 371 15.97 18.41 23.44
CA SER B 371 16.85 19.51 23.06
C SER B 371 16.03 20.76 22.81
N ASP B 372 16.71 21.88 22.59
CA ASP B 372 16.02 23.13 22.34
C ASP B 372 15.65 23.29 20.86
N ARG B 373 15.99 22.31 20.04
CA ARG B 373 15.68 22.36 18.62
C ARG B 373 14.16 22.33 18.41
N HIS B 374 13.69 23.06 17.40
CA HIS B 374 12.26 23.15 17.11
C HIS B 374 11.60 21.93 16.45
N GLY B 375 10.30 21.79 16.66
CA GLY B 375 9.58 20.66 16.10
C GLY B 375 10.17 19.38 16.64
N LEU B 376 10.34 18.38 15.77
CA LEU B 376 10.91 17.10 16.18
C LEU B 376 12.38 17.30 16.57
N GLY B 377 13.01 18.33 16.00
CA GLY B 377 14.40 18.60 16.30
C GLY B 377 15.39 17.75 15.52
N PHE B 378 15.00 17.35 14.31
CA PHE B 378 15.86 16.54 13.47
C PHE B 378 15.84 17.01 12.02
N THR B 379 16.96 16.83 11.33
CA THR B 379 17.05 17.17 9.92
C THR B 379 17.57 15.92 9.22
N LEU B 380 17.09 15.66 8.02
CA LEU B 380 17.50 14.48 7.28
C LEU B 380 18.98 14.50 6.91
N SER B 381 19.65 13.38 7.13
CA SER B 381 21.07 13.28 6.84
C SER B 381 21.30 12.90 5.38
N GLU B 382 22.53 13.01 4.94
CA GLU B 382 22.89 12.66 3.57
C GLU B 382 22.69 11.15 3.43
N GLN B 383 22.94 10.43 4.51
CA GLN B 383 22.79 8.99 4.51
C GLN B 383 21.34 8.60 4.23
N ALA B 384 20.41 9.39 4.73
CA ALA B 384 18.99 9.13 4.52
C ALA B 384 18.69 9.23 3.03
N ARG B 385 19.35 10.18 2.36
CA ARG B 385 19.14 10.36 0.93
C ARG B 385 19.76 9.18 0.18
N ARG B 386 20.93 8.75 0.61
CA ARG B 386 21.62 7.63 -0.01
C ARG B 386 20.78 6.35 0.10
N TRP B 387 20.11 6.17 1.23
CA TRP B 387 19.29 4.99 1.43
C TRP B 387 17.90 5.10 0.81
N THR B 388 17.61 6.24 0.18
CA THR B 388 16.30 6.42 -0.44
C THR B 388 16.24 5.61 -1.75
N GLN B 389 15.19 4.82 -1.91
CA GLN B 389 15.06 4.02 -3.13
C GLN B 389 14.03 4.58 -4.10
N LEU B 390 12.97 5.18 -3.58
CA LEU B 390 11.93 5.77 -4.41
C LEU B 390 11.61 7.14 -3.86
N THR B 391 11.19 8.06 -4.73
CA THR B 391 10.85 9.39 -4.26
C THR B 391 9.94 10.04 -5.28
N CYS B 392 9.16 11.02 -4.84
CA CYS B 392 8.25 11.73 -5.73
C CYS B 392 7.95 13.08 -5.12
N GLU B 393 7.51 14.02 -5.94
CA GLU B 393 7.21 15.35 -5.46
C GLU B 393 5.90 15.88 -6.04
N PHE B 394 5.32 16.85 -5.35
CA PHE B 394 4.07 17.47 -5.76
C PHE B 394 4.20 18.98 -5.53
N GLY B 395 3.61 19.77 -6.42
CA GLY B 395 3.67 21.22 -6.27
C GLY B 395 5.02 21.77 -6.69
N LYS B 396 5.41 22.89 -6.12
CA LYS B 396 6.69 23.52 -6.46
C LYS B 396 7.30 24.18 -5.24
N ARG B 397 8.58 23.93 -5.02
CA ARG B 397 9.28 24.52 -3.87
C ARG B 397 9.05 26.02 -3.83
N PRO B 398 8.64 26.55 -2.67
CA PRO B 398 8.40 27.99 -2.52
C PRO B 398 9.66 28.80 -2.78
N SER C 4 10.88 -63.41 37.39
CA SER C 4 11.23 -64.78 36.91
C SER C 4 10.98 -64.96 35.40
N ALA C 5 12.05 -64.94 34.62
CA ALA C 5 11.94 -65.09 33.18
C ALA C 5 11.70 -66.54 32.75
N ASN C 6 11.86 -67.49 33.66
CA ASN C 6 11.65 -68.90 33.33
C ASN C 6 11.07 -69.68 34.52
N SER C 7 10.84 -70.98 34.33
CA SER C 7 10.29 -71.83 35.38
C SER C 7 10.70 -73.27 35.17
N ASP C 8 10.30 -74.16 36.09
CA ASP C 8 10.64 -75.58 35.98
C ASP C 8 10.03 -76.17 34.71
N ALA C 9 8.86 -75.69 34.33
CA ALA C 9 8.20 -76.16 33.12
C ALA C 9 8.44 -75.10 32.05
N VAL C 10 7.69 -75.19 30.96
CA VAL C 10 7.81 -74.23 29.88
C VAL C 10 6.54 -73.38 29.88
N THR C 11 6.66 -72.10 29.52
CA THR C 11 5.49 -71.23 29.49
C THR C 11 5.37 -70.44 28.19
N TYR C 12 4.12 -70.18 27.79
CA TYR C 12 3.83 -69.45 26.57
C TYR C 12 2.90 -68.26 26.84
N ALA C 13 3.24 -67.10 26.28
CA ALA C 13 2.44 -65.90 26.46
C ALA C 13 1.26 -65.90 25.48
N LYS C 14 0.27 -65.06 25.74
CA LYS C 14 -0.89 -64.95 24.86
C LYS C 14 -0.94 -63.57 24.20
N ARG C 19 -3.43 -59.19 14.41
CA ARG C 19 -3.38 -58.69 13.04
C ARG C 19 -2.01 -59.03 12.43
N THR C 20 -2.00 -59.63 11.23
CA THR C 20 -0.76 -60.05 10.58
C THR C 20 -0.26 -59.15 9.45
N ALA C 21 1.05 -59.27 9.17
CA ALA C 21 1.68 -58.51 8.10
C ALA C 21 1.11 -58.93 6.74
N ALA C 22 0.69 -60.19 6.66
CA ALA C 22 0.12 -60.72 5.43
C ALA C 22 -1.20 -60.07 5.08
N GLU C 23 -2.07 -59.93 6.07
CA GLU C 23 -3.39 -59.34 5.84
C GLU C 23 -3.42 -57.82 5.72
N THR C 24 -2.37 -57.14 6.16
CA THR C 24 -2.35 -55.68 6.10
C THR C 24 -1.44 -55.07 5.05
N GLY C 25 -0.58 -55.88 4.46
CA GLY C 25 0.35 -55.37 3.46
C GLY C 25 -0.27 -54.73 2.22
N ASP C 26 0.50 -53.84 1.60
CA ASP C 26 0.07 -53.17 0.38
C ASP C 26 -0.06 -54.21 -0.74
N ARG C 27 -0.67 -53.83 -1.84
CA ARG C 27 -0.88 -54.73 -2.98
C ARG C 27 -0.72 -54.00 -4.30
N ILE C 28 -0.10 -54.65 -5.28
CA ILE C 28 0.07 -54.04 -6.60
C ILE C 28 -1.28 -54.14 -7.31
N GLU C 29 -1.73 -53.04 -7.92
CA GLU C 29 -3.02 -53.10 -8.60
C GLU C 29 -2.97 -52.69 -10.07
N TRP C 30 -1.87 -52.08 -10.47
CA TRP C 30 -1.73 -51.61 -11.85
C TRP C 30 -0.27 -51.64 -12.26
N VAL C 31 -0.05 -51.98 -13.53
CA VAL C 31 1.28 -52.03 -14.13
C VAL C 31 1.19 -51.57 -15.58
N LYS C 32 2.13 -50.73 -15.98
CA LYS C 32 2.20 -50.23 -17.35
C LYS C 32 3.61 -50.44 -17.89
N LEU C 33 3.71 -51.11 -19.04
CA LEU C 33 5.01 -51.34 -19.66
C LEU C 33 5.11 -50.54 -20.95
N SER C 34 6.30 -50.05 -21.25
CA SER C 34 6.51 -49.28 -22.47
C SER C 34 7.82 -49.62 -23.14
N LEU C 35 7.81 -49.65 -24.47
CA LEU C 35 9.02 -49.89 -25.23
C LEU C 35 9.21 -48.59 -25.97
N ALA C 36 10.26 -47.86 -25.66
CA ALA C 36 10.54 -46.60 -26.32
C ALA C 36 11.89 -46.66 -27.00
N PHE C 37 12.12 -45.77 -27.95
CA PHE C 37 13.39 -45.72 -28.64
C PHE C 37 14.01 -44.34 -28.57
N LEU C 38 15.23 -44.31 -28.08
CA LEU C 38 16.00 -43.09 -27.91
C LEU C 38 16.83 -42.90 -29.18
N PRO C 39 16.46 -41.93 -30.02
CA PRO C 39 17.22 -41.70 -31.25
C PRO C 39 18.57 -41.02 -31.02
N LEU C 40 19.58 -41.47 -31.76
CA LEU C 40 20.91 -40.86 -31.66
C LEU C 40 21.20 -40.20 -33.01
N ALA C 41 21.09 -38.87 -33.04
CA ALA C 41 21.32 -38.09 -34.25
C ALA C 41 22.67 -38.39 -34.88
N THR C 42 23.68 -38.58 -34.03
CA THR C 42 25.01 -38.88 -34.50
C THR C 42 25.31 -40.35 -34.27
N PRO C 43 25.36 -41.16 -35.35
CA PRO C 43 25.65 -42.59 -35.24
C PRO C 43 26.91 -42.80 -34.41
N VAL C 44 26.83 -43.73 -33.45
CA VAL C 44 27.94 -44.00 -32.56
C VAL C 44 28.73 -45.27 -32.89
N SER C 45 30.06 -45.14 -32.93
CA SER C 45 30.91 -46.27 -33.24
C SER C 45 32.09 -46.47 -32.26
N ASP C 46 32.12 -47.63 -31.60
CA ASP C 46 33.26 -47.94 -30.74
C ASP C 46 34.05 -48.97 -31.54
N ALA C 47 35.06 -49.59 -30.95
CA ALA C 47 35.87 -50.56 -31.69
C ALA C 47 35.10 -51.73 -32.33
N LYS C 48 33.95 -52.08 -31.76
CA LYS C 48 33.15 -53.18 -32.30
C LYS C 48 32.71 -52.90 -33.73
N VAL C 49 32.57 -51.62 -34.06
CA VAL C 49 32.16 -51.21 -35.38
C VAL C 49 33.37 -51.16 -36.32
N LEU C 50 34.49 -50.62 -35.82
CA LEU C 50 35.69 -50.52 -36.64
C LEU C 50 36.32 -51.88 -36.97
N THR C 51 35.98 -52.93 -36.22
CA THR C 51 36.52 -54.26 -36.52
C THR C 51 35.52 -55.04 -37.37
N GLY C 52 34.36 -54.42 -37.63
CA GLY C 52 33.34 -55.04 -38.45
C GLY C 52 32.38 -55.98 -37.73
N ARG C 53 32.49 -56.06 -36.40
CA ARG C 53 31.58 -56.93 -35.65
C ARG C 53 30.15 -56.41 -35.64
N GLN C 54 30.00 -55.08 -35.67
CA GLN C 54 28.67 -54.47 -35.64
C GLN C 54 28.58 -53.21 -36.49
N LYS C 55 27.36 -52.71 -36.66
CA LYS C 55 27.08 -51.50 -37.42
C LYS C 55 26.97 -50.37 -36.41
N PRO C 56 27.12 -49.11 -36.87
CA PRO C 56 27.02 -47.99 -35.94
C PRO C 56 25.71 -48.02 -35.16
N LEU C 57 25.74 -47.52 -33.92
CA LEU C 57 24.55 -47.47 -33.07
C LEU C 57 23.78 -46.19 -33.42
N THR C 58 22.49 -46.33 -33.74
CA THR C 58 21.69 -45.16 -34.09
C THR C 58 20.52 -44.88 -33.15
N GLU C 59 20.30 -45.75 -32.19
CA GLU C 59 19.21 -45.56 -31.25
C GLU C 59 19.37 -46.51 -30.07
N VAL C 60 18.62 -46.27 -29.00
CA VAL C 60 18.69 -47.12 -27.83
C VAL C 60 17.27 -47.50 -27.40
N ALA C 61 17.04 -48.80 -27.26
CA ALA C 61 15.73 -49.28 -26.84
C ALA C 61 15.63 -49.06 -25.32
N ILE C 62 14.48 -48.58 -24.87
CA ILE C 62 14.26 -48.34 -23.44
C ILE C 62 12.98 -49.06 -23.06
N ILE C 63 13.06 -50.00 -22.12
CA ILE C 63 11.85 -50.72 -21.68
C ILE C 63 11.51 -50.19 -20.29
N ILE C 64 10.34 -49.58 -20.17
CA ILE C 64 9.92 -48.97 -18.92
C ILE C 64 8.77 -49.70 -18.23
N ALA C 65 8.84 -49.73 -16.89
CA ALA C 65 7.79 -50.35 -16.10
C ALA C 65 7.33 -49.32 -15.07
N GLU C 66 6.02 -49.21 -14.89
CA GLU C 66 5.44 -48.28 -13.93
C GLU C 66 4.48 -49.14 -13.12
N ILE C 67 4.61 -49.10 -11.79
CA ILE C 67 3.79 -49.91 -10.91
C ILE C 67 3.09 -49.06 -9.86
N ARG C 68 1.81 -49.31 -9.65
CA ARG C 68 1.03 -48.57 -8.66
C ARG C 68 0.36 -49.51 -7.69
N SER C 69 0.45 -49.16 -6.41
CA SER C 69 -0.13 -49.99 -5.35
C SER C 69 -1.47 -49.47 -4.84
N ARG C 70 -2.20 -50.35 -4.20
CA ARG C 70 -3.49 -50.05 -3.63
C ARG C 70 -3.40 -48.85 -2.67
N ASP C 71 -2.39 -48.85 -1.81
CA ASP C 71 -2.25 -47.77 -0.84
C ASP C 71 -1.65 -46.46 -1.36
N GLY C 72 -1.59 -46.31 -2.68
CA GLY C 72 -1.12 -45.06 -3.25
C GLY C 72 0.33 -44.85 -3.61
N PHE C 73 1.14 -45.89 -3.57
CA PHE C 73 2.55 -45.75 -3.93
C PHE C 73 2.80 -46.10 -5.38
N GLU C 74 3.83 -45.51 -5.97
CA GLU C 74 4.16 -45.79 -7.36
C GLU C 74 5.66 -45.93 -7.53
N GLY C 75 6.06 -46.78 -8.48
CA GLY C 75 7.48 -46.97 -8.74
C GLY C 75 7.72 -46.99 -10.24
N VAL C 76 8.89 -46.52 -10.65
CA VAL C 76 9.23 -46.52 -12.05
C VAL C 76 10.64 -47.10 -12.17
N GLY C 77 10.87 -47.84 -13.26
CA GLY C 77 12.18 -48.44 -13.48
C GLY C 77 12.34 -48.78 -14.96
N PHE C 78 13.55 -49.12 -15.39
CA PHE C 78 13.76 -49.44 -16.80
C PHE C 78 15.00 -50.27 -17.09
N SER C 79 15.02 -50.85 -18.28
CA SER C 79 16.18 -51.60 -18.75
C SER C 79 16.32 -51.05 -20.17
N TYR C 80 17.28 -51.55 -20.92
CA TYR C 80 17.49 -51.03 -22.27
C TYR C 80 18.20 -52.06 -23.12
N SER C 81 18.40 -51.69 -24.37
CA SER C 81 19.13 -52.53 -25.30
C SER C 81 19.80 -51.67 -26.35
N LYS C 82 21.09 -51.87 -26.55
CA LYS C 82 21.83 -51.14 -27.57
C LYS C 82 21.96 -52.18 -28.68
N ARG C 83 21.17 -51.96 -29.73
CA ARG C 83 21.07 -52.85 -30.89
C ARG C 83 19.97 -53.87 -30.56
N ALA C 84 19.85 -54.95 -31.32
CA ALA C 84 18.79 -55.92 -31.10
C ALA C 84 18.66 -56.47 -29.67
N GLY C 85 17.41 -56.51 -29.19
CA GLY C 85 17.15 -57.02 -27.84
C GLY C 85 15.94 -56.37 -27.20
N GLY C 86 15.70 -55.11 -27.54
CA GLY C 86 14.57 -54.38 -26.97
C GLY C 86 13.20 -54.97 -27.21
N GLN C 87 12.96 -55.49 -28.41
CA GLN C 87 11.66 -56.08 -28.73
C GLN C 87 11.43 -57.30 -27.86
N GLY C 88 12.49 -58.08 -27.68
CA GLY C 88 12.38 -59.29 -26.88
C GLY C 88 12.19 -59.00 -25.40
N ILE C 89 12.91 -58.02 -24.88
CA ILE C 89 12.79 -57.67 -23.47
C ILE C 89 11.36 -57.21 -23.18
N TYR C 90 10.85 -56.31 -24.01
CA TYR C 90 9.49 -55.80 -23.85
C TYR C 90 8.46 -56.92 -23.97
N ALA C 91 8.61 -57.77 -24.99
CA ALA C 91 7.68 -58.87 -25.20
C ALA C 91 7.59 -59.81 -24.00
N HIS C 92 8.73 -60.19 -23.46
CA HIS C 92 8.71 -61.08 -22.30
C HIS C 92 8.12 -60.37 -21.09
N ALA C 93 8.52 -59.13 -20.85
CA ALA C 93 7.99 -58.37 -19.71
C ALA C 93 6.46 -58.36 -19.84
N LYS C 94 5.99 -58.15 -21.05
CA LYS C 94 4.55 -58.11 -21.29
C LYS C 94 3.89 -59.45 -21.00
N GLU C 95 4.56 -60.54 -21.34
CA GLU C 95 3.99 -61.86 -21.13
C GLU C 95 3.98 -62.30 -19.67
N ILE C 96 4.77 -61.66 -18.81
CA ILE C 96 4.81 -62.06 -17.40
C ILE C 96 4.30 -61.01 -16.40
N ALA C 97 4.14 -59.78 -16.85
CA ALA C 97 3.72 -58.67 -15.99
C ALA C 97 2.45 -58.89 -15.15
N ASP C 98 1.44 -59.56 -15.70
CA ASP C 98 0.21 -59.74 -14.93
C ASP C 98 0.41 -60.53 -13.64
N ASN C 99 1.56 -61.21 -13.51
CA ASN C 99 1.87 -61.97 -12.30
C ASN C 99 2.06 -61.04 -11.09
N LEU C 100 2.31 -59.75 -11.37
CA LEU C 100 2.52 -58.75 -10.34
C LEU C 100 1.25 -58.38 -9.59
N LEU C 101 0.11 -58.42 -10.29
CA LEU C 101 -1.16 -58.05 -9.69
C LEU C 101 -1.48 -58.85 -8.43
N GLY C 102 -1.81 -58.14 -7.35
CA GLY C 102 -2.14 -58.82 -6.12
C GLY C 102 -0.95 -59.18 -5.23
N GLU C 103 0.26 -58.86 -5.67
CA GLU C 103 1.44 -59.17 -4.85
C GLU C 103 1.77 -58.01 -3.91
N ASP C 104 2.38 -58.33 -2.77
CA ASP C 104 2.81 -57.31 -1.82
C ASP C 104 4.08 -56.77 -2.47
N PRO C 105 4.08 -55.51 -2.92
CA PRO C 105 5.27 -54.93 -3.56
C PRO C 105 6.56 -54.90 -2.74
N ASN C 106 6.47 -55.09 -1.43
CA ASN C 106 7.67 -55.06 -0.60
C ASN C 106 8.48 -56.36 -0.65
N ASP C 107 7.85 -57.45 -1.04
CA ASP C 107 8.54 -58.75 -1.14
C ASP C 107 9.13 -58.86 -2.54
N ILE C 108 10.12 -58.00 -2.80
CA ILE C 108 10.79 -57.91 -4.07
C ILE C 108 11.42 -59.21 -4.56
N ASP C 109 12.12 -59.89 -3.66
CA ASP C 109 12.74 -61.14 -4.02
C ASP C 109 11.72 -62.24 -4.25
N LYS C 110 10.66 -62.23 -3.46
CA LYS C 110 9.61 -63.23 -3.58
C LYS C 110 8.99 -63.05 -4.97
N ILE C 111 8.77 -61.80 -5.35
CA ILE C 111 8.18 -61.48 -6.65
C ILE C 111 9.12 -61.90 -7.79
N TYR C 112 10.41 -61.59 -7.63
CA TYR C 112 11.41 -61.92 -8.63
C TYR C 112 11.35 -63.42 -8.90
N THR C 113 11.32 -64.20 -7.84
CA THR C 113 11.26 -65.65 -7.95
C THR C 113 10.00 -66.11 -8.68
N LYS C 114 8.88 -65.46 -8.39
CA LYS C 114 7.63 -65.83 -9.05
C LYS C 114 7.72 -65.54 -10.55
N LEU C 115 8.37 -64.44 -10.91
CA LEU C 115 8.53 -64.07 -12.30
C LEU C 115 9.45 -65.03 -13.04
N LEU C 116 10.49 -65.51 -12.36
CA LEU C 116 11.42 -66.47 -12.95
C LEU C 116 10.67 -67.77 -13.20
N TRP C 117 9.84 -68.21 -12.26
CA TRP C 117 9.08 -69.45 -12.43
C TRP C 117 8.08 -69.31 -13.58
N ALA C 118 7.44 -68.14 -13.68
CA ALA C 118 6.47 -67.90 -14.73
C ALA C 118 7.15 -68.01 -16.10
N GLY C 119 8.46 -67.79 -16.14
CA GLY C 119 9.20 -67.90 -17.40
C GLY C 119 10.38 -68.86 -17.27
N ALA C 120 10.18 -69.92 -16.50
CA ALA C 120 11.26 -70.88 -16.26
C ALA C 120 11.91 -71.44 -17.53
N SER C 121 11.11 -71.61 -18.58
CA SER C 121 11.61 -72.15 -19.83
C SER C 121 12.71 -71.32 -20.48
N VAL C 122 12.72 -70.01 -20.21
CA VAL C 122 13.72 -69.14 -20.83
C VAL C 122 14.93 -68.72 -19.97
N GLY C 123 15.19 -69.47 -18.91
CA GLY C 123 16.36 -69.20 -18.10
C GLY C 123 16.38 -68.22 -16.94
N ARG C 124 17.56 -68.09 -16.35
CA ARG C 124 17.78 -67.20 -15.22
C ARG C 124 18.90 -66.21 -15.51
N SER C 125 19.15 -65.96 -16.79
CA SER C 125 20.18 -65.00 -17.20
C SER C 125 19.75 -64.44 -18.54
N GLY C 126 20.46 -63.44 -19.04
CA GLY C 126 20.11 -62.88 -20.33
C GLY C 126 18.83 -62.10 -20.42
N MET C 127 18.26 -62.10 -21.61
CA MET C 127 17.04 -61.36 -21.92
C MET C 127 15.89 -61.46 -20.94
N ALA C 128 15.56 -62.68 -20.51
CA ALA C 128 14.46 -62.89 -19.59
C ALA C 128 14.62 -62.08 -18.28
N VAL C 129 15.83 -62.06 -17.70
CA VAL C 129 16.00 -61.29 -16.48
C VAL C 129 16.07 -59.81 -16.79
N GLN C 130 16.45 -59.47 -18.02
CA GLN C 130 16.51 -58.06 -18.40
C GLN C 130 15.09 -57.53 -18.57
N ALA C 131 14.14 -58.45 -18.69
CA ALA C 131 12.73 -58.11 -18.82
C ALA C 131 12.18 -57.91 -17.40
N ILE C 132 12.87 -58.51 -16.42
CA ILE C 132 12.46 -58.39 -15.03
C ILE C 132 13.08 -57.12 -14.44
N SER C 133 14.22 -56.71 -14.98
CA SER C 133 14.92 -55.52 -14.51
C SER C 133 14.04 -54.28 -14.29
N PRO C 134 13.27 -53.87 -15.31
CA PRO C 134 12.42 -52.67 -15.16
C PRO C 134 11.49 -52.80 -13.95
N ILE C 135 10.90 -53.99 -13.81
CA ILE C 135 9.99 -54.29 -12.71
C ILE C 135 10.72 -54.29 -11.36
N ASP C 136 11.84 -55.00 -11.29
CA ASP C 136 12.62 -55.08 -10.06
C ASP C 136 13.03 -53.68 -9.61
N ILE C 137 13.54 -52.90 -10.56
CA ILE C 137 13.97 -51.54 -10.28
C ILE C 137 12.79 -50.66 -9.82
N ALA C 138 11.64 -50.79 -10.48
CA ALA C 138 10.48 -50.00 -10.11
C ALA C 138 10.07 -50.33 -8.68
N LEU C 139 10.15 -51.60 -8.30
CA LEU C 139 9.79 -51.98 -6.95
C LEU C 139 10.75 -51.37 -5.92
N TRP C 140 12.02 -51.29 -6.25
CA TRP C 140 12.98 -50.69 -5.33
C TRP C 140 12.70 -49.19 -5.26
N ASP C 141 12.39 -48.61 -6.41
CA ASP C 141 12.08 -47.18 -6.50
C ASP C 141 10.89 -46.91 -5.57
N MET C 142 9.90 -47.80 -5.62
CA MET C 142 8.71 -47.67 -4.80
C MET C 142 9.02 -47.79 -3.30
N LYS C 143 9.79 -48.80 -2.93
CA LYS C 143 10.12 -48.99 -1.52
C LYS C 143 10.87 -47.78 -0.97
N ALA C 144 11.79 -47.23 -1.74
CA ALA C 144 12.53 -46.05 -1.31
C ALA C 144 11.56 -44.90 -1.06
N LYS C 145 10.63 -44.70 -2.01
CA LYS C 145 9.65 -43.63 -1.88
C LYS C 145 8.77 -43.88 -0.66
N ARG C 146 8.40 -45.14 -0.43
CA ARG C 146 7.57 -45.47 0.72
C ARG C 146 8.27 -45.02 2.01
N ALA C 147 9.59 -45.06 2.02
CA ALA C 147 10.36 -44.66 3.19
C ALA C 147 10.70 -43.16 3.13
N GLY C 148 10.34 -42.50 2.04
CA GLY C 148 10.64 -41.09 1.90
C GLY C 148 12.14 -40.85 1.81
N LEU C 149 12.83 -41.68 1.04
CA LEU C 149 14.28 -41.56 0.89
C LEU C 149 14.77 -41.78 -0.53
N PRO C 150 15.90 -41.15 -0.88
CA PRO C 150 16.46 -41.35 -2.22
C PRO C 150 16.86 -42.84 -2.14
N LEU C 151 16.90 -43.54 -3.27
CA LEU C 151 17.25 -44.97 -3.22
C LEU C 151 18.56 -45.23 -2.47
N ALA C 152 19.57 -44.41 -2.73
CA ALA C 152 20.87 -44.58 -2.08
C ALA C 152 20.74 -44.62 -0.55
N LYS C 153 19.84 -43.80 -0.01
CA LYS C 153 19.63 -43.77 1.43
C LYS C 153 18.86 -44.98 1.94
N LEU C 154 17.95 -45.51 1.12
CA LEU C 154 17.22 -46.70 1.53
C LEU C 154 18.23 -47.84 1.65
N LEU C 155 19.14 -47.92 0.68
CA LEU C 155 20.15 -48.96 0.66
C LEU C 155 21.20 -48.71 1.73
N GLY C 156 21.45 -47.43 2.01
CA GLY C 156 22.45 -47.04 2.97
C GLY C 156 23.63 -46.56 2.15
N ALA C 157 23.98 -45.29 2.28
CA ALA C 157 25.08 -44.73 1.51
C ALA C 157 26.38 -44.62 2.29
N HIS C 158 27.48 -44.61 1.56
CA HIS C 158 28.82 -44.49 2.11
C HIS C 158 29.36 -43.15 1.67
N ARG C 159 28.66 -42.52 0.72
CA ARG C 159 29.05 -41.21 0.21
C ARG C 159 27.81 -40.52 -0.36
N ASP C 160 27.84 -39.20 -0.43
CA ASP C 160 26.69 -38.46 -0.92
C ASP C 160 26.84 -38.00 -2.37
N SER C 161 27.97 -38.37 -2.97
CA SER C 161 28.24 -38.06 -4.36
C SER C 161 29.32 -39.05 -4.82
N VAL C 162 29.42 -39.27 -6.13
CA VAL C 162 30.43 -40.22 -6.61
C VAL C 162 31.22 -39.68 -7.81
N GLN C 163 32.51 -39.98 -7.82
CA GLN C 163 33.41 -39.57 -8.90
C GLN C 163 32.74 -39.95 -10.21
N CYS C 164 32.79 -39.05 -11.19
CA CYS C 164 32.14 -39.30 -12.46
C CYS C 164 33.05 -38.99 -13.65
N TYR C 165 33.06 -39.90 -14.62
CA TYR C 165 33.87 -39.70 -15.83
C TYR C 165 32.95 -39.78 -17.04
N ASN C 166 33.34 -39.12 -18.13
CA ASN C 166 32.54 -39.13 -19.34
C ASN C 166 33.05 -40.14 -20.39
N THR C 167 32.10 -40.75 -21.09
CA THR C 167 32.41 -41.75 -22.12
C THR C 167 31.93 -41.31 -23.51
N SER C 168 30.78 -40.64 -23.56
CA SER C 168 30.18 -40.21 -24.81
C SER C 168 31.05 -39.31 -25.69
N GLY C 169 32.03 -38.64 -25.12
CA GLY C 169 32.87 -37.77 -25.91
C GLY C 169 34.17 -38.40 -26.38
N GLY C 170 34.32 -39.70 -26.18
CA GLY C 170 35.56 -40.36 -26.60
C GLY C 170 35.40 -41.55 -27.53
N PHE C 171 34.35 -41.53 -28.37
CA PHE C 171 34.12 -42.63 -29.30
C PHE C 171 34.97 -42.56 -30.57
N LEU C 172 35.15 -43.71 -31.20
CA LEU C 172 35.98 -43.85 -32.40
C LEU C 172 35.49 -43.22 -33.70
N HIS C 173 34.22 -42.83 -33.77
CA HIS C 173 33.70 -42.20 -34.97
C HIS C 173 34.02 -40.70 -34.89
N THR C 174 34.57 -40.28 -33.76
CA THR C 174 34.92 -38.89 -33.52
C THR C 174 36.38 -38.57 -33.84
N PRO C 175 36.63 -37.61 -34.73
CA PRO C 175 38.01 -37.23 -35.10
C PRO C 175 38.75 -36.73 -33.87
N LEU C 176 40.05 -36.99 -33.80
CA LEU C 176 40.86 -36.57 -32.66
C LEU C 176 40.62 -35.11 -32.29
N ASP C 177 40.52 -34.26 -33.32
CA ASP C 177 40.28 -32.83 -33.10
C ASP C 177 39.04 -32.58 -32.25
N GLN C 178 37.94 -33.23 -32.61
CA GLN C 178 36.69 -33.08 -31.89
C GLN C 178 36.77 -33.70 -30.49
N VAL C 179 37.52 -34.80 -30.37
CA VAL C 179 37.68 -35.46 -29.07
C VAL C 179 38.34 -34.49 -28.08
N LEU C 180 39.37 -33.78 -28.55
CA LEU C 180 40.07 -32.82 -27.71
C LEU C 180 39.13 -31.69 -27.30
N LYS C 181 38.22 -31.32 -28.20
CA LYS C 181 37.24 -30.29 -27.91
C LYS C 181 36.28 -30.80 -26.86
N ASN C 182 35.90 -32.07 -26.97
CA ASN C 182 34.98 -32.68 -26.01
C ASN C 182 35.59 -32.71 -24.62
N VAL C 183 36.88 -33.05 -24.54
CA VAL C 183 37.57 -33.10 -23.26
C VAL C 183 37.41 -31.77 -22.54
N VAL C 184 37.58 -30.69 -23.27
CA VAL C 184 37.46 -29.34 -22.70
C VAL C 184 36.03 -29.06 -22.26
N ILE C 185 35.06 -29.39 -23.11
CA ILE C 185 33.66 -29.16 -22.76
C ILE C 185 33.32 -29.93 -21.48
N SER C 186 33.72 -31.20 -21.43
CA SER C 186 33.46 -32.04 -20.28
C SER C 186 34.14 -31.52 -19.03
N ARG C 187 35.43 -31.18 -19.17
CA ARG C 187 36.19 -30.69 -18.04
C ARG C 187 35.60 -29.38 -17.50
N GLU C 188 35.19 -28.49 -18.41
CA GLU C 188 34.61 -27.23 -17.98
C GLU C 188 33.24 -27.41 -17.33
N ASN C 189 32.62 -28.56 -17.58
CA ASN C 189 31.30 -28.84 -16.99
C ASN C 189 31.42 -29.63 -15.69
N GLY C 190 32.65 -29.75 -15.19
CA GLY C 190 32.88 -30.45 -13.94
C GLY C 190 33.10 -31.95 -13.96
N ILE C 191 33.41 -32.52 -15.11
CA ILE C 191 33.61 -33.97 -15.18
C ILE C 191 34.85 -34.32 -14.35
N GLY C 192 34.86 -35.51 -13.77
CA GLY C 192 35.99 -35.93 -12.96
C GLY C 192 36.96 -36.86 -13.66
N GLY C 193 36.67 -37.19 -14.92
CA GLY C 193 37.53 -38.09 -15.67
C GLY C 193 37.10 -38.28 -17.11
N ILE C 194 38.00 -38.82 -17.91
CA ILE C 194 37.75 -39.05 -19.33
C ILE C 194 38.07 -40.48 -19.73
N LYS C 195 37.18 -41.09 -20.50
CA LYS C 195 37.41 -42.45 -20.98
C LYS C 195 37.50 -42.35 -22.51
N LEU C 196 38.55 -42.93 -23.07
CA LEU C 196 38.76 -42.91 -24.52
C LEU C 196 38.56 -44.30 -25.10
N LYS C 197 37.78 -44.40 -26.17
CA LYS C 197 37.56 -45.68 -26.82
C LYS C 197 38.79 -46.05 -27.64
N VAL C 198 39.25 -47.29 -27.49
CA VAL C 198 40.40 -47.77 -28.25
C VAL C 198 40.06 -49.16 -28.79
N GLY C 199 41.06 -49.86 -29.34
CA GLY C 199 40.81 -51.19 -29.85
C GLY C 199 40.52 -51.27 -31.33
N GLN C 200 40.84 -50.22 -32.07
CA GLN C 200 40.62 -50.25 -33.51
C GLN C 200 41.77 -51.01 -34.16
N PRO C 201 41.57 -51.50 -35.39
CA PRO C 201 42.61 -52.25 -36.09
C PRO C 201 43.96 -51.52 -36.07
N ASN C 202 43.95 -50.23 -36.36
CA ASN C 202 45.18 -49.44 -36.37
C ASN C 202 45.60 -49.12 -34.93
N CYS C 203 46.43 -49.98 -34.34
CA CYS C 203 46.90 -49.78 -32.98
C CYS C 203 47.62 -48.46 -32.81
N ALA C 204 48.45 -48.11 -33.78
CA ALA C 204 49.23 -46.88 -33.74
C ALA C 204 48.34 -45.65 -33.61
N GLU C 205 47.20 -45.67 -34.30
CA GLU C 205 46.28 -44.54 -34.26
C GLU C 205 45.70 -44.36 -32.86
N ASP C 206 45.40 -45.47 -32.18
CA ASP C 206 44.87 -45.37 -30.82
C ASP C 206 45.92 -44.76 -29.90
N ILE C 207 47.17 -45.19 -30.07
CA ILE C 207 48.25 -44.66 -29.26
C ILE C 207 48.40 -43.16 -29.51
N ARG C 208 48.22 -42.76 -30.77
CA ARG C 208 48.33 -41.36 -31.15
C ARG C 208 47.25 -40.55 -30.43
N ARG C 209 46.00 -41.01 -30.56
CA ARG C 209 44.87 -40.34 -29.93
C ARG C 209 45.02 -40.30 -28.41
N LEU C 210 45.44 -41.42 -27.83
CA LEU C 210 45.62 -41.50 -26.38
C LEU C 210 46.69 -40.55 -25.87
N THR C 211 47.83 -40.48 -26.56
CA THR C 211 48.90 -39.59 -26.13
C THR C 211 48.45 -38.14 -26.19
N ALA C 212 47.67 -37.81 -27.23
CA ALA C 212 47.16 -36.45 -27.42
C ALA C 212 46.22 -36.06 -26.27
N VAL C 213 45.32 -36.98 -25.89
CA VAL C 213 44.38 -36.72 -24.82
C VAL C 213 45.09 -36.53 -23.48
N ARG C 214 46.06 -37.39 -23.19
CA ARG C 214 46.82 -37.28 -21.94
C ARG C 214 47.57 -35.95 -21.94
N GLU C 215 48.12 -35.61 -23.10
CA GLU C 215 48.87 -34.39 -23.26
C GLU C 215 47.97 -33.20 -22.92
N ALA C 216 46.78 -33.19 -23.51
CA ALA C 216 45.81 -32.12 -23.29
C ALA C 216 45.30 -32.05 -21.84
N LEU C 217 45.09 -33.21 -21.23
CA LEU C 217 44.59 -33.28 -19.86
C LEU C 217 45.61 -32.95 -18.80
N GLY C 218 46.87 -33.22 -19.09
CA GLY C 218 47.90 -33.00 -18.10
C GLY C 218 48.09 -34.32 -17.39
N ASP C 219 49.18 -34.45 -16.65
CA ASP C 219 49.50 -35.69 -15.95
C ASP C 219 48.54 -36.22 -14.89
N GLU C 220 47.86 -35.32 -14.19
CA GLU C 220 46.97 -35.72 -13.09
C GLU C 220 45.55 -36.21 -13.39
N PHE C 221 44.87 -35.52 -14.30
CA PHE C 221 43.48 -35.88 -14.61
C PHE C 221 43.21 -37.35 -14.90
N PRO C 222 42.20 -37.92 -14.21
CA PRO C 222 41.84 -39.32 -14.40
C PRO C 222 41.49 -39.64 -15.85
N LEU C 223 42.22 -40.60 -16.42
CA LEU C 223 42.03 -41.01 -17.80
C LEU C 223 41.94 -42.53 -17.87
N MET C 224 40.99 -43.03 -18.65
CA MET C 224 40.84 -44.48 -18.81
C MET C 224 40.57 -44.80 -20.28
N VAL C 225 40.77 -46.07 -20.67
CA VAL C 225 40.51 -46.48 -22.04
C VAL C 225 39.59 -47.69 -22.05
N ASP C 226 38.91 -47.89 -23.18
CA ASP C 226 37.96 -48.96 -23.34
C ASP C 226 38.11 -49.60 -24.73
N ALA C 227 38.48 -50.87 -24.78
CA ALA C 227 38.66 -51.59 -26.04
C ALA C 227 37.42 -52.33 -26.53
N ASN C 228 36.40 -52.40 -25.70
CA ASN C 228 35.16 -53.10 -26.05
C ASN C 228 35.40 -54.49 -26.63
N GLN C 229 36.27 -55.25 -25.98
CA GLN C 229 36.60 -56.63 -26.35
C GLN C 229 37.32 -56.83 -27.68
N GLN C 230 37.81 -55.75 -28.29
CA GLN C 230 38.41 -55.91 -29.61
C GLN C 230 39.87 -56.33 -29.80
N TRP C 231 40.58 -56.66 -28.74
CA TRP C 231 41.95 -57.11 -28.89
C TRP C 231 42.04 -58.60 -28.60
N ASP C 232 43.04 -59.26 -29.17
CA ASP C 232 43.26 -60.66 -28.86
C ASP C 232 44.31 -60.57 -27.74
N ARG C 233 44.60 -61.68 -27.08
CA ARG C 233 45.56 -61.66 -25.99
C ARG C 233 46.93 -61.05 -26.34
N GLU C 234 47.47 -61.41 -27.52
CA GLU C 234 48.77 -60.90 -27.94
C GLU C 234 48.77 -59.37 -27.99
N THR C 235 47.76 -58.80 -28.63
CA THR C 235 47.67 -57.35 -28.77
C THR C 235 47.38 -56.67 -27.43
N ALA C 236 46.52 -57.28 -26.63
CA ALA C 236 46.17 -56.73 -25.32
C ALA C 236 47.40 -56.45 -24.45
N ILE C 237 48.23 -57.46 -24.25
CA ILE C 237 49.41 -57.27 -23.43
C ILE C 237 50.38 -56.27 -24.06
N ARG C 238 50.47 -56.30 -25.38
CA ARG C 238 51.36 -55.38 -26.10
C ARG C 238 50.89 -53.94 -25.84
N MET C 239 49.61 -53.67 -26.10
CA MET C 239 49.05 -52.34 -25.87
C MET C 239 49.12 -51.99 -24.39
N GLY C 240 48.90 -52.99 -23.54
CA GLY C 240 48.95 -52.77 -22.11
C GLY C 240 50.30 -52.20 -21.68
N ARG C 241 51.37 -52.89 -22.06
CA ARG C 241 52.73 -52.46 -21.74
C ARG C 241 52.95 -51.02 -22.17
N LYS C 242 52.57 -50.73 -23.41
CA LYS C 242 52.75 -49.41 -23.99
C LYS C 242 51.92 -48.31 -23.33
N MET C 243 50.84 -48.67 -22.66
CA MET C 243 50.00 -47.66 -22.02
C MET C 243 50.31 -47.44 -20.54
N GLU C 244 51.22 -48.23 -19.99
CA GLU C 244 51.59 -48.07 -18.57
C GLU C 244 51.99 -46.62 -18.31
N GLN C 245 52.67 -46.02 -19.28
CA GLN C 245 53.16 -44.65 -19.17
C GLN C 245 52.09 -43.58 -18.98
N PHE C 246 50.85 -43.87 -19.39
CA PHE C 246 49.79 -42.89 -19.27
C PHE C 246 49.11 -42.90 -17.90
N ASN C 247 49.50 -43.84 -17.05
CA ASN C 247 48.93 -43.97 -15.71
C ASN C 247 47.40 -43.92 -15.75
N LEU C 248 46.81 -44.78 -16.56
CA LEU C 248 45.37 -44.86 -16.70
C LEU C 248 44.72 -45.39 -15.43
N ILE C 249 43.48 -44.96 -15.17
CA ILE C 249 42.75 -45.44 -14.00
C ILE C 249 42.45 -46.91 -14.27
N TRP C 250 42.25 -47.24 -15.54
CA TRP C 250 42.00 -48.63 -15.93
C TRP C 250 41.94 -48.82 -17.44
N ILE C 251 42.04 -50.08 -17.85
CA ILE C 251 41.96 -50.48 -19.25
C ILE C 251 40.73 -51.37 -19.20
N GLU C 252 39.69 -50.98 -19.93
CA GLU C 252 38.44 -51.72 -19.92
C GLU C 252 38.22 -52.67 -21.09
N GLU C 253 37.61 -53.81 -20.80
CA GLU C 253 37.30 -54.82 -21.80
C GLU C 253 38.38 -55.00 -22.86
N PRO C 254 39.62 -55.32 -22.44
CA PRO C 254 40.67 -55.52 -23.43
C PRO C 254 40.39 -56.73 -24.29
N LEU C 255 39.69 -57.72 -23.72
CA LEU C 255 39.38 -58.97 -24.41
C LEU C 255 37.91 -59.34 -24.38
N ASP C 256 37.59 -60.45 -25.05
CA ASP C 256 36.23 -60.96 -25.06
C ASP C 256 35.72 -60.98 -23.62
N ALA C 257 34.48 -60.56 -23.42
CA ALA C 257 33.88 -60.48 -22.09
C ALA C 257 33.91 -61.81 -21.33
N TYR C 258 34.02 -62.92 -22.05
CA TYR C 258 34.05 -64.22 -21.40
C TYR C 258 35.42 -64.86 -21.31
N ASP C 259 36.44 -64.13 -21.72
CA ASP C 259 37.80 -64.66 -21.62
C ASP C 259 38.32 -64.37 -20.22
N ILE C 260 37.87 -65.19 -19.27
CA ILE C 260 38.25 -65.04 -17.87
C ILE C 260 39.76 -65.12 -17.61
N GLU C 261 40.40 -66.21 -18.04
CA GLU C 261 41.83 -66.37 -17.83
C GLU C 261 42.62 -65.30 -18.58
N GLY C 262 42.11 -64.87 -19.73
CA GLY C 262 42.77 -63.85 -20.50
C GLY C 262 42.83 -62.56 -19.69
N HIS C 263 41.69 -62.18 -19.13
CA HIS C 263 41.62 -60.96 -18.32
C HIS C 263 42.51 -61.13 -17.08
N ALA C 264 42.32 -62.24 -16.38
CA ALA C 264 43.10 -62.50 -15.18
C ALA C 264 44.59 -62.34 -15.47
N GLN C 265 45.02 -62.89 -16.60
CA GLN C 265 46.42 -62.82 -17.00
C GLN C 265 46.90 -61.38 -17.20
N LEU C 266 46.07 -60.56 -17.86
CA LEU C 266 46.44 -59.17 -18.08
C LEU C 266 46.48 -58.41 -16.75
N ALA C 267 45.51 -58.69 -15.89
CA ALA C 267 45.42 -58.04 -14.59
C ALA C 267 46.68 -58.33 -13.76
N ALA C 268 47.13 -59.58 -13.77
CA ALA C 268 48.32 -59.97 -13.01
C ALA C 268 49.61 -59.44 -13.63
N ALA C 269 49.63 -59.28 -14.94
CA ALA C 269 50.84 -58.81 -15.62
C ALA C 269 51.05 -57.30 -15.61
N LEU C 270 49.97 -56.54 -15.56
CA LEU C 270 50.10 -55.08 -15.58
C LEU C 270 49.78 -54.44 -14.24
N ASP C 271 50.40 -53.29 -13.97
CA ASP C 271 50.12 -52.56 -12.74
C ASP C 271 48.82 -51.80 -12.98
N THR C 272 48.63 -51.34 -14.21
CA THR C 272 47.41 -50.63 -14.57
C THR C 272 46.21 -51.52 -14.28
N PRO C 273 45.18 -50.98 -13.64
CA PRO C 273 44.00 -51.80 -13.34
C PRO C 273 43.29 -52.25 -14.61
N ILE C 274 42.62 -53.39 -14.51
CA ILE C 274 41.86 -53.96 -15.61
C ILE C 274 40.39 -53.93 -15.17
N ALA C 275 39.52 -53.54 -16.09
CA ALA C 275 38.09 -53.46 -15.77
C ALA C 275 37.26 -54.22 -16.81
N THR C 276 36.19 -54.86 -16.36
CA THR C 276 35.31 -55.60 -17.27
C THR C 276 34.01 -56.03 -16.60
N GLY C 277 33.08 -56.53 -17.41
CA GLY C 277 31.82 -57.00 -16.87
C GLY C 277 30.53 -56.40 -17.40
N GLU C 278 30.61 -55.26 -18.06
CA GLU C 278 29.40 -54.61 -18.56
C GLU C 278 28.50 -55.50 -19.41
N MET C 279 29.08 -56.42 -20.19
CA MET C 279 28.30 -57.29 -21.06
C MET C 279 27.65 -58.49 -20.35
N LEU C 280 28.09 -58.80 -19.14
CA LEU C 280 27.52 -59.93 -18.40
C LEU C 280 26.06 -59.70 -18.08
N THR C 281 25.27 -60.77 -18.08
CA THR C 281 23.84 -60.67 -17.85
C THR C 281 23.27 -61.46 -16.68
N SER C 282 24.02 -61.55 -15.59
CA SER C 282 23.54 -62.26 -14.41
C SER C 282 24.58 -62.28 -13.31
N PHE C 283 24.15 -62.61 -12.10
CA PHE C 283 25.05 -62.72 -10.97
C PHE C 283 26.04 -63.84 -11.28
N ARG C 284 25.51 -64.98 -11.71
CA ARG C 284 26.32 -66.15 -12.04
C ARG C 284 27.50 -65.80 -12.93
N GLU C 285 27.21 -65.07 -14.01
CA GLU C 285 28.25 -64.69 -14.95
C GLU C 285 29.31 -63.83 -14.28
N HIS C 286 28.89 -62.87 -13.46
CA HIS C 286 29.85 -62.01 -12.78
C HIS C 286 30.65 -62.80 -11.76
N GLU C 287 30.00 -63.79 -11.15
CA GLU C 287 30.63 -64.63 -10.15
C GLU C 287 31.79 -65.42 -10.76
N GLN C 288 31.57 -65.96 -11.97
CA GLN C 288 32.63 -66.71 -12.63
C GLN C 288 33.84 -65.81 -12.89
N LEU C 289 33.59 -64.57 -13.31
CA LEU C 289 34.71 -63.68 -13.56
C LEU C 289 35.43 -63.27 -12.28
N ILE C 290 34.66 -63.02 -11.22
CA ILE C 290 35.26 -62.62 -9.95
C ILE C 290 36.05 -63.77 -9.30
N LEU C 291 35.50 -64.98 -9.31
CA LEU C 291 36.22 -66.11 -8.74
C LEU C 291 37.48 -66.38 -9.55
N GLY C 292 37.46 -65.98 -10.82
CA GLY C 292 38.61 -66.18 -11.68
C GLY C 292 39.58 -65.02 -11.66
N ASN C 293 39.34 -64.04 -10.79
CA ASN C 293 40.22 -62.87 -10.68
C ASN C 293 40.47 -62.16 -11.99
N ALA C 294 39.40 -62.00 -12.77
CA ALA C 294 39.49 -61.37 -14.08
C ALA C 294 39.85 -59.88 -14.07
N SER C 295 39.38 -59.14 -13.07
CA SER C 295 39.66 -57.71 -13.06
C SER C 295 39.70 -57.01 -11.72
N ASP C 296 40.37 -55.86 -11.71
CA ASP C 296 40.53 -55.02 -10.54
C ASP C 296 39.25 -54.21 -10.31
N PHE C 297 38.59 -53.84 -11.41
CA PHE C 297 37.34 -53.10 -11.33
C PHE C 297 36.25 -54.00 -11.88
N VAL C 298 35.17 -54.15 -11.13
CA VAL C 298 34.03 -54.95 -11.56
C VAL C 298 33.02 -53.93 -12.07
N GLN C 299 32.51 -54.16 -13.28
CA GLN C 299 31.57 -53.24 -13.90
C GLN C 299 30.21 -53.87 -14.21
N PRO C 300 29.35 -54.01 -13.19
CA PRO C 300 28.03 -54.60 -13.43
C PRO C 300 27.11 -53.54 -14.06
N ASP C 301 25.98 -53.99 -14.58
CA ASP C 301 25.00 -53.11 -15.23
C ASP C 301 23.67 -53.66 -14.71
N ALA C 302 23.03 -52.91 -13.81
CA ALA C 302 21.78 -53.35 -13.21
C ALA C 302 20.75 -53.81 -14.25
N PRO C 303 20.51 -53.00 -15.28
CA PRO C 303 19.53 -53.43 -16.29
C PRO C 303 19.92 -54.75 -16.93
N ARG C 304 21.19 -54.88 -17.30
CA ARG C 304 21.71 -56.08 -17.95
C ARG C 304 21.71 -57.34 -17.10
N VAL C 305 21.96 -57.22 -15.79
CA VAL C 305 22.04 -58.40 -14.93
C VAL C 305 20.74 -58.85 -14.29
N GLY C 306 19.65 -58.16 -14.58
CA GLY C 306 18.38 -58.54 -14.00
C GLY C 306 17.84 -57.57 -12.95
N GLY C 307 18.45 -56.38 -12.83
CA GLY C 307 17.97 -55.39 -11.89
C GLY C 307 18.83 -55.07 -10.67
N ILE C 308 18.25 -54.30 -9.74
CA ILE C 308 18.95 -53.91 -8.52
C ILE C 308 19.20 -55.11 -7.60
N SER C 309 18.21 -55.98 -7.44
CA SER C 309 18.35 -57.14 -6.56
C SER C 309 19.61 -57.94 -6.86
N PRO C 310 19.76 -58.42 -8.12
CA PRO C 310 20.99 -59.19 -8.39
C PRO C 310 22.24 -58.30 -8.28
N PHE C 311 22.11 -57.05 -8.71
CA PHE C 311 23.24 -56.12 -8.67
C PHE C 311 23.81 -55.97 -7.25
N LEU C 312 22.92 -55.99 -6.26
CA LEU C 312 23.35 -55.89 -4.87
C LEU C 312 24.23 -57.10 -4.50
N LYS C 313 23.83 -58.28 -4.96
CA LYS C 313 24.59 -59.50 -4.68
C LYS C 313 25.96 -59.43 -5.34
N ILE C 314 26.01 -58.88 -6.55
CA ILE C 314 27.27 -58.73 -7.26
C ILE C 314 28.19 -57.77 -6.49
N MET C 315 27.61 -56.69 -5.99
CA MET C 315 28.37 -55.71 -5.22
C MET C 315 29.04 -56.35 -4.02
N ASP C 316 28.28 -57.13 -3.26
CA ASP C 316 28.83 -57.79 -2.08
C ASP C 316 29.96 -58.75 -2.44
N LEU C 317 29.78 -59.49 -3.53
CA LEU C 317 30.82 -60.44 -3.94
C LEU C 317 32.08 -59.67 -4.30
N ALA C 318 31.92 -58.64 -5.13
CA ALA C 318 33.06 -57.82 -5.54
C ALA C 318 33.81 -57.28 -4.34
N ALA C 319 33.06 -56.69 -3.40
CA ALA C 319 33.64 -56.12 -2.19
C ALA C 319 34.43 -57.17 -1.41
N LYS C 320 33.83 -58.35 -1.25
CA LYS C 320 34.49 -59.43 -0.52
C LYS C 320 35.84 -59.77 -1.17
N HIS C 321 35.93 -59.64 -2.49
CA HIS C 321 37.17 -59.93 -3.19
C HIS C 321 38.04 -58.68 -3.35
N GLY C 322 37.73 -57.65 -2.58
CA GLY C 322 38.50 -56.42 -2.61
C GLY C 322 38.57 -55.64 -3.91
N ARG C 323 37.57 -55.78 -4.77
CA ARG C 323 37.56 -55.07 -6.05
C ARG C 323 36.83 -53.72 -6.00
N LYS C 324 37.22 -52.81 -6.90
CA LYS C 324 36.57 -51.50 -6.98
C LYS C 324 35.34 -51.69 -7.85
N LEU C 325 34.40 -50.75 -7.76
CA LEU C 325 33.18 -50.82 -8.56
C LEU C 325 33.07 -49.66 -9.51
N ALA C 326 32.74 -49.94 -10.76
CA ALA C 326 32.56 -48.92 -11.79
C ALA C 326 31.41 -49.40 -12.67
N PRO C 327 30.17 -49.18 -12.23
CA PRO C 327 28.96 -49.61 -12.97
C PRO C 327 28.97 -49.03 -14.39
N HIS C 328 28.35 -49.75 -15.31
CA HIS C 328 28.30 -49.33 -16.70
C HIS C 328 26.99 -48.67 -17.12
N PHE C 329 27.10 -47.52 -17.78
CA PHE C 329 25.94 -46.80 -18.29
C PHE C 329 24.92 -46.50 -17.18
N ALA C 330 23.66 -46.33 -17.59
CA ALA C 330 22.53 -46.05 -16.69
C ALA C 330 22.90 -45.36 -15.39
N MET C 331 23.56 -44.21 -15.47
CA MET C 331 23.95 -43.48 -14.29
C MET C 331 22.74 -43.12 -13.41
N GLU C 332 21.58 -42.94 -14.05
CA GLU C 332 20.36 -42.58 -13.32
C GLU C 332 20.04 -43.63 -12.26
N VAL C 333 20.50 -44.86 -12.47
CA VAL C 333 20.27 -45.92 -11.50
C VAL C 333 21.55 -46.21 -10.72
N HIS C 334 22.65 -46.33 -11.44
CA HIS C 334 23.93 -46.64 -10.82
C HIS C 334 24.47 -45.63 -9.82
N LEU C 335 24.00 -44.39 -9.90
CA LEU C 335 24.43 -43.36 -8.95
C LEU C 335 24.13 -43.84 -7.54
N HIS C 336 22.92 -44.36 -7.34
CA HIS C 336 22.46 -44.86 -6.04
C HIS C 336 23.20 -46.10 -5.58
N LEU C 337 23.41 -47.05 -6.50
CA LEU C 337 24.10 -48.30 -6.18
C LEU C 337 25.57 -48.06 -5.84
N SER C 338 26.26 -47.26 -6.65
CA SER C 338 27.66 -47.00 -6.36
C SER C 338 27.80 -46.17 -5.08
N ALA C 339 26.81 -45.33 -4.78
CA ALA C 339 26.87 -44.54 -3.55
C ALA C 339 26.83 -45.49 -2.35
N ALA C 340 26.23 -46.66 -2.56
CA ALA C 340 26.12 -47.66 -1.51
C ALA C 340 27.32 -48.60 -1.41
N TYR C 341 28.24 -48.52 -2.38
CA TYR C 341 29.41 -49.40 -2.36
C TYR C 341 30.44 -48.96 -1.31
N PRO C 342 30.98 -49.90 -0.53
CA PRO C 342 31.97 -49.60 0.50
C PRO C 342 33.27 -48.96 0.04
N LEU C 343 33.80 -49.39 -1.11
CA LEU C 343 35.04 -48.81 -1.63
C LEU C 343 34.72 -47.69 -2.62
N GLU C 344 35.63 -46.72 -2.76
CA GLU C 344 35.41 -45.56 -3.64
C GLU C 344 35.18 -46.03 -5.08
N PRO C 345 33.96 -45.78 -5.62
CA PRO C 345 33.59 -46.17 -6.98
C PRO C 345 33.66 -45.04 -8.01
N TRP C 346 33.33 -45.39 -9.25
CA TRP C 346 33.28 -44.44 -10.35
C TRP C 346 31.92 -44.57 -11.01
N LEU C 347 31.40 -43.47 -11.53
CA LEU C 347 30.11 -43.46 -12.21
C LEU C 347 30.38 -43.04 -13.65
N GLU C 348 29.72 -43.72 -14.59
CA GLU C 348 29.90 -43.44 -16.02
C GLU C 348 28.84 -42.48 -16.55
N HIS C 349 29.28 -41.44 -17.23
CA HIS C 349 28.36 -40.47 -17.77
C HIS C 349 28.12 -40.50 -19.28
N PHE C 350 26.84 -40.38 -19.64
CA PHE C 350 26.35 -40.32 -21.01
C PHE C 350 25.21 -39.30 -20.85
N GLU C 351 24.95 -38.50 -21.86
CA GLU C 351 23.84 -37.53 -21.78
C GLU C 351 22.61 -38.11 -22.46
N TRP C 352 22.80 -39.22 -23.17
CA TRP C 352 21.74 -39.88 -23.93
C TRP C 352 20.38 -39.99 -23.29
N LEU C 353 20.32 -40.39 -22.02
CA LEU C 353 19.04 -40.57 -21.35
C LEU C 353 18.45 -39.33 -20.69
N ASN C 354 19.18 -38.22 -20.71
CA ASN C 354 18.68 -36.99 -20.07
C ASN C 354 17.27 -36.59 -20.49
N PRO C 355 16.94 -36.68 -21.80
CA PRO C 355 15.61 -36.32 -22.32
C PRO C 355 14.44 -37.17 -21.80
N LEU C 356 14.74 -38.35 -21.28
CA LEU C 356 13.68 -39.23 -20.79
C LEU C 356 13.07 -38.77 -19.47
N PHE C 357 13.81 -37.96 -18.74
CA PHE C 357 13.35 -37.50 -17.44
C PHE C 357 13.22 -35.99 -17.29
N ASN C 358 12.37 -35.58 -16.37
CA ASN C 358 12.16 -34.17 -16.13
C ASN C 358 13.28 -33.58 -15.28
N GLU C 359 13.94 -34.41 -14.48
CA GLU C 359 15.01 -33.95 -13.61
C GLU C 359 16.38 -34.33 -14.13
N GLN C 360 17.37 -33.47 -13.87
CA GLN C 360 18.73 -33.72 -14.29
C GLN C 360 19.64 -33.84 -13.06
N LEU C 361 20.66 -34.69 -13.15
CA LEU C 361 21.59 -34.88 -12.05
C LEU C 361 22.61 -33.73 -12.01
N GLU C 362 23.05 -33.38 -10.81
CA GLU C 362 24.02 -32.31 -10.66
C GLU C 362 25.45 -32.83 -10.72
N LEU C 363 26.18 -32.39 -11.74
CA LEU C 363 27.57 -32.77 -11.92
C LEU C 363 28.38 -31.58 -11.48
N ARG C 364 29.22 -31.76 -10.47
CA ARG C 364 30.02 -30.66 -9.98
C ARG C 364 31.31 -31.06 -9.29
N ASP C 365 32.38 -30.37 -9.62
CA ASP C 365 33.68 -30.62 -9.04
C ASP C 365 34.12 -32.08 -9.21
N GLY C 366 33.88 -32.63 -10.40
CA GLY C 366 34.26 -33.99 -10.70
C GLY C 366 33.36 -35.09 -10.15
N ARG C 367 32.29 -34.71 -9.44
CA ARG C 367 31.39 -35.71 -8.85
C ARG C 367 29.92 -35.48 -9.17
N MET C 368 29.15 -36.56 -9.16
CA MET C 368 27.71 -36.49 -9.42
C MET C 368 27.07 -36.55 -8.05
N TRP C 369 26.23 -35.58 -7.72
CA TRP C 369 25.60 -35.54 -6.40
C TRP C 369 24.21 -36.14 -6.34
N ILE C 370 23.94 -36.85 -5.25
CA ILE C 370 22.64 -37.48 -5.05
C ILE C 370 21.66 -36.39 -4.57
N SER C 371 20.59 -36.18 -5.33
CA SER C 371 19.62 -35.17 -4.94
C SER C 371 18.77 -35.69 -3.78
N ASP C 372 17.92 -34.83 -3.23
CA ASP C 372 17.07 -35.22 -2.12
C ASP C 372 15.78 -35.89 -2.60
N ARG C 373 15.61 -36.01 -3.92
CA ARG C 373 14.41 -36.64 -4.47
C ARG C 373 14.35 -38.11 -4.08
N HIS C 374 13.15 -38.62 -3.84
CA HIS C 374 12.95 -40.00 -3.41
C HIS C 374 13.12 -41.08 -4.48
N GLY C 375 13.45 -42.29 -4.04
CA GLY C 375 13.65 -43.38 -4.96
C GLY C 375 14.76 -43.04 -5.94
N LEU C 376 14.57 -43.36 -7.21
CA LEU C 376 15.58 -43.03 -8.21
C LEU C 376 15.70 -41.53 -8.37
N GLY C 377 14.63 -40.81 -8.05
CA GLY C 377 14.65 -39.36 -8.17
C GLY C 377 14.38 -38.84 -9.58
N PHE C 378 13.63 -39.61 -10.36
CA PHE C 378 13.30 -39.20 -11.73
C PHE C 378 11.85 -39.45 -12.05
N THR C 379 11.29 -38.61 -12.91
CA THR C 379 9.90 -38.77 -13.37
C THR C 379 9.97 -38.77 -14.90
N LEU C 380 9.17 -39.61 -15.53
CA LEU C 380 9.16 -39.69 -16.98
C LEU C 380 8.71 -38.39 -17.65
N SER C 381 9.48 -37.96 -18.65
CA SER C 381 9.19 -36.73 -19.37
C SER C 381 8.17 -36.97 -20.47
N GLU C 382 7.66 -35.89 -21.04
CA GLU C 382 6.70 -35.98 -22.14
C GLU C 382 7.41 -36.59 -23.34
N GLN C 383 8.70 -36.27 -23.48
CA GLN C 383 9.50 -36.79 -24.58
C GLN C 383 9.58 -38.32 -24.52
N ALA C 384 9.61 -38.88 -23.31
CA ALA C 384 9.67 -40.32 -23.14
C ALA C 384 8.39 -40.94 -23.68
N ARG C 385 7.27 -40.25 -23.49
CA ARG C 385 5.99 -40.73 -23.99
C ARG C 385 5.97 -40.64 -25.52
N ARG C 386 6.50 -39.54 -26.04
CA ARG C 386 6.55 -39.33 -27.47
C ARG C 386 7.39 -40.40 -28.16
N TRP C 387 8.47 -40.83 -27.51
CA TRP C 387 9.34 -41.84 -28.07
C TRP C 387 8.85 -43.27 -27.80
N THR C 388 7.73 -43.41 -27.12
CA THR C 388 7.19 -44.74 -26.83
C THR C 388 6.56 -45.31 -28.10
N GLN C 389 6.91 -46.54 -28.45
CA GLN C 389 6.34 -47.15 -29.65
C GLN C 389 5.29 -48.21 -29.32
N LEU C 390 5.49 -48.94 -28.23
CA LEU C 390 4.52 -49.94 -27.81
C LEU C 390 4.26 -49.75 -26.32
N THR C 391 3.06 -50.12 -25.88
CA THR C 391 2.74 -49.99 -24.47
C THR C 391 1.59 -50.93 -24.14
N CYS C 392 1.48 -51.31 -22.88
CA CYS C 392 0.40 -52.19 -22.45
C CYS C 392 0.20 -51.96 -20.96
N GLU C 393 -0.98 -52.35 -20.46
CA GLU C 393 -1.29 -52.17 -19.05
C GLU C 393 -2.00 -53.38 -18.47
N PHE C 394 -1.91 -53.53 -17.16
CA PHE C 394 -2.52 -54.63 -16.44
C PHE C 394 -3.16 -54.06 -15.18
N GLY C 395 -4.29 -54.64 -14.77
CA GLY C 395 -4.96 -54.17 -13.57
C GLY C 395 -5.70 -52.88 -13.81
N LYS C 396 -5.87 -52.08 -12.76
CA LYS C 396 -6.56 -50.80 -12.85
C LYS C 396 -5.94 -49.77 -11.94
N ARG C 397 -5.70 -48.58 -12.47
CA ARG C 397 -5.10 -47.51 -11.68
C ARG C 397 -5.89 -47.32 -10.39
N PRO C 398 -5.18 -47.29 -9.24
CA PRO C 398 -5.84 -47.12 -7.95
C PRO C 398 -6.58 -45.78 -7.86
N SER D 4 -47.66 55.73 12.45
CA SER D 4 -47.46 57.18 12.16
C SER D 4 -45.99 57.56 12.06
N ALA D 5 -45.58 58.06 10.90
CA ALA D 5 -44.19 58.44 10.69
C ALA D 5 -43.92 59.90 11.06
N ASN D 6 -44.98 60.66 11.33
CA ASN D 6 -44.82 62.07 11.69
C ASN D 6 -45.85 62.48 12.73
N SER D 7 -45.82 63.76 13.12
CA SER D 7 -46.76 64.29 14.12
C SER D 7 -46.91 65.79 13.97
N ASP D 8 -47.80 66.38 14.78
CA ASP D 8 -48.04 67.83 14.73
C ASP D 8 -46.75 68.58 15.06
N ALA D 9 -45.92 67.98 15.91
CA ALA D 9 -44.66 68.60 16.28
C ALA D 9 -43.56 67.86 15.52
N VAL D 10 -42.34 67.91 16.05
CA VAL D 10 -41.21 67.24 15.43
C VAL D 10 -40.63 66.28 16.47
N THR D 11 -40.20 65.10 16.04
CA THR D 11 -39.63 64.13 16.97
C THR D 11 -38.26 63.63 16.53
N TYR D 12 -37.44 63.24 17.51
CA TYR D 12 -36.10 62.74 17.25
C TYR D 12 -35.90 61.36 17.89
N ALA D 13 -35.44 60.41 17.08
CA ALA D 13 -35.20 59.06 17.55
C ALA D 13 -33.86 58.97 18.27
N LYS D 14 -33.86 58.35 19.45
CA LYS D 14 -32.64 58.19 20.23
C LYS D 14 -31.86 56.96 19.78
N ARG D 19 -20.89 54.42 18.89
CA ARG D 19 -19.65 53.97 18.25
C ARG D 19 -19.56 54.62 16.86
N THR D 20 -18.50 55.39 16.61
CA THR D 20 -18.33 56.09 15.34
C THR D 20 -17.30 55.51 14.38
N ALA D 21 -17.45 55.86 13.11
CA ALA D 21 -16.54 55.42 12.06
C ALA D 21 -15.15 56.01 12.31
N ALA D 22 -15.12 57.20 12.92
CA ALA D 22 -13.86 57.87 13.23
C ALA D 22 -13.03 57.10 14.25
N GLU D 23 -13.67 56.65 15.32
CA GLU D 23 -12.96 55.93 16.37
C GLU D 23 -12.63 54.48 16.07
N THR D 24 -13.27 53.89 15.06
CA THR D 24 -13.01 52.49 14.75
C THR D 24 -12.21 52.23 13.50
N GLY D 25 -12.05 53.26 12.66
CA GLY D 25 -11.31 53.09 11.43
C GLY D 25 -9.87 52.62 11.54
N ASP D 26 -9.39 52.00 10.47
CA ASP D 26 -8.01 51.51 10.40
C ASP D 26 -7.07 52.73 10.41
N ARG D 27 -5.78 52.49 10.61
CA ARG D 27 -4.78 53.55 10.66
C ARG D 27 -3.49 53.12 10.00
N ILE D 28 -2.84 54.03 9.28
CA ILE D 28 -1.57 53.72 8.63
C ILE D 28 -0.50 53.75 9.71
N GLU D 29 0.38 52.76 9.77
CA GLU D 29 1.41 52.76 10.80
C GLU D 29 2.83 52.66 10.26
N TRP D 30 2.96 52.29 9.00
CA TRP D 30 4.26 52.12 8.40
C TRP D 30 4.21 52.46 6.91
N VAL D 31 5.28 53.05 6.42
CA VAL D 31 5.43 53.41 5.01
C VAL D 31 6.89 53.24 4.60
N LYS D 32 7.10 52.63 3.44
CA LYS D 32 8.45 52.43 2.90
C LYS D 32 8.50 52.94 1.46
N LEU D 33 9.44 53.83 1.18
CA LEU D 33 9.59 54.37 -0.17
C LEU D 33 10.88 53.86 -0.77
N SER D 34 10.87 53.60 -2.07
CA SER D 34 12.07 53.12 -2.75
C SER D 34 12.24 53.78 -4.11
N LEU D 35 13.49 54.05 -4.47
CA LEU D 35 13.80 54.61 -5.78
C LEU D 35 14.64 53.52 -6.41
N ALA D 36 14.11 52.91 -7.46
CA ALA D 36 14.83 51.85 -8.14
C ALA D 36 15.05 52.22 -9.59
N PHE D 37 16.00 51.58 -10.24
CA PHE D 37 16.27 51.85 -11.64
C PHE D 37 16.22 50.59 -12.46
N LEU D 38 15.38 50.64 -13.49
CA LEU D 38 15.16 49.55 -14.41
C LEU D 38 16.12 49.72 -15.57
N PRO D 39 17.16 48.89 -15.65
CA PRO D 39 18.11 49.02 -16.75
C PRO D 39 17.59 48.49 -18.09
N LEU D 40 17.91 49.22 -19.16
CA LEU D 40 17.50 48.82 -20.50
C LEU D 40 18.77 48.48 -21.27
N ALA D 41 19.02 47.18 -21.44
CA ALA D 41 20.21 46.69 -22.15
C ALA D 41 20.34 47.30 -23.52
N THR D 42 19.20 47.45 -24.20
CA THR D 42 19.19 48.03 -25.54
C THR D 42 18.67 49.46 -25.47
N PRO D 43 19.56 50.46 -25.65
CA PRO D 43 19.17 51.87 -25.61
C PRO D 43 17.96 52.09 -26.52
N VAL D 44 16.95 52.79 -26.00
CA VAL D 44 15.72 53.04 -26.76
C VAL D 44 15.62 54.45 -27.33
N SER D 45 15.26 54.52 -28.61
CA SER D 45 15.12 55.80 -29.30
C SER D 45 13.83 55.98 -30.08
N ASP D 46 13.02 56.97 -29.71
CA ASP D 46 11.82 57.27 -30.47
C ASP D 46 12.19 58.54 -31.24
N ALA D 47 11.22 59.17 -31.90
CA ALA D 47 11.53 60.37 -32.69
C ALA D 47 12.21 61.51 -31.91
N LYS D 48 11.97 61.58 -30.60
CA LYS D 48 12.56 62.65 -29.78
C LYS D 48 14.09 62.59 -29.83
N VAL D 49 14.62 61.38 -30.04
CA VAL D 49 16.05 61.19 -30.11
C VAL D 49 16.56 61.49 -31.51
N LEU D 50 15.83 61.04 -32.52
CA LEU D 50 16.25 61.29 -33.90
C LEU D 50 16.18 62.76 -34.32
N THR D 51 15.42 63.57 -33.59
CA THR D 51 15.34 64.99 -33.92
C THR D 51 16.35 65.76 -33.07
N GLY D 52 17.03 65.06 -32.17
CA GLY D 52 18.02 65.69 -31.32
C GLY D 52 17.51 66.30 -30.03
N ARG D 53 16.22 66.14 -29.74
CA ARG D 53 15.66 66.71 -28.52
C ARG D 53 16.17 65.99 -27.27
N GLN D 54 16.44 64.69 -27.38
CA GLN D 54 16.90 63.90 -26.25
C GLN D 54 17.92 62.84 -26.65
N LYS D 55 18.51 62.22 -25.64
CA LYS D 55 19.48 61.14 -25.83
C LYS D 55 18.74 59.83 -25.67
N PRO D 56 19.30 58.72 -26.18
CA PRO D 56 18.61 57.44 -26.04
C PRO D 56 18.29 57.12 -24.59
N LEU D 57 17.18 56.40 -24.37
CA LEU D 57 16.75 56.02 -23.02
C LEU D 57 17.50 54.74 -22.65
N THR D 58 18.17 54.74 -21.50
CA THR D 58 18.93 53.57 -21.07
C THR D 58 18.44 52.95 -19.76
N GLU D 59 17.48 53.58 -19.11
CA GLU D 59 16.96 53.05 -17.86
C GLU D 59 15.66 53.77 -17.50
N VAL D 60 14.92 53.21 -16.55
CA VAL D 60 13.67 53.81 -16.13
C VAL D 60 13.66 53.91 -14.60
N ALA D 61 13.42 55.10 -14.09
CA ALA D 61 13.34 55.29 -12.65
C ALA D 61 11.98 54.78 -12.19
N ILE D 62 11.98 54.05 -11.06
CA ILE D 62 10.74 53.52 -10.51
C ILE D 62 10.67 53.95 -9.06
N ILE D 63 9.64 54.70 -8.68
CA ILE D 63 9.48 55.12 -7.29
C ILE D 63 8.35 54.29 -6.68
N ILE D 64 8.69 53.50 -5.68
CA ILE D 64 7.73 52.61 -5.04
C ILE D 64 7.32 53.02 -3.64
N ALA D 65 6.05 52.81 -3.32
CA ALA D 65 5.53 53.10 -1.99
C ALA D 65 4.85 51.83 -1.47
N GLU D 66 5.10 51.50 -0.20
CA GLU D 66 4.50 50.34 0.44
C GLU D 66 3.90 50.87 1.72
N ILE D 67 2.62 50.59 1.95
CA ILE D 67 1.94 51.09 3.13
C ILE D 67 1.27 49.95 3.91
N ARG D 68 1.44 49.98 5.23
CA ARG D 68 0.86 48.95 6.10
C ARG D 68 0.01 49.58 7.17
N SER D 69 -1.18 49.00 7.37
CA SER D 69 -2.10 49.52 8.37
C SER D 69 -2.09 48.72 9.67
N ARG D 70 -2.60 49.35 10.72
CA ARG D 70 -2.70 48.75 12.03
C ARG D 70 -3.45 47.42 11.97
N ASP D 71 -4.58 47.40 11.26
CA ASP D 71 -5.38 46.19 11.17
C ASP D 71 -4.88 45.11 10.22
N GLY D 72 -3.63 45.22 9.78
CA GLY D 72 -3.07 44.19 8.93
C GLY D 72 -3.13 44.26 7.42
N PHE D 73 -3.58 45.39 6.87
CA PHE D 73 -3.65 45.51 5.42
C PHE D 73 -2.41 46.18 4.84
N GLU D 74 -2.09 45.86 3.60
CA GLU D 74 -0.93 46.45 2.96
C GLU D 74 -1.24 46.83 1.53
N GLY D 75 -0.60 47.90 1.06
CA GLY D 75 -0.82 48.35 -0.30
C GLY D 75 0.51 48.70 -0.94
N VAL D 76 0.61 48.48 -2.24
CA VAL D 76 1.83 48.82 -2.96
C VAL D 76 1.43 49.60 -4.20
N GLY D 77 2.27 50.56 -4.59
CA GLY D 77 1.99 51.38 -5.76
C GLY D 77 3.29 52.01 -6.25
N PHE D 78 3.27 52.59 -7.45
CA PHE D 78 4.48 53.21 -7.97
C PHE D 78 4.25 54.26 -9.05
N SER D 79 5.28 55.05 -9.31
CA SER D 79 5.26 56.05 -10.37
C SER D 79 6.64 55.81 -11.00
N TYR D 80 6.98 56.57 -12.03
CA TYR D 80 8.25 56.36 -12.68
C TYR D 80 8.69 57.62 -13.39
N SER D 81 9.85 57.53 -14.02
CA SER D 81 10.38 58.64 -14.80
C SER D 81 11.29 58.09 -15.88
N LYS D 82 11.04 58.52 -17.11
CA LYS D 82 11.89 58.12 -18.22
C LYS D 82 12.75 59.37 -18.44
N ARG D 83 14.01 59.25 -18.04
CA ARG D 83 15.00 60.32 -18.09
C ARG D 83 14.88 61.09 -16.77
N ALA D 84 15.47 62.26 -16.67
CA ALA D 84 15.45 63.01 -15.41
C ALA D 84 14.07 63.24 -14.78
N GLY D 85 14.00 63.01 -13.47
CA GLY D 85 12.75 63.19 -12.75
C GLY D 85 12.60 62.26 -11.56
N GLY D 86 13.18 61.08 -11.67
CA GLY D 86 13.09 60.10 -10.60
C GLY D 86 13.64 60.53 -9.26
N GLN D 87 14.79 61.22 -9.26
CA GLN D 87 15.40 61.68 -8.02
C GLN D 87 14.48 62.67 -7.33
N GLY D 88 13.86 63.54 -8.12
CA GLY D 88 12.97 64.54 -7.55
C GLY D 88 11.68 63.94 -7.01
N ILE D 89 11.12 62.98 -7.75
CA ILE D 89 9.87 62.35 -7.31
C ILE D 89 10.11 61.65 -5.98
N TYR D 90 11.18 60.86 -5.90
CA TYR D 90 11.51 60.15 -4.67
C TYR D 90 11.78 61.11 -3.51
N ALA D 91 12.57 62.15 -3.78
CA ALA D 91 12.90 63.12 -2.74
C ALA D 91 11.66 63.79 -2.15
N HIS D 92 10.75 64.22 -3.00
CA HIS D 92 9.54 64.85 -2.48
C HIS D 92 8.68 63.84 -1.73
N ALA D 93 8.52 62.65 -2.28
CA ALA D 93 7.71 61.62 -1.61
C ALA D 93 8.30 61.42 -0.21
N LYS D 94 9.63 61.38 -0.15
CA LYS D 94 10.30 61.18 1.13
C LYS D 94 10.05 62.33 2.10
N GLU D 95 9.98 63.55 1.58
CA GLU D 95 9.77 64.71 2.44
C GLU D 95 8.34 64.86 2.94
N ILE D 96 7.38 64.18 2.31
CA ILE D 96 5.98 64.29 2.75
C ILE D 96 5.35 63.01 3.30
N ALA D 97 6.00 61.87 3.07
CA ALA D 97 5.48 60.57 3.50
C ALA D 97 5.05 60.43 4.96
N ASP D 98 5.77 61.04 5.89
CA ASP D 98 5.39 60.89 7.29
C ASP D 98 4.01 61.44 7.61
N ASN D 99 3.44 62.23 6.71
CA ASN D 99 2.10 62.78 6.91
C ASN D 99 1.05 61.66 6.87
N LEU D 100 1.42 60.52 6.31
CA LEU D 100 0.53 59.37 6.20
C LEU D 100 0.26 58.69 7.54
N LEU D 101 1.26 58.70 8.42
CA LEU D 101 1.14 58.04 9.72
C LEU D 101 -0.06 58.52 10.51
N GLY D 102 -0.87 57.58 10.99
CA GLY D 102 -2.04 57.94 11.78
C GLY D 102 -3.29 58.29 10.98
N GLU D 103 -3.20 58.24 9.66
CA GLU D 103 -4.36 58.55 8.83
C GLU D 103 -5.19 57.29 8.55
N ASP D 104 -6.49 57.47 8.35
CA ASP D 104 -7.37 56.36 8.02
C ASP D 104 -7.07 56.15 6.53
N PRO D 105 -6.48 55.01 6.16
CA PRO D 105 -6.15 54.75 4.76
C PRO D 105 -7.31 54.74 3.77
N ASN D 106 -8.54 54.65 4.26
CA ASN D 106 -9.69 54.63 3.35
C ASN D 106 -10.08 56.00 2.82
N ASP D 107 -9.68 57.07 3.52
CA ASP D 107 -9.99 58.43 3.10
C ASP D 107 -8.87 58.91 2.17
N ILE D 108 -8.80 58.26 1.02
CA ILE D 108 -7.79 58.52 0.00
C ILE D 108 -7.72 59.97 -0.48
N ASP D 109 -8.87 60.55 -0.75
CA ASP D 109 -8.92 61.93 -1.19
C ASP D 109 -8.53 62.90 -0.08
N LYS D 110 -8.97 62.59 1.13
CA LYS D 110 -8.66 63.42 2.28
C LYS D 110 -7.14 63.42 2.45
N ILE D 111 -6.53 62.25 2.31
CA ILE D 111 -5.08 62.12 2.44
C ILE D 111 -4.36 62.88 1.32
N TYR D 112 -4.86 62.73 0.09
CA TYR D 112 -4.28 63.39 -1.07
C TYR D 112 -4.21 64.89 -0.79
N THR D 113 -5.32 65.44 -0.31
CA THR D 113 -5.41 66.86 -0.01
C THR D 113 -4.40 67.26 1.06
N LYS D 114 -4.22 66.42 2.07
CA LYS D 114 -3.29 66.72 3.14
C LYS D 114 -1.86 66.76 2.57
N LEU D 115 -1.57 65.84 1.66
CA LEU D 115 -0.24 65.77 1.04
C LEU D 115 0.02 66.99 0.15
N LEU D 116 -1.01 67.47 -0.54
CA LEU D 116 -0.87 68.64 -1.38
C LEU D 116 -0.59 69.86 -0.49
N TRP D 117 -1.28 69.97 0.63
CA TRP D 117 -1.06 71.10 1.54
C TRP D 117 0.34 71.04 2.14
N ALA D 118 0.80 69.84 2.48
CA ALA D 118 2.13 69.69 3.05
C ALA D 118 3.19 70.15 2.06
N GLY D 119 2.85 70.14 0.77
CA GLY D 119 3.79 70.57 -0.25
C GLY D 119 3.17 71.65 -1.14
N ALA D 120 2.34 72.50 -0.53
CA ALA D 120 1.66 73.56 -1.28
C ALA D 120 2.58 74.42 -2.16
N SER D 121 3.78 74.69 -1.66
CA SER D 121 4.73 75.52 -2.37
C SER D 121 5.12 75.01 -3.75
N VAL D 122 5.07 73.69 -3.93
CA VAL D 122 5.46 73.11 -5.22
C VAL D 122 4.33 72.71 -6.19
N GLY D 123 3.15 73.27 -5.99
CA GLY D 123 2.06 73.02 -6.94
C GLY D 123 1.11 71.83 -6.82
N ARG D 124 0.21 71.76 -7.81
CA ARG D 124 -0.80 70.72 -7.86
C ARG D 124 -0.72 69.97 -9.19
N SER D 125 0.43 70.00 -9.82
CA SER D 125 0.65 69.30 -11.09
C SER D 125 2.13 68.98 -11.17
N GLY D 126 2.52 68.20 -12.16
CA GLY D 126 3.92 67.86 -12.31
C GLY D 126 4.51 66.92 -11.27
N MET D 127 5.81 67.07 -11.08
CA MET D 127 6.58 66.24 -10.17
C MET D 127 5.99 65.99 -8.79
N ALA D 128 5.52 67.05 -8.12
CA ALA D 128 4.95 66.90 -6.79
C ALA D 128 3.80 65.88 -6.74
N VAL D 129 2.89 65.92 -7.71
CA VAL D 129 1.79 64.97 -7.68
C VAL D 129 2.27 63.60 -8.13
N GLN D 130 3.36 63.57 -8.90
CA GLN D 130 3.90 62.28 -9.32
C GLN D 130 4.58 61.60 -8.14
N ALA D 131 4.84 62.38 -7.09
CA ALA D 131 5.46 61.87 -5.87
C ALA D 131 4.32 61.33 -5.00
N ILE D 132 3.11 61.81 -5.26
CA ILE D 132 1.94 61.36 -4.51
C ILE D 132 1.37 60.11 -5.18
N SER D 133 1.60 59.98 -6.48
CA SER D 133 1.10 58.83 -7.25
C SER D 133 1.34 57.46 -6.60
N PRO D 134 2.59 57.15 -6.24
CA PRO D 134 2.89 55.85 -5.62
C PRO D 134 2.01 55.59 -4.39
N ILE D 135 1.89 56.63 -3.57
CA ILE D 135 1.10 56.57 -2.35
C ILE D 135 -0.39 56.41 -2.67
N ASP D 136 -0.91 57.25 -3.56
CA ASP D 136 -2.32 57.21 -3.93
C ASP D 136 -2.67 55.82 -4.47
N ILE D 137 -1.81 55.31 -5.36
CA ILE D 137 -2.02 54.01 -5.95
C ILE D 137 -1.96 52.90 -4.89
N ALA D 138 -1.01 52.99 -3.96
CA ALA D 138 -0.89 51.99 -2.92
C ALA D 138 -2.16 51.95 -2.08
N LEU D 139 -2.72 53.12 -1.79
CA LEU D 139 -3.93 53.19 -1.00
C LEU D 139 -5.10 52.53 -1.73
N TRP D 140 -5.18 52.70 -3.04
CA TRP D 140 -6.25 52.07 -3.81
C TRP D 140 -6.02 50.57 -3.82
N ASP D 141 -4.74 50.18 -3.96
CA ASP D 141 -4.37 48.77 -3.98
C ASP D 141 -4.85 48.16 -2.66
N MET D 142 -4.61 48.88 -1.57
CA MET D 142 -5.00 48.42 -0.24
C MET D 142 -6.52 48.30 -0.11
N LYS D 143 -7.25 49.33 -0.52
CA LYS D 143 -8.71 49.28 -0.41
C LYS D 143 -9.29 48.10 -1.19
N ALA D 144 -8.76 47.84 -2.37
CA ALA D 144 -9.23 46.73 -3.18
C ALA D 144 -8.99 45.41 -2.42
N LYS D 145 -7.79 45.27 -1.86
CA LYS D 145 -7.44 44.08 -1.10
C LYS D 145 -8.37 43.95 0.11
N ARG D 146 -8.64 45.08 0.77
CA ARG D 146 -9.52 45.07 1.94
C ARG D 146 -10.89 44.48 1.55
N ALA D 147 -11.30 44.69 0.31
CA ALA D 147 -12.59 44.18 -0.15
C ALA D 147 -12.43 42.79 -0.79
N GLY D 148 -11.19 42.32 -0.88
CA GLY D 148 -10.94 41.01 -1.48
C GLY D 148 -11.29 41.02 -2.95
N LEU D 149 -10.89 42.08 -3.67
CA LEU D 149 -11.19 42.20 -5.09
C LEU D 149 -10.04 42.75 -5.91
N PRO D 150 -9.98 42.37 -7.19
CA PRO D 150 -8.91 42.91 -8.04
C PRO D 150 -9.32 44.39 -8.11
N LEU D 151 -8.37 45.30 -8.33
CA LEU D 151 -8.73 46.72 -8.37
C LEU D 151 -9.86 47.03 -9.34
N ALA D 152 -9.81 46.43 -10.52
CA ALA D 152 -10.85 46.64 -11.53
C ALA D 152 -12.25 46.37 -10.96
N LYS D 153 -12.36 45.35 -10.13
CA LYS D 153 -13.65 44.99 -9.54
C LYS D 153 -14.07 45.97 -8.45
N LEU D 154 -13.10 46.50 -7.72
CA LEU D 154 -13.43 47.48 -6.67
C LEU D 154 -14.02 48.71 -7.37
N LEU D 155 -13.40 49.09 -8.48
CA LEU D 155 -13.85 50.26 -9.24
C LEU D 155 -15.14 49.95 -9.98
N GLY D 156 -15.29 48.69 -10.39
CA GLY D 156 -16.46 48.28 -11.13
C GLY D 156 -15.96 48.14 -12.56
N ALA D 157 -16.01 46.93 -13.10
CA ALA D 157 -15.55 46.71 -14.46
C ALA D 157 -16.67 46.62 -15.49
N HIS D 158 -16.31 46.92 -16.74
CA HIS D 158 -17.22 46.88 -17.86
C HIS D 158 -16.78 45.75 -18.76
N ARG D 159 -15.59 45.22 -18.48
CA ARG D 159 -15.03 44.11 -19.25
C ARG D 159 -14.02 43.38 -18.38
N ASP D 160 -13.77 42.11 -18.68
CA ASP D 160 -12.84 41.32 -17.87
C ASP D 160 -11.47 41.17 -18.51
N SER D 161 -11.31 41.81 -19.66
CA SER D 161 -10.04 41.82 -20.37
C SER D 161 -10.07 43.03 -21.31
N VAL D 162 -8.91 43.52 -21.73
CA VAL D 162 -8.90 44.67 -22.62
C VAL D 162 -7.95 44.50 -23.81
N GLN D 163 -8.37 44.98 -24.97
CA GLN D 163 -7.56 44.91 -26.19
C GLN D 163 -6.18 45.44 -25.85
N CYS D 164 -5.15 44.76 -26.34
CA CYS D 164 -3.79 45.16 -26.04
C CYS D 164 -2.91 45.23 -27.27
N TYR D 165 -2.12 46.30 -27.39
CA TYR D 165 -1.22 46.45 -28.52
C TYR D 165 0.20 46.63 -27.99
N ASN D 166 1.19 46.26 -28.79
CA ASN D 166 2.59 46.40 -28.36
C ASN D 166 3.26 47.65 -28.92
N THR D 167 4.14 48.25 -28.12
CA THR D 167 4.86 49.46 -28.50
C THR D 167 6.38 49.24 -28.51
N SER D 168 6.87 48.43 -27.57
CA SER D 168 8.30 48.18 -27.45
C SER D 168 9.00 47.60 -28.67
N GLY D 169 8.24 46.98 -29.57
CA GLY D 169 8.86 46.41 -30.76
C GLY D 169 8.81 47.29 -31.99
N GLY D 170 8.38 48.55 -31.83
CA GLY D 170 8.31 49.44 -32.98
C GLY D 170 9.07 50.75 -32.86
N PHE D 171 10.16 50.75 -32.10
CA PHE D 171 10.96 51.96 -31.92
C PHE D 171 11.89 52.27 -33.09
N LEU D 172 12.28 53.54 -33.20
CA LEU D 172 13.13 54.01 -34.30
C LEU D 172 14.60 53.59 -34.32
N HIS D 173 15.10 53.04 -33.21
CA HIS D 173 16.48 52.58 -33.18
C HIS D 173 16.53 51.16 -33.76
N THR D 174 15.36 50.61 -34.05
CA THR D 174 15.22 49.26 -34.58
C THR D 174 15.11 49.23 -36.11
N PRO D 175 16.03 48.51 -36.78
CA PRO D 175 16.00 48.41 -38.24
C PRO D 175 14.69 47.78 -38.70
N LEU D 176 14.19 48.22 -39.86
CA LEU D 176 12.92 47.70 -40.38
C LEU D 176 12.86 46.19 -40.33
N ASP D 177 13.96 45.55 -40.69
CA ASP D 177 14.06 44.08 -40.69
C ASP D 177 13.67 43.50 -39.33
N GLN D 178 14.26 44.04 -38.27
CA GLN D 178 13.98 43.58 -36.92
C GLN D 178 12.55 43.92 -36.49
N VAL D 179 12.05 45.07 -36.95
CA VAL D 179 10.69 45.47 -36.61
C VAL D 179 9.69 44.44 -37.14
N LEU D 180 9.91 43.99 -38.39
CA LEU D 180 9.04 42.99 -39.00
C LEU D 180 9.11 41.67 -38.22
N LYS D 181 10.29 41.37 -37.68
CA LYS D 181 10.47 40.16 -36.89
C LYS D 181 9.70 40.31 -35.58
N ASN D 182 9.74 41.52 -35.01
CA ASN D 182 9.04 41.79 -33.76
C ASN D 182 7.53 41.64 -33.95
N VAL D 183 7.01 42.14 -35.07
CA VAL D 183 5.59 42.04 -35.35
C VAL D 183 5.15 40.58 -35.26
N VAL D 184 5.95 39.70 -35.84
CA VAL D 184 5.64 38.26 -35.83
C VAL D 184 5.70 37.71 -34.41
N ILE D 185 6.75 38.04 -33.67
CA ILE D 185 6.89 37.56 -32.30
C ILE D 185 5.68 38.00 -31.48
N SER D 186 5.33 39.28 -31.59
CA SER D 186 4.20 39.84 -30.86
C SER D 186 2.89 39.19 -31.26
N ARG D 187 2.68 39.07 -32.57
CA ARG D 187 1.46 38.48 -33.09
C ARG D 187 1.31 37.02 -32.62
N GLU D 188 2.41 36.27 -32.66
CA GLU D 188 2.37 34.88 -32.24
C GLU D 188 2.16 34.74 -30.74
N ASN D 189 2.42 35.80 -30.00
CA ASN D 189 2.23 35.78 -28.55
C ASN D 189 0.86 36.32 -28.15
N GLY D 190 -0.01 36.51 -29.14
CA GLY D 190 -1.36 36.96 -28.88
C GLY D 190 -1.63 38.45 -28.79
N ILE D 191 -0.71 39.29 -29.29
CA ILE D 191 -0.93 40.73 -29.22
C ILE D 191 -2.13 41.10 -30.09
N GLY D 192 -2.86 42.13 -29.70
CA GLY D 192 -4.02 42.54 -30.46
C GLY D 192 -3.79 43.74 -31.39
N GLY D 193 -2.56 44.25 -31.40
CA GLY D 193 -2.26 45.38 -32.24
C GLY D 193 -0.80 45.80 -32.20
N ILE D 194 -0.40 46.60 -33.17
CA ILE D 194 0.99 47.07 -33.27
C ILE D 194 1.06 48.57 -33.41
N LYS D 195 1.97 49.19 -32.66
CA LYS D 195 2.16 50.64 -32.75
C LYS D 195 3.58 50.86 -33.26
N LEU D 196 3.69 51.67 -34.31
CA LEU D 196 4.99 51.97 -34.90
C LEU D 196 5.41 53.40 -34.61
N LYS D 197 6.64 53.59 -34.15
CA LYS D 197 7.15 54.93 -33.87
C LYS D 197 7.47 55.63 -35.19
N VAL D 198 7.01 56.86 -35.34
CA VAL D 198 7.31 57.64 -36.54
C VAL D 198 7.71 59.05 -36.10
N GLY D 199 7.83 59.97 -37.05
CA GLY D 199 8.18 61.33 -36.69
C GLY D 199 9.66 61.66 -36.83
N GLN D 200 10.41 60.83 -37.53
CA GLN D 200 11.84 61.10 -37.72
C GLN D 200 11.98 62.13 -38.84
N PRO D 201 13.13 62.83 -38.89
CA PRO D 201 13.37 63.83 -39.92
C PRO D 201 13.03 63.33 -41.33
N ASN D 202 13.50 62.12 -41.65
CA ASN D 202 13.24 61.53 -42.96
C ASN D 202 11.81 61.00 -43.03
N CYS D 203 10.88 61.85 -43.47
CA CYS D 203 9.47 61.45 -43.57
C CYS D 203 9.27 60.23 -44.47
N ALA D 204 9.99 60.21 -45.59
CA ALA D 204 9.89 59.12 -46.54
C ALA D 204 10.23 57.78 -45.91
N GLU D 205 11.22 57.77 -45.02
CA GLU D 205 11.62 56.53 -44.37
C GLU D 205 10.50 55.99 -43.47
N ASP D 206 9.79 56.89 -42.78
CA ASP D 206 8.70 56.47 -41.92
C ASP D 206 7.60 55.84 -42.78
N ILE D 207 7.31 56.47 -43.92
CA ILE D 207 6.29 55.95 -44.81
C ILE D 207 6.70 54.56 -45.32
N ARG D 208 7.99 54.40 -45.58
CA ARG D 208 8.51 53.13 -46.06
C ARG D 208 8.30 52.05 -45.00
N ARG D 209 8.72 52.34 -43.78
CA ARG D 209 8.58 51.41 -42.67
C ARG D 209 7.12 51.09 -42.39
N LEU D 210 6.27 52.13 -42.41
CA LEU D 210 4.85 51.95 -42.15
C LEU D 210 4.16 51.08 -43.20
N THR D 211 4.47 51.31 -44.48
CA THR D 211 3.88 50.51 -45.54
C THR D 211 4.29 49.06 -45.42
N ALA D 212 5.54 48.83 -45.04
CA ALA D 212 6.06 47.48 -44.87
C ALA D 212 5.34 46.74 -43.75
N VAL D 213 5.12 47.43 -42.63
CA VAL D 213 4.44 46.83 -41.49
C VAL D 213 2.99 46.49 -41.82
N ARG D 214 2.30 47.41 -42.49
CA ARG D 214 0.91 47.16 -42.87
C ARG D 214 0.86 45.99 -43.84
N GLU D 215 1.84 45.96 -44.74
CA GLU D 215 1.94 44.90 -45.74
C GLU D 215 2.06 43.56 -45.02
N ALA D 216 2.99 43.49 -44.06
CA ALA D 216 3.22 42.27 -43.29
C ALA D 216 2.04 41.84 -42.44
N LEU D 217 1.35 42.82 -41.84
CA LEU D 217 0.21 42.54 -40.98
C LEU D 217 -1.06 42.17 -41.70
N GLY D 218 -1.22 42.67 -42.92
CA GLY D 218 -2.43 42.41 -43.66
C GLY D 218 -3.35 43.58 -43.38
N ASP D 219 -4.39 43.73 -44.18
CA ASP D 219 -5.32 44.84 -44.04
C ASP D 219 -6.10 44.99 -42.74
N GLU D 220 -6.43 43.89 -42.07
CA GLU D 220 -7.24 43.95 -40.86
C GLU D 220 -6.59 44.27 -39.51
N PHE D 221 -5.42 43.68 -39.26
CA PHE D 221 -4.76 43.89 -37.97
C PHE D 221 -4.62 45.34 -37.52
N PRO D 222 -5.04 45.61 -36.26
CA PRO D 222 -4.96 46.96 -35.68
C PRO D 222 -3.52 47.50 -35.71
N LEU D 223 -3.35 48.64 -36.36
CA LEU D 223 -2.06 49.28 -36.49
C LEU D 223 -2.18 50.75 -36.14
N MET D 224 -1.23 51.26 -35.36
CA MET D 224 -1.23 52.68 -34.98
C MET D 224 0.18 53.25 -35.07
N VAL D 225 0.30 54.57 -35.12
CA VAL D 225 1.61 55.21 -35.17
C VAL D 225 1.74 56.24 -34.07
N ASP D 226 2.98 56.57 -33.72
CA ASP D 226 3.28 57.50 -32.65
C ASP D 226 4.45 58.41 -33.06
N ALA D 227 4.19 59.71 -33.16
CA ALA D 227 5.22 60.68 -33.56
C ALA D 227 5.94 61.31 -32.37
N ASN D 228 5.45 61.06 -31.16
CA ASN D 228 6.08 61.62 -29.97
C ASN D 228 6.36 63.14 -30.07
N GLN D 229 5.37 63.88 -30.58
CA GLN D 229 5.42 65.34 -30.71
C GLN D 229 6.41 65.88 -31.72
N GLN D 230 7.00 65.04 -32.55
CA GLN D 230 8.03 65.52 -33.46
C GLN D 230 7.70 66.18 -34.80
N TRP D 231 6.43 66.39 -35.11
CA TRP D 231 6.09 67.05 -36.36
C TRP D 231 5.58 68.45 -36.07
N ASP D 232 5.72 69.35 -37.04
CA ASP D 232 5.15 70.68 -36.88
C ASP D 232 3.80 70.52 -37.58
N ARG D 233 2.92 71.51 -37.45
CA ARG D 233 1.61 71.42 -38.07
C ARG D 233 1.59 71.10 -39.57
N GLU D 234 2.49 71.75 -40.32
CA GLU D 234 2.56 71.52 -41.76
C GLU D 234 2.82 70.05 -42.08
N THR D 235 3.82 69.47 -41.42
CA THR D 235 4.18 68.08 -41.65
C THR D 235 3.12 67.11 -41.15
N ALA D 236 2.53 67.43 -40.00
CA ALA D 236 1.50 66.59 -39.41
C ALA D 236 0.33 66.32 -40.37
N ILE D 237 -0.25 67.39 -40.91
CA ILE D 237 -1.38 67.21 -41.83
C ILE D 237 -0.92 66.50 -43.11
N ARG D 238 0.29 66.81 -43.57
CA ARG D 238 0.83 66.17 -44.77
C ARG D 238 0.94 64.66 -44.53
N MET D 239 1.61 64.27 -43.46
CA MET D 239 1.76 62.87 -43.13
C MET D 239 0.39 62.24 -42.85
N GLY D 240 -0.48 63.01 -42.20
CA GLY D 240 -1.82 62.52 -41.91
C GLY D 240 -2.54 62.08 -43.17
N ARG D 241 -2.61 62.99 -44.14
CA ARG D 241 -3.28 62.70 -45.42
C ARG D 241 -2.73 61.42 -46.04
N LYS D 242 -1.41 61.32 -46.07
CA LYS D 242 -0.74 60.18 -46.66
C LYS D 242 -0.93 58.86 -45.91
N MET D 243 -1.30 58.92 -44.63
CA MET D 243 -1.49 57.70 -43.86
C MET D 243 -2.94 57.24 -43.79
N GLU D 244 -3.86 58.02 -44.34
CA GLU D 244 -5.28 57.65 -44.32
C GLU D 244 -5.44 56.26 -44.91
N GLN D 245 -4.64 55.96 -45.94
CA GLN D 245 -4.71 54.68 -46.63
C GLN D 245 -4.40 53.45 -45.78
N PHE D 246 -3.67 53.63 -44.68
CA PHE D 246 -3.33 52.50 -43.83
C PHE D 246 -4.40 52.15 -42.81
N ASN D 247 -5.46 52.96 -42.76
CA ASN D 247 -6.56 52.74 -41.82
C ASN D 247 -6.05 52.47 -40.41
N LEU D 248 -5.23 53.39 -39.91
CA LEU D 248 -4.67 53.28 -38.58
C LEU D 248 -5.74 53.45 -37.51
N ILE D 249 -5.55 52.80 -36.36
CA ILE D 249 -6.49 52.94 -35.25
C ILE D 249 -6.35 54.38 -34.75
N TRP D 250 -5.14 54.93 -34.86
CA TRP D 250 -4.90 56.30 -34.46
C TRP D 250 -3.49 56.77 -34.79
N ILE D 251 -3.32 58.10 -34.76
CA ILE D 251 -2.02 58.75 -34.98
C ILE D 251 -1.82 59.42 -33.63
N GLU D 252 -0.76 59.05 -32.93
CA GLU D 252 -0.50 59.57 -31.61
C GLU D 252 0.53 60.68 -31.55
N GLU D 253 0.29 61.65 -30.66
CA GLU D 253 1.18 62.78 -30.46
C GLU D 253 1.82 63.31 -31.74
N PRO D 254 1.00 63.73 -32.71
CA PRO D 254 1.58 64.26 -33.95
C PRO D 254 2.30 65.57 -33.68
N LEU D 255 1.83 66.30 -32.67
CA LEU D 255 2.40 67.61 -32.34
C LEU D 255 2.76 67.76 -30.86
N ASP D 256 3.33 68.91 -30.52
CA ASP D 256 3.70 69.23 -29.15
C ASP D 256 2.49 68.89 -28.27
N ALA D 257 2.74 68.26 -27.14
CA ALA D 257 1.69 67.85 -26.21
C ALA D 257 0.78 68.98 -25.78
N TYR D 258 1.26 70.22 -25.87
CA TYR D 258 0.45 71.35 -25.46
C TYR D 258 -0.14 72.15 -26.60
N ASP D 259 0.03 71.68 -27.83
CA ASP D 259 -0.55 72.37 -28.97
C ASP D 259 -1.99 71.91 -29.12
N ILE D 260 -2.87 72.43 -28.28
CA ILE D 260 -4.28 72.08 -28.28
C ILE D 260 -4.99 72.32 -29.61
N GLU D 261 -4.94 73.55 -30.11
CA GLU D 261 -5.61 73.86 -31.37
C GLU D 261 -4.98 73.08 -32.53
N GLY D 262 -3.69 72.83 -32.44
CA GLY D 262 -3.03 72.07 -33.49
C GLY D 262 -3.61 70.68 -33.56
N HIS D 263 -3.75 70.03 -32.41
CA HIS D 263 -4.30 68.68 -32.36
C HIS D 263 -5.76 68.73 -32.82
N ALA D 264 -6.53 69.64 -32.23
CA ALA D 264 -7.94 69.78 -32.59
C ALA D 264 -8.09 69.89 -34.09
N GLN D 265 -7.24 70.71 -34.71
CA GLN D 265 -7.27 70.92 -36.15
C GLN D 265 -7.03 69.63 -36.93
N LEU D 266 -6.04 68.85 -36.51
CA LEU D 266 -5.74 67.59 -37.17
C LEU D 266 -6.90 66.60 -37.00
N ALA D 267 -7.45 66.56 -35.79
CA ALA D 267 -8.56 65.66 -35.47
C ALA D 267 -9.77 65.95 -36.38
N ALA D 268 -10.08 67.24 -36.55
CA ALA D 268 -11.21 67.64 -37.38
C ALA D 268 -10.96 67.44 -38.87
N ALA D 269 -9.70 67.55 -39.29
CA ALA D 269 -9.36 67.39 -40.70
C ALA D 269 -9.23 65.96 -41.20
N LEU D 270 -8.83 65.05 -40.32
CA LEU D 270 -8.64 63.66 -40.73
C LEU D 270 -9.71 62.72 -40.17
N ASP D 271 -9.99 61.65 -40.91
CA ASP D 271 -10.96 60.66 -40.46
C ASP D 271 -10.23 59.78 -39.44
N THR D 272 -8.94 59.55 -39.68
CA THR D 272 -8.12 58.75 -38.78
C THR D 272 -8.15 59.40 -37.41
N PRO D 273 -8.37 58.59 -36.36
CA PRO D 273 -8.40 59.17 -35.01
C PRO D 273 -7.05 59.75 -34.60
N ILE D 274 -7.10 60.74 -33.72
CA ILE D 274 -5.91 61.39 -33.20
C ILE D 274 -5.87 61.07 -31.71
N ALA D 275 -4.69 60.75 -31.20
CA ALA D 275 -4.54 60.41 -29.79
C ALA D 275 -3.41 61.22 -29.16
N THR D 276 -3.60 61.61 -27.90
CA THR D 276 -2.58 62.37 -27.19
C THR D 276 -2.87 62.46 -25.69
N GLY D 277 -1.89 62.98 -24.94
CA GLY D 277 -2.08 63.15 -23.51
C GLY D 277 -1.11 62.49 -22.56
N GLU D 278 -0.34 61.51 -23.04
CA GLU D 278 0.58 60.82 -22.16
C GLU D 278 1.54 61.73 -21.38
N MET D 279 1.96 62.84 -21.97
CA MET D 279 2.88 63.76 -21.31
C MET D 279 2.26 64.68 -20.27
N LEU D 280 0.93 64.81 -20.28
CA LEU D 280 0.26 65.69 -19.33
C LEU D 280 0.43 65.19 -17.90
N THR D 281 0.52 66.12 -16.95
CA THR D 281 0.76 65.76 -15.57
C THR D 281 -0.29 66.22 -14.55
N SER D 282 -1.55 66.20 -14.94
CA SER D 282 -2.62 66.60 -14.01
C SER D 282 -3.98 66.54 -14.69
N PHE D 283 -5.02 66.55 -13.87
CA PHE D 283 -6.38 66.57 -14.39
C PHE D 283 -6.54 67.86 -15.19
N ARG D 284 -6.16 68.98 -14.58
CA ARG D 284 -6.26 70.31 -15.21
C ARG D 284 -5.72 70.30 -16.64
N GLU D 285 -4.52 69.77 -16.81
CA GLU D 285 -3.90 69.72 -18.12
C GLU D 285 -4.74 68.91 -19.11
N HIS D 286 -5.23 67.75 -18.66
CA HIS D 286 -6.05 66.92 -19.55
C HIS D 286 -7.37 67.61 -19.86
N GLU D 287 -7.87 68.36 -18.88
CA GLU D 287 -9.14 69.07 -19.04
C GLU D 287 -9.03 70.12 -20.15
N GLN D 288 -7.92 70.84 -20.18
CA GLN D 288 -7.72 71.85 -21.21
C GLN D 288 -7.71 71.21 -22.59
N LEU D 289 -7.07 70.05 -22.72
CA LEU D 289 -7.04 69.40 -24.02
C LEU D 289 -8.41 68.85 -24.41
N ILE D 290 -9.14 68.30 -23.44
CA ILE D 290 -10.46 67.75 -23.73
C ILE D 290 -11.47 68.85 -24.08
N LEU D 291 -11.48 69.94 -23.32
CA LEU D 291 -12.39 71.04 -23.62
C LEU D 291 -12.05 71.63 -24.98
N GLY D 292 -10.80 71.49 -25.40
CA GLY D 292 -10.37 72.02 -26.67
C GLY D 292 -10.53 71.03 -27.81
N ASN D 293 -11.13 69.88 -27.53
CA ASN D 293 -11.34 68.84 -28.55
C ASN D 293 -10.06 68.45 -29.29
N ALA D 294 -8.99 68.30 -28.54
CA ALA D 294 -7.70 67.94 -29.10
C ALA D 294 -7.60 66.56 -29.72
N SER D 295 -8.29 65.57 -29.15
CA SER D 295 -8.17 64.23 -29.70
C SER D 295 -9.36 63.29 -29.49
N ASP D 296 -9.40 62.26 -30.34
CA ASP D 296 -10.43 61.24 -30.34
C ASP D 296 -10.14 60.23 -29.24
N PHE D 297 -8.86 60.00 -28.98
CA PHE D 297 -8.43 59.09 -27.93
C PHE D 297 -7.71 59.91 -26.88
N VAL D 298 -8.10 59.75 -25.63
CA VAL D 298 -7.47 60.45 -24.52
C VAL D 298 -6.53 59.41 -23.90
N GLN D 299 -5.27 59.80 -23.71
CA GLN D 299 -4.27 58.89 -23.18
C GLN D 299 -3.64 59.36 -21.87
N PRO D 300 -4.36 59.18 -20.75
CA PRO D 300 -3.81 59.61 -19.47
C PRO D 300 -2.78 58.57 -18.98
N ASP D 301 -2.01 58.95 -17.97
CA ASP D 301 -0.97 58.09 -17.40
C ASP D 301 -1.13 58.32 -15.90
N ALA D 302 -1.68 57.33 -15.20
CA ALA D 302 -1.92 57.46 -13.76
C ALA D 302 -0.69 57.96 -12.99
N PRO D 303 0.46 57.33 -13.20
CA PRO D 303 1.66 57.81 -12.48
C PRO D 303 1.95 59.27 -12.77
N ARG D 304 1.89 59.65 -14.04
CA ARG D 304 2.17 61.01 -14.47
C ARG D 304 1.18 62.08 -13.99
N VAL D 305 -0.10 61.75 -13.90
CA VAL D 305 -1.10 62.73 -13.50
C VAL D 305 -1.37 62.86 -12.01
N GLY D 306 -0.67 62.08 -11.20
CA GLY D 306 -0.88 62.15 -9.77
C GLY D 306 -1.56 60.93 -9.16
N GLY D 307 -1.69 59.85 -9.93
CA GLY D 307 -2.30 58.63 -9.39
C GLY D 307 -3.66 58.21 -9.94
N ILE D 308 -4.23 57.19 -9.29
CA ILE D 308 -5.54 56.69 -9.69
C ILE D 308 -6.66 57.70 -9.44
N SER D 309 -6.63 58.36 -8.29
CA SER D 309 -7.67 59.34 -7.95
C SER D 309 -7.87 60.37 -9.06
N PRO D 310 -6.82 61.09 -9.46
CA PRO D 310 -7.05 62.06 -10.54
C PRO D 310 -7.39 61.37 -11.86
N PHE D 311 -6.79 60.21 -12.10
CA PHE D 311 -7.03 59.46 -13.33
C PHE D 311 -8.52 59.13 -13.51
N LEU D 312 -9.19 58.83 -12.39
CA LEU D 312 -10.61 58.52 -12.43
C LEU D 312 -11.40 59.75 -12.92
N LYS D 313 -11.02 60.93 -12.44
CA LYS D 313 -11.70 62.16 -12.84
C LYS D 313 -11.48 62.41 -14.33
N ILE D 314 -10.29 62.11 -14.82
CA ILE D 314 -9.99 62.31 -16.23
C ILE D 314 -10.85 61.36 -17.06
N MET D 315 -10.99 60.12 -16.59
CA MET D 315 -11.80 59.13 -17.29
C MET D 315 -13.22 59.61 -17.46
N ASP D 316 -13.81 60.12 -16.38
CA ASP D 316 -15.19 60.60 -16.45
C ASP D 316 -15.34 61.77 -17.41
N LEU D 317 -14.38 62.68 -17.41
CA LEU D 317 -14.43 63.83 -18.31
C LEU D 317 -14.38 63.34 -19.74
N ALA D 318 -13.41 62.48 -20.03
CA ALA D 318 -13.25 61.92 -21.37
C ALA D 318 -14.53 61.26 -21.85
N ALA D 319 -15.10 60.41 -21.00
CA ALA D 319 -16.33 59.69 -21.33
C ALA D 319 -17.46 60.67 -21.64
N LYS D 320 -17.59 61.70 -20.81
CA LYS D 320 -18.63 62.71 -21.00
C LYS D 320 -18.50 63.36 -22.39
N HIS D 321 -17.25 63.51 -22.87
CA HIS D 321 -17.02 64.10 -24.19
C HIS D 321 -16.96 63.04 -25.28
N GLY D 322 -17.44 61.84 -24.97
CA GLY D 322 -17.47 60.76 -25.94
C GLY D 322 -16.16 60.27 -26.53
N ARG D 323 -15.06 60.43 -25.80
CA ARG D 323 -13.75 60.00 -26.29
C ARG D 323 -13.39 58.57 -25.86
N LYS D 324 -12.53 57.92 -26.64
CA LYS D 324 -12.06 56.57 -26.31
C LYS D 324 -10.88 56.74 -25.35
N LEU D 325 -10.55 55.68 -24.63
CA LEU D 325 -9.44 55.73 -23.68
C LEU D 325 -8.34 54.77 -24.09
N ALA D 326 -7.10 55.24 -24.05
CA ALA D 326 -5.93 54.42 -24.37
C ALA D 326 -4.82 54.90 -23.44
N PRO D 327 -4.82 54.42 -22.19
CA PRO D 327 -3.82 54.80 -21.19
C PRO D 327 -2.40 54.52 -21.69
N HIS D 328 -1.45 55.32 -21.22
CA HIS D 328 -0.07 55.18 -21.64
C HIS D 328 0.83 54.42 -20.66
N PHE D 329 1.58 53.45 -21.17
CA PHE D 329 2.52 52.70 -20.37
C PHE D 329 1.84 52.04 -19.15
N ALA D 330 2.62 51.77 -18.12
CA ALA D 330 2.18 51.17 -16.86
C ALA D 330 0.93 50.28 -16.97
N MET D 331 0.99 49.28 -17.84
CA MET D 331 -0.15 48.40 -18.03
C MET D 331 -0.55 47.70 -16.73
N GLU D 332 0.43 47.49 -15.84
CA GLU D 332 0.17 46.83 -14.56
C GLU D 332 -0.89 47.59 -13.76
N VAL D 333 -0.99 48.89 -14.01
CA VAL D 333 -2.00 49.70 -13.31
C VAL D 333 -3.17 50.01 -14.24
N HIS D 334 -2.84 50.42 -15.46
CA HIS D 334 -3.86 50.80 -16.43
C HIS D 334 -4.82 49.69 -16.85
N LEU D 335 -4.43 48.44 -16.67
CA LEU D 335 -5.31 47.32 -17.02
C LEU D 335 -6.62 47.46 -16.25
N HIS D 336 -6.50 47.76 -14.96
CA HIS D 336 -7.65 47.93 -14.07
C HIS D 336 -8.49 49.16 -14.39
N LEU D 337 -7.82 50.27 -14.67
CA LEU D 337 -8.51 51.52 -14.97
C LEU D 337 -9.26 51.43 -16.31
N SER D 338 -8.60 50.92 -17.34
CA SER D 338 -9.26 50.80 -18.63
C SER D 338 -10.39 49.77 -18.57
N ALA D 339 -10.24 48.76 -17.72
CA ALA D 339 -11.30 47.76 -17.58
C ALA D 339 -12.55 48.44 -17.04
N ALA D 340 -12.35 49.52 -16.29
CA ALA D 340 -13.45 50.27 -15.70
C ALA D 340 -14.04 51.34 -16.62
N TYR D 341 -13.40 51.58 -17.77
CA TYR D 341 -13.90 52.61 -18.70
C TYR D 341 -15.14 52.12 -19.46
N PRO D 342 -16.19 52.95 -19.57
CA PRO D 342 -17.42 52.60 -20.26
C PRO D 342 -17.29 52.27 -21.75
N LEU D 343 -16.42 52.98 -22.48
CA LEU D 343 -16.23 52.69 -23.91
C LEU D 343 -15.04 51.75 -24.10
N GLU D 344 -15.06 50.97 -25.18
CA GLU D 344 -14.00 50.00 -25.44
C GLU D 344 -12.63 50.69 -25.53
N PRO D 345 -11.72 50.38 -24.58
CA PRO D 345 -10.38 50.97 -24.55
C PRO D 345 -9.27 50.09 -25.12
N TRP D 346 -8.06 50.62 -25.08
CA TRP D 346 -6.86 49.90 -25.53
C TRP D 346 -5.84 49.97 -24.40
N LEU D 347 -5.04 48.93 -24.28
CA LEU D 347 -4.00 48.86 -23.26
C LEU D 347 -2.65 48.78 -23.98
N GLU D 348 -1.67 49.53 -23.50
CA GLU D 348 -0.36 49.55 -24.11
C GLU D 348 0.61 48.59 -23.44
N HIS D 349 1.26 47.77 -24.26
CA HIS D 349 2.20 46.78 -23.73
C HIS D 349 3.69 47.08 -23.92
N PHE D 350 4.43 46.85 -22.83
CA PHE D 350 5.89 46.98 -22.76
C PHE D 350 6.24 45.81 -21.85
N GLU D 351 7.38 45.18 -22.03
CA GLU D 351 7.78 44.08 -21.15
C GLU D 351 8.72 44.59 -20.08
N TRP D 352 9.16 45.83 -20.24
CA TRP D 352 10.11 46.47 -19.33
C TRP D 352 9.91 46.27 -17.84
N LEU D 353 8.67 46.40 -17.36
CA LEU D 353 8.41 46.25 -15.93
C LEU D 353 8.14 44.84 -15.44
N ASN D 354 8.10 43.86 -16.35
CA ASN D 354 7.84 42.47 -15.95
C ASN D 354 8.73 41.97 -14.80
N PRO D 355 10.05 42.26 -14.85
CA PRO D 355 10.99 41.83 -13.81
C PRO D 355 10.74 42.38 -12.41
N LEU D 356 9.97 43.47 -12.30
CA LEU D 356 9.72 44.07 -10.99
C LEU D 356 8.73 43.28 -10.15
N PHE D 357 7.94 42.45 -10.80
CA PHE D 357 6.92 41.69 -10.08
C PHE D 357 7.04 40.19 -10.22
N ASN D 358 6.50 39.48 -9.24
CA ASN D 358 6.53 38.03 -9.26
C ASN D 358 5.48 37.45 -10.20
N GLU D 359 4.40 38.20 -10.41
CA GLU D 359 3.32 37.73 -11.27
C GLU D 359 3.33 38.40 -12.64
N GLN D 360 2.91 37.66 -13.67
CA GLN D 360 2.85 38.18 -15.02
C GLN D 360 1.40 38.19 -15.50
N LEU D 361 1.05 39.17 -16.32
CA LEU D 361 -0.30 39.28 -16.86
C LEU D 361 -0.49 38.31 -18.03
N GLU D 362 -1.70 37.78 -18.17
CA GLU D 362 -1.99 36.85 -19.25
C GLU D 362 -2.45 37.58 -20.52
N LEU D 363 -1.63 37.46 -21.57
CA LEU D 363 -1.96 38.07 -22.86
C LEU D 363 -2.44 36.94 -23.74
N ARG D 364 -3.68 37.04 -24.22
CA ARG D 364 -4.23 35.99 -25.04
C ARG D 364 -5.34 36.43 -25.98
N ASP D 365 -5.25 35.97 -27.22
CA ASP D 365 -6.24 36.30 -28.23
C ASP D 365 -6.41 37.81 -28.40
N GLY D 366 -5.30 38.54 -28.41
CA GLY D 366 -5.33 39.98 -28.58
C GLY D 366 -5.74 40.80 -27.36
N ARG D 367 -6.02 40.15 -26.23
CA ARG D 367 -6.44 40.87 -25.03
C ARG D 367 -5.65 40.49 -23.77
N MET D 368 -5.58 41.43 -22.84
CA MET D 368 -4.88 41.21 -21.58
C MET D 368 -6.01 40.92 -20.57
N TRP D 369 -5.90 39.78 -19.88
CA TRP D 369 -6.95 39.40 -18.93
C TRP D 369 -6.66 39.77 -17.49
N ILE D 370 -7.70 40.21 -16.80
CA ILE D 370 -7.58 40.59 -15.40
C ILE D 370 -7.58 39.31 -14.57
N SER D 371 -6.52 39.10 -13.80
CA SER D 371 -6.43 37.90 -12.97
C SER D 371 -7.33 38.05 -11.75
N ASP D 372 -7.46 36.98 -10.97
CA ASP D 372 -8.30 37.03 -9.78
C ASP D 372 -7.54 37.58 -8.57
N ARG D 373 -6.27 37.94 -8.76
CA ARG D 373 -5.48 38.48 -7.66
C ARG D 373 -6.04 39.83 -7.21
N HIS D 374 -5.97 40.10 -5.91
CA HIS D 374 -6.52 41.32 -5.35
C HIS D 374 -5.71 42.61 -5.58
N GLY D 375 -6.40 43.75 -5.54
CA GLY D 375 -5.75 45.03 -5.76
C GLY D 375 -5.13 45.02 -7.15
N LEU D 376 -3.91 45.55 -7.26
CA LEU D 376 -3.24 45.59 -8.55
C LEU D 376 -2.91 44.17 -9.01
N GLY D 377 -2.77 43.25 -8.05
CA GLY D 377 -2.46 41.87 -8.39
C GLY D 377 -0.98 41.61 -8.62
N PHE D 378 -0.12 42.40 -7.98
CA PHE D 378 1.32 42.22 -8.13
C PHE D 378 2.03 42.31 -6.80
N THR D 379 3.14 41.59 -6.68
CA THR D 379 3.97 41.64 -5.47
C THR D 379 5.38 41.94 -5.96
N LEU D 380 6.12 42.76 -5.21
CA LEU D 380 7.48 43.13 -5.58
C LEU D 380 8.42 41.93 -5.62
N SER D 381 9.19 41.82 -6.69
CA SER D 381 10.13 40.72 -6.87
C SER D 381 11.45 41.03 -6.17
N GLU D 382 12.30 40.01 -6.05
CA GLU D 382 13.61 40.17 -5.44
C GLU D 382 14.43 41.11 -6.33
N GLN D 383 14.22 41.00 -7.63
CA GLN D 383 14.92 41.85 -8.60
C GLN D 383 14.63 43.33 -8.35
N ALA D 384 13.40 43.64 -7.94
CA ALA D 384 13.01 45.01 -7.66
C ALA D 384 13.83 45.54 -6.49
N ARG D 385 14.09 44.66 -5.51
CA ARG D 385 14.89 45.05 -4.36
C ARG D 385 16.34 45.26 -4.79
N ARG D 386 16.83 44.37 -5.64
CA ARG D 386 18.20 44.45 -6.12
C ARG D 386 18.43 45.75 -6.90
N TRP D 387 17.42 46.19 -7.65
CA TRP D 387 17.53 47.41 -8.43
C TRP D 387 17.23 48.67 -7.62
N THR D 388 16.90 48.51 -6.35
CA THR D 388 16.61 49.66 -5.49
C THR D 388 17.91 50.37 -5.14
N GLN D 389 17.96 51.69 -5.32
CA GLN D 389 19.17 52.44 -5.01
C GLN D 389 19.04 53.24 -3.72
N LEU D 390 17.84 53.76 -3.46
CA LEU D 390 17.60 54.52 -2.24
C LEU D 390 16.32 54.00 -1.62
N THR D 391 16.21 54.10 -0.30
CA THR D 391 15.00 53.66 0.38
C THR D 391 14.92 54.33 1.73
N CYS D 392 13.71 54.45 2.26
CA CYS D 392 13.50 55.06 3.56
C CYS D 392 12.20 54.52 4.13
N GLU D 393 12.03 54.63 5.44
CA GLU D 393 10.83 54.14 6.09
C GLU D 393 10.33 55.10 7.15
N PHE D 394 9.04 55.00 7.46
CA PHE D 394 8.40 55.85 8.45
C PHE D 394 7.49 54.96 9.29
N GLY D 395 7.37 55.28 10.58
CA GLY D 395 6.53 54.49 11.44
C GLY D 395 7.15 53.17 11.83
N LYS D 396 6.32 52.17 12.11
CA LYS D 396 6.82 50.86 12.50
C LYS D 396 5.92 49.76 11.97
N ARG D 397 6.50 48.74 11.36
CA ARG D 397 5.74 47.64 10.82
C ARG D 397 4.79 47.09 11.88
N PRO D 398 3.51 46.94 11.53
CA PRO D 398 2.50 46.41 12.47
C PRO D 398 2.84 44.99 12.92
N SER E 4 19.49 -36.52 -31.72
CA SER E 4 18.43 -35.91 -30.87
C SER E 4 18.79 -36.19 -29.40
N ALA E 5 19.16 -37.44 -29.13
CA ALA E 5 19.56 -37.82 -27.77
C ALA E 5 21.07 -37.63 -27.64
N ASN E 6 21.72 -37.39 -28.78
CA ASN E 6 23.16 -37.17 -28.81
C ASN E 6 23.52 -36.26 -29.99
N SER E 7 24.79 -35.84 -30.06
CA SER E 7 25.28 -34.98 -31.12
C SER E 7 26.72 -35.38 -31.44
N ASP E 8 27.40 -34.60 -32.28
CA ASP E 8 28.78 -34.92 -32.65
C ASP E 8 29.76 -34.59 -31.55
N ALA E 9 29.40 -33.62 -30.71
CA ALA E 9 30.25 -33.21 -29.62
C ALA E 9 29.84 -33.94 -28.35
N VAL E 10 29.45 -33.17 -27.33
CA VAL E 10 29.04 -33.73 -26.05
C VAL E 10 28.26 -32.64 -25.32
N THR E 11 27.14 -32.99 -24.72
CA THR E 11 26.37 -32.00 -23.99
C THR E 11 26.03 -32.40 -22.55
N TYR E 12 25.93 -31.39 -21.70
CA TYR E 12 25.63 -31.58 -20.28
C TYR E 12 24.44 -30.73 -19.90
N ALA E 13 23.54 -31.29 -19.11
CA ALA E 13 22.36 -30.58 -18.65
C ALA E 13 22.70 -29.78 -17.40
N LYS E 14 21.82 -28.87 -17.02
CA LYS E 14 22.03 -28.06 -15.83
C LYS E 14 20.76 -28.04 -14.98
N ARG E 19 19.57 -29.19 -4.43
CA ARG E 19 19.24 -29.78 -3.14
C ARG E 19 19.68 -31.24 -3.10
N THR E 20 20.65 -31.53 -2.26
CA THR E 20 21.24 -32.87 -2.14
C THR E 20 20.73 -33.75 -1.00
N ALA E 21 20.95 -35.05 -1.15
CA ALA E 21 20.54 -36.03 -0.15
C ALA E 21 21.35 -35.81 1.14
N ALA E 22 22.57 -35.30 0.99
CA ALA E 22 23.45 -35.06 2.13
C ALA E 22 22.89 -33.95 3.02
N GLU E 23 22.46 -32.86 2.41
CA GLU E 23 21.95 -31.72 3.17
C GLU E 23 20.54 -31.88 3.72
N THR E 24 19.77 -32.83 3.20
CA THR E 24 18.40 -33.00 3.66
C THR E 24 18.16 -34.23 4.53
N GLY E 25 19.13 -35.14 4.59
CA GLY E 25 18.94 -36.34 5.37
C GLY E 25 18.68 -36.16 6.86
N ASP E 26 18.05 -37.17 7.46
CA ASP E 26 17.77 -37.16 8.89
C ASP E 26 19.10 -37.24 9.66
N ARG E 27 19.06 -36.99 10.96
CA ARG E 27 20.26 -37.02 11.79
C ARG E 27 19.98 -37.62 13.16
N ILE E 28 20.90 -38.41 13.69
CA ILE E 28 20.73 -39.01 15.01
C ILE E 28 21.03 -37.91 16.03
N GLU E 29 20.15 -37.74 17.02
CA GLU E 29 20.38 -36.69 18.02
C GLU E 29 20.44 -37.19 19.45
N TRP E 30 19.97 -38.40 19.67
CA TRP E 30 19.95 -38.97 21.02
C TRP E 30 20.15 -40.48 20.98
N VAL E 31 20.86 -40.99 21.97
CA VAL E 31 21.12 -42.43 22.10
C VAL E 31 21.11 -42.80 23.58
N LYS E 32 20.45 -43.90 23.91
CA LYS E 32 20.41 -44.39 25.29
C LYS E 32 20.79 -45.86 25.31
N LEU E 33 21.78 -46.20 26.13
CA LEU E 33 22.21 -47.60 26.25
C LEU E 33 21.84 -48.14 27.62
N SER E 34 21.47 -49.41 27.68
CA SER E 34 21.10 -50.02 28.97
C SER E 34 21.66 -51.42 29.07
N LEU E 35 22.09 -51.77 30.28
CA LEU E 35 22.57 -53.11 30.56
C LEU E 35 21.57 -53.65 31.57
N ALA E 36 20.79 -54.63 31.16
CA ALA E 36 19.78 -55.19 32.06
C ALA E 36 20.05 -56.67 32.26
N PHE E 37 19.50 -57.24 33.32
CA PHE E 37 19.68 -58.65 33.58
C PHE E 37 18.36 -59.36 33.75
N LEU E 38 18.20 -60.40 32.94
CA LEU E 38 17.00 -61.22 32.91
C LEU E 38 17.21 -62.38 33.88
N PRO E 39 16.53 -62.34 35.04
CA PRO E 39 16.69 -63.43 36.00
C PRO E 39 16.00 -64.73 35.60
N LEU E 40 16.65 -65.86 35.84
CA LEU E 40 16.09 -67.16 35.54
C LEU E 40 15.86 -67.87 36.87
N ALA E 41 14.59 -67.92 37.30
CA ALA E 41 14.22 -68.55 38.57
C ALA E 41 14.73 -69.97 38.65
N THR E 42 14.65 -70.69 37.53
CA THR E 42 15.11 -72.06 37.48
C THR E 42 16.46 -72.14 36.77
N PRO E 43 17.54 -72.39 37.52
CA PRO E 43 18.88 -72.48 36.92
C PRO E 43 18.85 -73.45 35.74
N VAL E 44 19.44 -73.02 34.63
CA VAL E 44 19.44 -73.81 33.40
C VAL E 44 20.77 -74.53 33.12
N SER E 45 20.67 -75.83 32.79
CA SER E 45 21.85 -76.61 32.49
C SER E 45 21.77 -77.44 31.20
N ASP E 46 22.65 -77.17 30.26
CA ASP E 46 22.72 -77.99 29.06
C ASP E 46 23.96 -78.86 29.27
N ALA E 47 24.39 -79.60 28.25
CA ALA E 47 25.54 -80.48 28.41
C ALA E 47 26.83 -79.80 28.89
N LYS E 48 26.98 -78.51 28.59
CA LYS E 48 28.19 -77.79 29.00
C LYS E 48 28.33 -77.79 30.53
N VAL E 49 27.21 -77.86 31.21
CA VAL E 49 27.22 -77.89 32.67
C VAL E 49 27.46 -79.31 33.18
N LEU E 50 26.83 -80.30 32.55
CA LEU E 50 27.01 -81.68 32.98
C LEU E 50 28.41 -82.22 32.72
N THR E 51 29.17 -81.59 31.83
CA THR E 51 30.54 -82.05 31.56
C THR E 51 31.52 -81.24 32.41
N GLY E 52 30.99 -80.28 33.16
CA GLY E 52 31.83 -79.46 34.03
C GLY E 52 32.48 -78.26 33.39
N ARG E 53 32.17 -77.98 32.12
CA ARG E 53 32.75 -76.84 31.44
C ARG E 53 32.22 -75.51 32.00
N GLN E 54 30.98 -75.50 32.46
CA GLN E 54 30.35 -74.28 32.99
C GLN E 54 29.42 -74.56 34.16
N LYS E 55 28.99 -73.48 34.82
CA LYS E 55 28.06 -73.55 35.93
C LYS E 55 26.66 -73.29 35.38
N PRO E 56 25.62 -73.69 36.11
CA PRO E 56 24.26 -73.46 35.61
C PRO E 56 24.03 -71.97 35.26
N LEU E 57 23.18 -71.72 34.27
CA LEU E 57 22.85 -70.37 33.86
C LEU E 57 21.73 -69.84 34.76
N THR E 58 21.94 -68.69 35.39
CA THR E 58 20.92 -68.13 36.29
C THR E 58 20.35 -66.79 35.86
N GLU E 59 20.88 -66.23 34.79
CA GLU E 59 20.41 -64.94 34.31
C GLU E 59 20.98 -64.69 32.92
N VAL E 60 20.40 -63.71 32.23
CA VAL E 60 20.85 -63.36 30.90
C VAL E 60 21.07 -61.85 30.81
N ALA E 61 22.26 -61.44 30.38
CA ALA E 61 22.56 -60.03 30.23
C ALA E 61 21.91 -59.55 28.94
N ILE E 62 21.28 -58.38 28.99
CA ILE E 62 20.62 -57.80 27.84
C ILE E 62 21.16 -56.37 27.66
N ILE E 63 21.78 -56.08 26.53
CA ILE E 63 22.31 -54.75 26.27
C ILE E 63 21.39 -54.09 25.25
N ILE E 64 20.73 -53.01 25.68
CA ILE E 64 19.78 -52.32 24.81
C ILE E 64 20.26 -50.98 24.30
N ALA E 65 19.87 -50.65 23.07
CA ALA E 65 20.22 -49.37 22.47
C ALA E 65 18.92 -48.76 21.96
N GLU E 66 18.74 -47.47 22.21
CA GLU E 66 17.56 -46.73 21.76
C GLU E 66 18.12 -45.51 21.06
N ILE E 67 17.66 -45.28 19.82
CA ILE E 67 18.17 -44.16 19.02
C ILE E 67 17.03 -43.29 18.50
N ARG E 68 17.18 -41.98 18.64
CA ARG E 68 16.17 -41.05 18.18
C ARG E 68 16.75 -40.06 17.20
N SER E 69 16.01 -39.82 16.11
CA SER E 69 16.47 -38.89 15.09
C SER E 69 15.80 -37.53 15.16
N ARG E 70 16.46 -36.55 14.54
CA ARG E 70 15.96 -35.18 14.48
C ARG E 70 14.54 -35.15 13.94
N ASP E 71 14.30 -35.89 12.85
CA ASP E 71 12.98 -35.88 12.23
C ASP E 71 11.90 -36.72 12.90
N GLY E 72 12.15 -37.15 14.13
CA GLY E 72 11.14 -37.88 14.87
C GLY E 72 11.06 -39.38 14.83
N PHE E 73 12.07 -40.04 14.27
CA PHE E 73 12.05 -41.49 14.23
C PHE E 73 12.86 -42.09 15.37
N GLU E 74 12.49 -43.30 15.77
CA GLU E 74 13.17 -43.97 16.86
C GLU E 74 13.37 -45.45 16.54
N GLY E 75 14.48 -46.00 17.02
CA GLY E 75 14.76 -47.40 16.79
C GLY E 75 15.25 -48.03 18.08
N VAL E 76 14.93 -49.31 18.26
CA VAL E 76 15.36 -50.03 19.43
C VAL E 76 15.98 -51.35 18.99
N GLY E 77 17.02 -51.79 19.68
CA GLY E 77 17.69 -53.04 19.34
C GLY E 77 18.44 -53.57 20.55
N PHE E 78 18.91 -54.82 20.49
CA PHE E 78 19.64 -55.37 21.61
C PHE E 78 20.54 -56.54 21.28
N SER E 79 21.47 -56.82 22.18
CA SER E 79 22.34 -57.97 22.06
C SER E 79 22.27 -58.55 23.48
N TYR E 80 22.97 -59.64 23.73
CA TYR E 80 22.89 -60.26 25.05
C TYR E 80 24.13 -61.08 25.32
N SER E 81 24.16 -61.66 26.52
CA SER E 81 25.23 -62.55 26.90
C SER E 81 24.73 -63.55 27.91
N LYS E 82 25.02 -64.82 27.65
CA LYS E 82 24.65 -65.87 28.60
C LYS E 82 25.98 -66.19 29.28
N ARG E 83 26.07 -65.75 30.54
CA ARG E 83 27.27 -65.87 31.36
C ARG E 83 28.13 -64.63 31.09
N ALA E 84 29.39 -64.62 31.49
CA ALA E 84 30.22 -63.43 31.32
C ALA E 84 30.33 -62.85 29.92
N GLY E 85 30.15 -61.54 29.83
CA GLY E 85 30.25 -60.86 28.55
C GLY E 85 29.41 -59.59 28.49
N GLY E 86 28.32 -59.59 29.23
CA GLY E 86 27.44 -58.42 29.25
C GLY E 86 28.08 -57.12 29.69
N GLN E 87 28.92 -57.17 30.72
CA GLN E 87 29.57 -55.97 31.23
C GLN E 87 30.46 -55.37 30.15
N GLY E 88 31.18 -56.25 29.44
CA GLY E 88 32.08 -55.82 28.39
C GLY E 88 31.35 -55.26 27.19
N ILE E 89 30.25 -55.89 26.81
CA ILE E 89 29.49 -55.43 25.64
C ILE E 89 28.95 -54.03 25.92
N TYR E 90 28.34 -53.86 27.09
CA TYR E 90 27.79 -52.57 27.48
C TYR E 90 28.88 -51.50 27.55
N ALA E 91 29.98 -51.83 28.22
CA ALA E 91 31.09 -50.89 28.36
C ALA E 91 31.62 -50.38 27.02
N HIS E 92 31.84 -51.29 26.08
CA HIS E 92 32.35 -50.86 24.78
C HIS E 92 31.29 -50.04 24.06
N ALA E 93 30.04 -50.50 24.08
CA ALA E 93 28.98 -49.75 23.41
C ALA E 93 28.97 -48.32 23.97
N LYS E 94 29.12 -48.21 25.28
CA LYS E 94 29.13 -46.91 25.94
C LYS E 94 30.32 -46.06 25.48
N GLU E 95 31.48 -46.69 25.30
CA GLU E 95 32.65 -45.95 24.89
C GLU E 95 32.64 -45.52 23.42
N ILE E 96 31.75 -46.07 22.60
CA ILE E 96 31.72 -45.68 21.18
C ILE E 96 30.42 -45.03 20.72
N ALA E 97 29.38 -45.12 21.55
CA ALA E 97 28.07 -44.59 21.20
C ALA E 97 27.99 -43.13 20.73
N ASP E 98 28.77 -42.24 21.32
CA ASP E 98 28.68 -40.84 20.92
C ASP E 98 29.06 -40.61 19.45
N ASN E 99 29.70 -41.59 18.83
CA ASN E 99 30.05 -41.48 17.41
C ASN E 99 28.78 -41.41 16.54
N LEU E 100 27.67 -41.88 17.09
CA LEU E 100 26.38 -41.90 16.37
C LEU E 100 25.78 -40.51 16.16
N LEU E 101 26.02 -39.62 17.11
CA LEU E 101 25.46 -38.27 17.04
C LEU E 101 25.83 -37.53 15.76
N GLY E 102 24.83 -37.00 15.08
CA GLY E 102 25.07 -36.26 13.85
C GLY E 102 25.16 -37.11 12.59
N GLU E 103 25.04 -38.43 12.72
CA GLU E 103 25.10 -39.30 11.54
C GLU E 103 23.71 -39.46 10.93
N ASP E 104 23.68 -39.71 9.62
CA ASP E 104 22.42 -39.96 8.92
C ASP E 104 22.14 -41.41 9.29
N PRO E 105 21.06 -41.66 10.06
CA PRO E 105 20.74 -43.03 10.47
C PRO E 105 20.46 -44.04 9.35
N ASN E 106 20.25 -43.56 8.13
CA ASN E 106 19.99 -44.49 7.03
C ASN E 106 21.24 -45.15 6.47
N ASP E 107 22.40 -44.54 6.71
CA ASP E 107 23.66 -45.08 6.24
C ASP E 107 24.21 -46.04 7.28
N ILE E 108 23.47 -47.13 7.47
CA ILE E 108 23.80 -48.14 8.46
C ILE E 108 25.19 -48.73 8.34
N ASP E 109 25.59 -49.07 7.13
CA ASP E 109 26.90 -49.67 6.91
C ASP E 109 28.01 -48.65 7.11
N LYS E 110 27.75 -47.43 6.68
CA LYS E 110 28.73 -46.35 6.84
C LYS E 110 28.97 -46.14 8.34
N ILE E 111 27.88 -46.17 9.11
CA ILE E 111 27.97 -46.00 10.56
C ILE E 111 28.70 -47.18 11.20
N TYR E 112 28.39 -48.38 10.74
CA TYR E 112 29.01 -49.59 11.27
C TYR E 112 30.52 -49.47 11.11
N THR E 113 30.94 -49.04 9.93
CA THR E 113 32.36 -48.88 9.65
C THR E 113 33.00 -47.83 10.55
N LYS E 114 32.29 -46.74 10.79
CA LYS E 114 32.80 -45.68 11.65
C LYS E 114 33.00 -46.23 13.07
N LEU E 115 32.06 -47.05 13.53
CA LEU E 115 32.13 -47.63 14.86
C LEU E 115 33.30 -48.63 14.98
N LEU E 116 33.56 -49.37 13.92
CA LEU E 116 34.67 -50.32 13.92
C LEU E 116 36.00 -49.56 13.99
N TRP E 117 36.10 -48.47 13.24
CA TRP E 117 37.32 -47.66 13.27
C TRP E 117 37.52 -47.01 14.65
N ALA E 118 36.43 -46.56 15.26
CA ALA E 118 36.51 -45.94 16.58
C ALA E 118 37.04 -46.96 17.60
N GLY E 119 36.87 -48.25 17.30
CA GLY E 119 37.34 -49.29 18.21
C GLY E 119 38.23 -50.28 17.48
N ALA E 120 39.01 -49.79 16.52
CA ALA E 120 39.88 -50.63 15.72
C ALA E 120 40.80 -51.55 16.53
N SER E 121 41.26 -51.07 17.67
CA SER E 121 42.17 -51.82 18.52
C SER E 121 41.59 -53.14 19.04
N VAL E 122 40.26 -53.22 19.16
CA VAL E 122 39.64 -54.43 19.68
C VAL E 122 39.01 -55.39 18.67
N GLY E 123 39.39 -55.26 17.39
CA GLY E 123 38.91 -56.20 16.38
C GLY E 123 37.62 -56.00 15.60
N ARG E 124 37.34 -56.99 14.75
CA ARG E 124 36.17 -56.98 13.91
C ARG E 124 35.31 -58.22 14.12
N SER E 125 35.45 -58.85 15.28
CA SER E 125 34.68 -60.03 15.63
C SER E 125 34.56 -60.05 17.14
N GLY E 126 33.75 -60.95 17.67
CA GLY E 126 33.62 -61.04 19.11
C GLY E 126 32.87 -59.91 19.81
N MET E 127 33.24 -59.69 21.05
CA MET E 127 32.60 -58.69 21.91
C MET E 127 32.38 -57.31 21.31
N ALA E 128 33.42 -56.75 20.69
CA ALA E 128 33.31 -55.42 20.10
C ALA E 128 32.15 -55.30 19.10
N VAL E 129 31.97 -56.30 18.23
CA VAL E 129 30.88 -56.20 17.27
C VAL E 129 29.55 -56.51 17.98
N GLN E 130 29.61 -57.25 19.07
CA GLN E 130 28.39 -57.56 19.81
C GLN E 130 27.92 -56.28 20.52
N ALA E 131 28.82 -55.32 20.66
CA ALA E 131 28.51 -54.04 21.29
C ALA E 131 27.89 -53.15 20.19
N ILE E 132 28.17 -53.48 18.93
CA ILE E 132 27.62 -52.73 17.82
C ILE E 132 26.24 -53.29 17.45
N SER E 133 26.02 -54.57 17.74
CA SER E 133 24.76 -55.22 17.44
C SER E 133 23.50 -54.45 17.86
N PRO E 134 23.40 -54.03 19.13
CA PRO E 134 22.20 -53.29 19.59
C PRO E 134 21.95 -52.07 18.72
N ILE E 135 23.02 -51.34 18.43
CA ILE E 135 22.96 -50.13 17.60
C ILE E 135 22.56 -50.47 16.15
N ASP E 136 23.25 -51.43 15.55
CA ASP E 136 22.96 -51.84 14.16
C ASP E 136 21.50 -52.27 14.06
N ILE E 137 21.05 -53.07 15.01
CA ILE E 137 19.67 -53.55 15.01
C ILE E 137 18.68 -52.40 15.19
N ALA E 138 18.98 -51.47 16.10
CA ALA E 138 18.09 -50.32 16.33
C ALA E 138 17.96 -49.50 15.04
N LEU E 139 19.06 -49.34 14.31
CA LEU E 139 19.01 -48.58 13.07
C LEU E 139 18.14 -49.28 12.02
N TRP E 140 18.18 -50.61 11.97
CA TRP E 140 17.34 -51.33 11.02
C TRP E 140 15.89 -51.19 11.47
N ASP E 141 15.68 -51.31 12.78
CA ASP E 141 14.35 -51.16 13.36
C ASP E 141 13.80 -49.80 12.93
N MET E 142 14.65 -48.77 13.02
CA MET E 142 14.24 -47.42 12.66
C MET E 142 13.91 -47.30 11.18
N LYS E 143 14.78 -47.81 10.31
CA LYS E 143 14.51 -47.71 8.88
C LYS E 143 13.19 -48.38 8.52
N ALA E 144 12.94 -49.55 9.12
CA ALA E 144 11.69 -50.26 8.83
C ALA E 144 10.51 -49.38 9.22
N LYS E 145 10.59 -48.77 10.41
CA LYS E 145 9.53 -47.91 10.90
C LYS E 145 9.38 -46.70 9.98
N ARG E 146 10.49 -46.16 9.52
CA ARG E 146 10.45 -45.02 8.61
C ARG E 146 9.64 -45.38 7.37
N ALA E 147 9.69 -46.64 6.95
CA ALA E 147 8.95 -47.09 5.76
C ALA E 147 7.56 -47.60 6.13
N GLY E 148 7.27 -47.61 7.44
CA GLY E 148 5.96 -48.09 7.89
C GLY E 148 5.78 -49.57 7.60
N LEU E 149 6.83 -50.36 7.85
CA LEU E 149 6.79 -51.79 7.58
C LEU E 149 7.42 -52.64 8.66
N PRO E 150 6.95 -53.88 8.82
CA PRO E 150 7.55 -54.76 9.81
C PRO E 150 8.95 -54.97 9.22
N LEU E 151 9.96 -55.26 10.03
CA LEU E 151 11.30 -55.43 9.48
C LEU E 151 11.36 -56.45 8.34
N ALA E 152 10.65 -57.56 8.49
CA ALA E 152 10.64 -58.60 7.47
C ALA E 152 10.22 -58.04 6.11
N LYS E 153 9.28 -57.11 6.11
CA LYS E 153 8.79 -56.52 4.88
C LYS E 153 9.79 -55.51 4.31
N LEU E 154 10.53 -54.84 5.18
CA LEU E 154 11.53 -53.89 4.69
C LEU E 154 12.59 -54.70 3.94
N LEU E 155 12.96 -55.84 4.52
CA LEU E 155 13.98 -56.71 3.93
C LEU E 155 13.43 -57.45 2.72
N GLY E 156 12.13 -57.73 2.75
CA GLY E 156 11.49 -58.47 1.69
C GLY E 156 11.30 -59.86 2.25
N ALA E 157 10.05 -60.30 2.37
CA ALA E 157 9.79 -61.62 2.93
C ALA E 157 9.46 -62.66 1.87
N HIS E 158 9.70 -63.92 2.23
CA HIS E 158 9.42 -65.07 1.36
C HIS E 158 8.27 -65.84 1.99
N ARG E 159 7.95 -65.50 3.24
CA ARG E 159 6.87 -66.14 3.97
C ARG E 159 6.37 -65.19 5.04
N ASP E 160 5.12 -65.37 5.48
CA ASP E 160 4.56 -64.48 6.48
C ASP E 160 4.55 -65.08 7.88
N SER E 161 5.13 -66.26 8.00
CA SER E 161 5.24 -66.94 9.27
C SER E 161 6.33 -67.99 9.09
N VAL E 162 6.94 -68.45 10.18
CA VAL E 162 8.01 -69.44 10.06
C VAL E 162 7.86 -70.57 11.07
N GLN E 163 8.18 -71.78 10.63
CA GLN E 163 8.12 -72.98 11.48
C GLN E 163 8.87 -72.66 12.76
N CYS E 164 8.33 -73.07 13.89
CA CYS E 164 8.94 -72.79 15.17
C CYS E 164 9.02 -74.00 16.07
N TYR E 165 10.18 -74.19 16.70
CA TYR E 165 10.37 -75.31 17.61
C TYR E 165 10.79 -74.77 18.98
N ASN E 166 10.51 -75.52 20.03
CA ASN E 166 10.88 -75.08 21.38
C ASN E 166 12.15 -75.73 21.89
N THR E 167 12.94 -74.96 22.64
CA THR E 167 14.19 -75.44 23.21
C THR E 167 14.19 -75.40 24.73
N SER E 168 13.55 -74.38 25.30
CA SER E 168 13.51 -74.20 26.75
C SER E 168 12.93 -75.35 27.56
N GLY E 169 12.13 -76.21 26.94
CA GLY E 169 11.55 -77.32 27.68
C GLY E 169 12.31 -78.63 27.55
N GLY E 170 13.51 -78.59 26.95
CA GLY E 170 14.26 -79.82 26.78
C GLY E 170 15.68 -79.82 27.34
N PHE E 171 15.92 -79.04 28.39
CA PHE E 171 17.23 -78.95 29.01
C PHE E 171 17.56 -80.14 29.92
N LEU E 172 18.86 -80.36 30.14
CA LEU E 172 19.34 -81.47 30.94
C LEU E 172 19.14 -81.41 32.45
N HIS E 173 18.78 -80.25 32.99
CA HIS E 173 18.53 -80.16 34.42
C HIS E 173 17.09 -80.59 34.68
N THR E 174 16.35 -80.85 33.60
CA THR E 174 14.95 -81.26 33.69
C THR E 174 14.77 -82.78 33.64
N PRO E 175 14.11 -83.36 34.66
CA PRO E 175 13.88 -84.81 34.70
C PRO E 175 13.05 -85.24 33.50
N LEU E 176 13.31 -86.44 32.99
CA LEU E 176 12.58 -86.95 31.82
C LEU E 176 11.07 -86.75 31.98
N ASP E 177 10.57 -87.04 33.19
CA ASP E 177 9.14 -86.90 33.47
C ASP E 177 8.63 -85.50 33.13
N GLN E 178 9.34 -84.48 33.59
CA GLN E 178 8.96 -83.09 33.34
C GLN E 178 9.13 -82.73 31.87
N VAL E 179 10.14 -83.30 31.22
CA VAL E 179 10.39 -83.02 29.81
C VAL E 179 9.18 -83.48 28.98
N LEU E 180 8.65 -84.67 29.31
CA LEU E 180 7.49 -85.20 28.61
C LEU E 180 6.27 -84.31 28.85
N LYS E 181 6.19 -83.73 30.04
CA LYS E 181 5.09 -82.82 30.37
C LYS E 181 5.25 -81.55 29.53
N ASN E 182 6.50 -81.09 29.39
CA ASN E 182 6.77 -79.89 28.60
C ASN E 182 6.39 -80.10 27.14
N VAL E 183 6.71 -81.27 26.59
CA VAL E 183 6.38 -81.57 25.20
C VAL E 183 4.89 -81.34 24.98
N VAL E 184 4.07 -81.84 25.91
CA VAL E 184 2.63 -81.69 25.82
C VAL E 184 2.20 -80.22 25.90
N ILE E 185 2.73 -79.50 26.88
CA ILE E 185 2.41 -78.09 27.03
C ILE E 185 2.75 -77.34 25.74
N SER E 186 3.95 -77.58 25.23
CA SER E 186 4.41 -76.92 24.01
C SER E 186 3.55 -77.29 22.80
N ARG E 187 3.27 -78.59 22.66
CA ARG E 187 2.48 -79.05 21.54
C ARG E 187 1.06 -78.46 21.59
N GLU E 188 0.48 -78.43 22.79
CA GLU E 188 -0.87 -77.87 22.93
C GLU E 188 -0.90 -76.37 22.68
N ASN E 189 0.26 -75.72 22.75
CA ASN E 189 0.32 -74.29 22.53
C ASN E 189 0.69 -73.96 21.08
N GLY E 190 0.65 -74.98 20.23
CA GLY E 190 0.94 -74.78 18.83
C GLY E 190 2.39 -74.83 18.35
N ILE E 191 3.29 -75.39 19.16
CA ILE E 191 4.69 -75.46 18.73
C ILE E 191 4.81 -76.39 17.52
N GLY E 192 5.77 -76.12 16.65
CA GLY E 192 5.93 -76.95 15.45
C GLY E 192 7.06 -77.97 15.55
N GLY E 193 7.74 -78.00 16.68
CA GLY E 193 8.84 -78.94 16.84
C GLY E 193 9.44 -78.89 18.23
N ILE E 194 10.21 -79.93 18.57
CA ILE E 194 10.85 -80.04 19.87
C ILE E 194 12.34 -80.33 19.73
N LYS E 195 13.15 -79.61 20.51
CA LYS E 195 14.59 -79.84 20.51
C LYS E 195 14.97 -80.34 21.89
N LEU E 196 15.69 -81.45 21.94
CA LEU E 196 16.11 -82.04 23.20
C LEU E 196 17.61 -81.87 23.39
N LYS E 197 18.02 -81.41 24.57
CA LYS E 197 19.44 -81.25 24.86
C LYS E 197 20.06 -82.61 25.15
N VAL E 198 21.20 -82.88 24.53
CA VAL E 198 21.91 -84.14 24.74
C VAL E 198 23.39 -83.83 24.92
N GLY E 199 24.23 -84.86 24.93
CA GLY E 199 25.66 -84.63 25.09
C GLY E 199 26.18 -84.75 26.50
N GLN E 200 25.41 -85.37 27.38
CA GLN E 200 25.86 -85.55 28.76
C GLN E 200 26.80 -86.75 28.80
N PRO E 201 27.64 -86.84 29.83
CA PRO E 201 28.58 -87.96 29.97
C PRO E 201 27.90 -89.32 29.75
N ASN E 202 26.75 -89.52 30.41
CA ASN E 202 26.02 -90.77 30.27
C ASN E 202 25.28 -90.82 28.94
N CYS E 203 25.95 -91.35 27.91
CA CYS E 203 25.34 -91.45 26.58
C CYS E 203 24.04 -92.24 26.58
N ALA E 204 24.02 -93.34 27.31
CA ALA E 204 22.84 -94.20 27.40
C ALA E 204 21.62 -93.44 27.91
N GLU E 205 21.84 -92.53 28.86
CA GLU E 205 20.74 -91.76 29.42
C GLU E 205 20.13 -90.84 28.36
N ASP E 206 20.96 -90.24 27.52
CA ASP E 206 20.47 -89.37 26.46
C ASP E 206 19.62 -90.19 25.50
N ILE E 207 20.09 -91.39 25.16
CA ILE E 207 19.35 -92.25 24.25
C ILE E 207 18.01 -92.61 24.87
N ARG E 208 18.01 -92.84 26.18
CA ARG E 208 16.79 -93.18 26.89
C ARG E 208 15.79 -92.03 26.80
N ARG E 209 16.26 -90.83 27.14
CA ARG E 209 15.40 -89.65 27.09
C ARG E 209 14.91 -89.36 25.67
N LEU E 210 15.80 -89.50 24.69
CA LEU E 210 15.44 -89.25 23.30
C LEU E 210 14.40 -90.23 22.79
N THR E 211 14.55 -91.52 23.10
CA THR E 211 13.60 -92.53 22.65
C THR E 211 12.22 -92.25 23.26
N ALA E 212 12.21 -91.83 24.52
CA ALA E 212 10.96 -91.53 25.23
C ALA E 212 10.23 -90.35 24.58
N VAL E 213 10.98 -89.30 24.23
CA VAL E 213 10.39 -88.13 23.60
C VAL E 213 9.82 -88.47 22.22
N ARG E 214 10.57 -89.23 21.43
CA ARG E 214 10.08 -89.61 20.10
C ARG E 214 8.84 -90.47 20.24
N GLU E 215 8.86 -91.34 21.25
CA GLU E 215 7.76 -92.24 21.53
C GLU E 215 6.51 -91.40 21.83
N ALA E 216 6.67 -90.43 22.71
CA ALA E 216 5.56 -89.55 23.10
C ALA E 216 5.06 -88.67 21.96
N LEU E 217 5.96 -88.18 21.12
CA LEU E 217 5.61 -87.32 20.00
C LEU E 217 4.99 -88.04 18.81
N GLY E 218 5.35 -89.30 18.64
CA GLY E 218 4.85 -90.04 17.49
C GLY E 218 5.91 -89.88 16.41
N ASP E 219 5.82 -90.71 15.38
CA ASP E 219 6.80 -90.70 14.30
C ASP E 219 6.96 -89.43 13.45
N GLU E 220 5.88 -88.67 13.27
CA GLU E 220 5.93 -87.48 12.42
C GLU E 220 6.46 -86.16 12.98
N PHE E 221 6.08 -85.82 14.20
CA PHE E 221 6.48 -84.55 14.79
C PHE E 221 7.97 -84.22 14.70
N PRO E 222 8.29 -83.01 14.21
CA PRO E 222 9.68 -82.57 14.09
C PRO E 222 10.42 -82.61 15.43
N LEU E 223 11.51 -83.35 15.46
CA LEU E 223 12.31 -83.51 16.66
C LEU E 223 13.78 -83.29 16.31
N MET E 224 14.49 -82.55 17.16
CA MET E 224 15.91 -82.30 16.94
C MET E 224 16.66 -82.41 18.27
N VAL E 225 17.98 -82.59 18.20
CA VAL E 225 18.80 -82.69 19.40
C VAL E 225 19.94 -81.69 19.34
N ASP E 226 20.45 -81.34 20.52
CA ASP E 226 21.52 -80.35 20.64
C ASP E 226 22.56 -80.80 21.68
N ALA E 227 23.78 -81.06 21.24
CA ALA E 227 24.86 -81.49 22.14
C ALA E 227 25.70 -80.36 22.73
N ASN E 228 25.49 -79.14 22.24
CA ASN E 228 26.24 -77.98 22.74
C ASN E 228 27.75 -78.23 22.81
N GLN E 229 28.29 -78.81 21.73
CA GLN E 229 29.73 -79.08 21.59
C GLN E 229 30.31 -80.11 22.54
N GLN E 230 29.50 -80.87 23.27
CA GLN E 230 30.05 -81.79 24.24
C GLN E 230 30.53 -83.19 23.87
N TRP E 231 30.53 -83.54 22.59
CA TRP E 231 31.03 -84.86 22.21
C TRP E 231 32.35 -84.72 21.49
N ASP E 232 33.17 -85.77 21.54
CA ASP E 232 34.41 -85.75 20.79
C ASP E 232 34.00 -86.45 19.49
N ARG E 233 34.86 -86.44 18.48
CA ARG E 233 34.53 -87.06 17.20
C ARG E 233 34.08 -88.51 17.31
N GLU E 234 34.77 -89.30 18.10
CA GLU E 234 34.44 -90.72 18.27
C GLU E 234 32.99 -90.89 18.73
N THR E 235 32.63 -90.17 19.79
CA THR E 235 31.29 -90.26 20.35
C THR E 235 30.23 -89.69 19.41
N ALA E 236 30.56 -88.59 18.74
CA ALA E 236 29.63 -87.95 17.83
C ALA E 236 29.13 -88.91 16.74
N ILE E 237 30.03 -89.55 16.03
CA ILE E 237 29.61 -90.47 14.98
C ILE E 237 28.88 -91.67 15.57
N ARG E 238 29.31 -92.13 16.74
CA ARG E 238 28.66 -93.26 17.40
C ARG E 238 27.20 -92.89 17.70
N MET E 239 27.00 -91.77 18.39
CA MET E 239 25.66 -91.31 18.73
C MET E 239 24.88 -90.99 17.45
N GLY E 240 25.55 -90.44 16.46
CA GLY E 240 24.91 -90.12 15.21
C GLY E 240 24.26 -91.35 14.59
N ARG E 241 25.06 -92.41 14.43
CA ARG E 241 24.57 -93.67 13.85
C ARG E 241 23.34 -94.15 14.59
N LYS E 242 23.44 -94.15 15.91
CA LYS E 242 22.35 -94.61 16.77
C LYS E 242 21.09 -93.75 16.72
N MET E 243 21.21 -92.49 16.31
CA MET E 243 20.05 -91.61 16.27
C MET E 243 19.38 -91.53 14.90
N GLU E 244 19.99 -92.16 13.90
CA GLU E 244 19.42 -92.14 12.55
C GLU E 244 17.96 -92.60 12.60
N GLN E 245 17.69 -93.59 13.47
CA GLN E 245 16.37 -94.17 13.60
C GLN E 245 15.27 -93.20 14.06
N PHE E 246 15.65 -92.11 14.70
CA PHE E 246 14.67 -91.15 15.19
C PHE E 246 14.26 -90.12 14.14
N ASN E 247 14.89 -90.17 12.98
CA ASN E 247 14.60 -89.24 11.89
C ASN E 247 14.55 -87.79 12.37
N LEU E 248 15.60 -87.37 13.04
CA LEU E 248 15.70 -86.01 13.58
C LEU E 248 15.81 -84.99 12.45
N ILE E 249 15.30 -83.78 12.70
CA ILE E 249 15.40 -82.72 11.71
C ILE E 249 16.88 -82.35 11.64
N TRP E 250 17.58 -82.47 12.77
CA TRP E 250 19.01 -82.20 12.80
C TRP E 250 19.65 -82.54 14.13
N ILE E 251 20.99 -82.64 14.11
CA ILE E 251 21.78 -82.90 15.29
C ILE E 251 22.59 -81.60 15.35
N GLU E 252 22.44 -80.87 16.45
CA GLU E 252 23.11 -79.58 16.59
C GLU E 252 24.36 -79.59 17.46
N GLU E 253 25.35 -78.81 17.03
CA GLU E 253 26.62 -78.69 17.74
C GLU E 253 27.13 -79.99 18.35
N PRO E 254 27.32 -81.03 17.51
CA PRO E 254 27.83 -82.29 18.05
C PRO E 254 29.24 -82.12 18.57
N LEU E 255 29.99 -81.20 17.97
CA LEU E 255 31.39 -80.97 18.33
C LEU E 255 31.71 -79.51 18.61
N ASP E 256 32.96 -79.27 19.00
CA ASP E 256 33.45 -77.92 19.27
C ASP E 256 33.04 -77.05 18.09
N ALA E 257 32.53 -75.86 18.40
CA ALA E 257 32.07 -74.92 17.39
C ALA E 257 33.09 -74.61 16.30
N TYR E 258 34.37 -74.81 16.61
CA TYR E 258 35.42 -74.52 15.65
C TYR E 258 36.01 -75.75 14.97
N ASP E 259 35.47 -76.92 15.25
CA ASP E 259 35.97 -78.14 14.62
C ASP E 259 35.28 -78.27 13.26
N ILE E 260 35.76 -77.50 12.30
CA ILE E 260 35.18 -77.49 10.95
C ILE E 260 35.20 -78.85 10.26
N GLU E 261 36.37 -79.48 10.18
CA GLU E 261 36.47 -80.77 9.50
C GLU E 261 35.70 -81.83 10.27
N GLY E 262 35.65 -81.68 11.58
CA GLY E 262 34.91 -82.64 12.38
C GLY E 262 33.44 -82.61 12.00
N HIS E 263 32.89 -81.39 11.90
CA HIS E 263 31.49 -81.24 11.54
C HIS E 263 31.28 -81.74 10.12
N ALA E 264 32.11 -81.26 9.21
CA ALA E 264 32.03 -81.66 7.80
C ALA E 264 31.97 -83.17 7.69
N GLN E 265 32.85 -83.84 8.43
CA GLN E 265 32.93 -85.29 8.41
C GLN E 265 31.63 -85.94 8.87
N LEU E 266 31.04 -85.43 9.93
CA LEU E 266 29.77 -85.96 10.42
C LEU E 266 28.65 -85.72 9.42
N ALA E 267 28.64 -84.54 8.85
CA ALA E 267 27.62 -84.16 7.87
C ALA E 267 27.66 -85.10 6.67
N ALA E 268 28.86 -85.41 6.19
CA ALA E 268 29.02 -86.29 5.04
C ALA E 268 28.71 -87.75 5.36
N ALA E 269 28.97 -88.15 6.60
CA ALA E 269 28.75 -89.53 7.02
C ALA E 269 27.31 -89.90 7.37
N LEU E 270 26.54 -88.92 7.86
CA LEU E 270 25.16 -89.20 8.26
C LEU E 270 24.13 -88.59 7.31
N ASP E 271 22.97 -89.23 7.20
CA ASP E 271 21.91 -88.69 6.36
C ASP E 271 21.25 -87.59 7.19
N THR E 272 21.17 -87.80 8.51
CA THR E 272 20.58 -86.79 9.40
C THR E 272 21.33 -85.48 9.24
N PRO E 273 20.60 -84.37 9.09
CA PRO E 273 21.27 -83.09 8.94
C PRO E 273 22.08 -82.70 10.18
N ILE E 274 23.13 -81.93 9.95
CA ILE E 274 23.99 -81.44 11.02
C ILE E 274 23.80 -79.93 11.05
N ALA E 275 23.69 -79.37 12.25
CA ALA E 275 23.50 -77.94 12.41
C ALA E 275 24.53 -77.35 13.38
N THR E 276 24.99 -76.13 13.09
CA THR E 276 25.96 -75.48 13.97
C THR E 276 26.14 -73.99 13.62
N GLY E 277 26.85 -73.27 14.48
CA GLY E 277 27.12 -71.87 14.22
C GLY E 277 26.69 -70.84 15.25
N GLU E 278 25.80 -71.20 16.16
CA GLU E 278 25.32 -70.24 17.17
C GLU E 278 26.43 -69.53 17.95
N MET E 279 27.53 -70.22 18.22
CA MET E 279 28.62 -69.63 18.98
C MET E 279 29.54 -68.70 18.19
N LEU E 280 29.46 -68.73 16.87
CA LEU E 280 30.32 -67.89 16.05
C LEU E 280 29.98 -66.42 16.24
N THR E 281 31.01 -65.58 16.17
CA THR E 281 30.82 -64.15 16.40
C THR E 281 31.22 -63.21 15.28
N SER E 282 30.97 -63.61 14.03
CA SER E 282 31.28 -62.75 12.89
C SER E 282 30.98 -63.45 11.59
N PHE E 283 30.92 -62.66 10.51
CA PHE E 283 30.69 -63.20 9.19
C PHE E 283 31.87 -64.12 8.86
N ARG E 284 33.08 -63.61 9.07
CA ARG E 284 34.30 -64.37 8.80
C ARG E 284 34.25 -65.77 9.38
N GLU E 285 33.91 -65.86 10.67
CA GLU E 285 33.83 -67.15 11.33
C GLU E 285 32.81 -68.06 10.65
N HIS E 286 31.65 -67.52 10.30
CA HIS E 286 30.63 -68.34 9.64
C HIS E 286 31.08 -68.75 8.23
N GLU E 287 31.84 -67.87 7.59
CA GLU E 287 32.34 -68.13 6.24
C GLU E 287 33.29 -69.33 6.25
N GLN E 288 34.16 -69.39 7.25
CA GLN E 288 35.10 -70.50 7.36
C GLN E 288 34.35 -71.83 7.50
N LEU E 289 33.28 -71.84 8.28
CA LEU E 289 32.53 -73.07 8.45
C LEU E 289 31.75 -73.44 7.18
N ILE E 290 31.20 -72.45 6.51
CA ILE E 290 30.43 -72.70 5.29
C ILE E 290 31.34 -73.17 4.14
N LEU E 291 32.49 -72.52 3.98
CA LEU E 291 33.40 -72.92 2.92
C LEU E 291 33.91 -74.34 3.20
N GLY E 292 33.94 -74.70 4.49
CA GLY E 292 34.40 -76.02 4.87
C GLY E 292 33.29 -77.06 4.92
N ASN E 293 32.10 -76.69 4.46
CA ASN E 293 30.97 -77.60 4.43
C ASN E 293 30.69 -78.27 5.78
N ALA E 294 30.76 -77.47 6.85
CA ALA E 294 30.55 -77.99 8.19
C ALA E 294 29.14 -78.49 8.50
N SER E 295 28.12 -77.86 7.93
CA SER E 295 26.76 -78.27 8.26
C SER E 295 25.70 -78.02 7.21
N ASP E 296 24.60 -78.75 7.35
CA ASP E 296 23.45 -78.67 6.47
C ASP E 296 22.58 -77.46 6.87
N PHE E 297 22.57 -77.17 8.17
CA PHE E 297 21.81 -76.03 8.69
C PHE E 297 22.82 -75.04 9.23
N VAL E 298 22.71 -73.79 8.83
CA VAL E 298 23.59 -72.74 9.31
C VAL E 298 22.76 -72.02 10.37
N GLN E 299 23.35 -71.84 11.54
CA GLN E 299 22.64 -71.20 12.65
C GLN E 299 23.31 -69.93 13.15
N PRO E 300 23.13 -68.81 12.44
CA PRO E 300 23.74 -67.56 12.88
C PRO E 300 22.92 -66.95 14.01
N ASP E 301 23.50 -65.97 14.71
CA ASP E 301 22.85 -65.30 15.84
C ASP E 301 23.17 -63.82 15.59
N ALA E 302 22.18 -63.05 15.17
CA ALA E 302 22.41 -61.64 14.86
C ALA E 302 23.15 -60.89 15.98
N PRO E 303 22.67 -61.01 17.23
CA PRO E 303 23.37 -60.32 18.32
C PRO E 303 24.84 -60.75 18.41
N ARG E 304 25.06 -62.06 18.35
CA ARG E 304 26.43 -62.59 18.43
C ARG E 304 27.37 -62.23 17.29
N VAL E 305 26.86 -62.12 16.06
CA VAL E 305 27.73 -61.85 14.93
C VAL E 305 27.94 -60.38 14.59
N GLY E 306 27.32 -59.48 15.36
CA GLY E 306 27.50 -58.07 15.10
C GLY E 306 26.27 -57.38 14.56
N GLY E 307 25.12 -58.05 14.63
CA GLY E 307 23.88 -57.43 14.19
C GLY E 307 23.22 -57.94 12.92
N ILE E 308 22.18 -57.22 12.49
CA ILE E 308 21.47 -57.60 11.27
C ILE E 308 22.34 -57.46 10.01
N SER E 309 23.11 -56.38 9.92
CA SER E 309 23.94 -56.16 8.74
C SER E 309 24.83 -57.35 8.42
N PRO E 310 25.66 -57.79 9.38
CA PRO E 310 26.48 -58.95 9.03
C PRO E 310 25.63 -60.21 8.83
N PHE E 311 24.55 -60.33 9.60
CA PHE E 311 23.67 -61.50 9.50
C PHE E 311 23.14 -61.66 8.08
N LEU E 312 22.83 -60.55 7.43
CA LEU E 312 22.31 -60.59 6.07
C LEU E 312 23.36 -61.20 5.13
N LYS E 313 24.62 -60.82 5.33
CA LYS E 313 25.71 -61.35 4.50
C LYS E 313 25.86 -62.85 4.72
N ILE E 314 25.70 -63.29 5.97
CA ILE E 314 25.80 -64.71 6.29
C ILE E 314 24.67 -65.46 5.59
N MET E 315 23.46 -64.89 5.63
CA MET E 315 22.31 -65.51 4.99
C MET E 315 22.57 -65.75 3.50
N ASP E 316 23.07 -64.74 2.81
CA ASP E 316 23.34 -64.87 1.38
C ASP E 316 24.39 -65.96 1.10
N LEU E 317 25.43 -66.00 1.92
CA LEU E 317 26.47 -67.01 1.74
C LEU E 317 25.85 -68.39 1.91
N ALA E 318 25.13 -68.58 3.01
CA ALA E 318 24.49 -69.85 3.28
C ALA E 318 23.62 -70.30 2.12
N ALA E 319 22.77 -69.38 1.65
CA ALA E 319 21.86 -69.66 0.55
C ALA E 319 22.63 -70.09 -0.71
N LYS E 320 23.70 -69.36 -1.01
CA LYS E 320 24.52 -69.67 -2.17
C LYS E 320 25.05 -71.10 -2.08
N HIS E 321 25.34 -71.57 -0.87
CA HIS E 321 25.83 -72.94 -0.67
C HIS E 321 24.71 -73.92 -0.41
N GLY E 322 23.48 -73.52 -0.74
CA GLY E 322 22.32 -74.38 -0.57
C GLY E 322 21.99 -74.88 0.81
N ARG E 323 22.37 -74.14 1.85
CA ARG E 323 22.09 -74.57 3.23
C ARG E 323 20.77 -74.01 3.77
N LYS E 324 20.17 -74.71 4.74
CA LYS E 324 18.94 -74.26 5.38
C LYS E 324 19.37 -73.30 6.49
N LEU E 325 18.44 -72.48 6.95
CA LEU E 325 18.73 -71.50 8.01
C LEU E 325 17.90 -71.79 9.24
N ALA E 326 18.57 -71.80 10.39
CA ALA E 326 17.90 -72.02 11.67
C ALA E 326 18.60 -71.12 12.69
N PRO E 327 18.26 -69.82 12.69
CA PRO E 327 18.85 -68.84 13.62
C PRO E 327 18.75 -69.29 15.07
N HIS E 328 19.71 -68.87 15.88
CA HIS E 328 19.73 -69.24 17.29
C HIS E 328 19.20 -68.18 18.25
N PHE E 329 18.30 -68.59 19.14
CA PHE E 329 17.76 -67.68 20.16
C PHE E 329 17.13 -66.43 19.54
N ALA E 330 17.07 -65.36 20.34
CA ALA E 330 16.51 -64.06 19.93
C ALA E 330 15.46 -64.14 18.82
N MET E 331 14.39 -64.88 19.05
CA MET E 331 13.35 -65.01 18.04
C MET E 331 12.72 -63.67 17.70
N GLU E 332 12.72 -62.76 18.67
CA GLU E 332 12.14 -61.42 18.47
C GLU E 332 12.81 -60.71 17.28
N VAL E 333 14.06 -61.08 17.00
CA VAL E 333 14.77 -60.47 15.88
C VAL E 333 14.83 -61.46 14.72
N HIS E 334 15.19 -62.70 15.01
CA HIS E 334 15.32 -63.72 13.97
C HIS E 334 14.06 -64.06 13.20
N LEU E 335 12.89 -63.75 13.76
CA LEU E 335 11.64 -64.01 13.06
C LEU E 335 11.66 -63.29 11.72
N HIS E 336 12.08 -62.03 11.76
CA HIS E 336 12.16 -61.20 10.56
C HIS E 336 13.22 -61.65 9.56
N LEU E 337 14.40 -62.00 10.07
CA LEU E 337 15.49 -62.44 9.22
C LEU E 337 15.18 -63.77 8.54
N SER E 338 14.68 -64.75 9.29
CA SER E 338 14.35 -66.03 8.71
C SER E 338 13.17 -65.91 7.74
N ALA E 339 12.28 -64.95 7.99
CA ALA E 339 11.15 -64.73 7.09
C ALA E 339 11.69 -64.28 5.74
N ALA E 340 12.85 -63.63 5.75
CA ALA E 340 13.48 -63.14 4.54
C ALA E 340 14.37 -64.17 3.83
N TYR E 341 14.60 -65.32 4.46
CA TYR E 341 15.45 -66.33 3.86
C TYR E 341 14.73 -67.08 2.72
N PRO E 342 15.41 -67.28 1.59
CA PRO E 342 14.82 -67.98 0.43
C PRO E 342 14.37 -69.41 0.66
N LEU E 343 15.13 -70.20 1.43
CA LEU E 343 14.74 -71.58 1.71
C LEU E 343 13.97 -71.67 3.03
N GLU E 344 13.10 -72.67 3.16
CA GLU E 344 12.28 -72.82 4.37
C GLU E 344 13.16 -72.94 5.62
N PRO E 345 13.04 -71.96 6.54
CA PRO E 345 13.84 -71.95 7.78
C PRO E 345 13.08 -72.42 9.02
N TRP E 346 13.78 -72.39 10.14
CA TRP E 346 13.21 -72.76 11.44
C TRP E 346 13.51 -71.62 12.40
N LEU E 347 12.62 -71.39 13.35
CA LEU E 347 12.79 -70.34 14.35
C LEU E 347 12.84 -71.02 15.71
N GLU E 348 13.77 -70.59 16.55
CA GLU E 348 13.93 -71.19 17.87
C GLU E 348 13.17 -70.41 18.95
N HIS E 349 12.38 -71.13 19.76
CA HIS E 349 11.60 -70.50 20.81
C HIS E 349 12.08 -70.70 22.24
N PHE E 350 12.07 -69.58 22.96
CA PHE E 350 12.40 -69.50 24.39
C PHE E 350 11.38 -68.47 24.86
N GLU E 351 10.92 -68.57 26.10
CA GLU E 351 9.95 -67.59 26.61
C GLU E 351 10.69 -66.54 27.44
N TRP E 352 11.96 -66.80 27.70
CA TRP E 352 12.82 -65.94 28.51
C TRP E 352 12.71 -64.43 28.28
N LEU E 353 12.71 -63.99 27.03
CA LEU E 353 12.65 -62.57 26.75
C LEU E 353 11.26 -61.95 26.67
N ASN E 354 10.22 -62.76 26.81
CA ASN E 354 8.85 -62.24 26.73
C ASN E 354 8.58 -61.03 27.65
N PRO E 355 9.05 -61.08 28.91
CA PRO E 355 8.84 -59.99 29.87
C PRO E 355 9.48 -58.65 29.51
N LEU E 356 10.45 -58.66 28.59
CA LEU E 356 11.12 -57.43 28.20
C LEU E 356 10.26 -56.54 27.31
N PHE E 357 9.27 -57.11 26.66
CA PHE E 357 8.45 -56.36 25.73
C PHE E 357 6.98 -56.36 26.06
N ASN E 358 6.29 -55.33 25.59
CA ASN E 358 4.87 -55.21 25.82
C ASN E 358 4.06 -56.10 24.90
N GLU E 359 4.63 -56.43 23.75
CA GLU E 359 3.94 -57.26 22.78
C GLU E 359 4.48 -58.68 22.72
N GLN E 360 3.58 -59.64 22.46
CA GLN E 360 3.97 -61.03 22.36
C GLN E 360 3.73 -61.55 20.94
N LEU E 361 4.59 -62.46 20.49
CA LEU E 361 4.44 -63.03 19.15
C LEU E 361 3.36 -64.10 19.14
N GLU E 362 2.66 -64.22 18.02
CA GLU E 362 1.61 -65.22 17.90
C GLU E 362 2.13 -66.57 17.40
N LEU E 363 2.04 -67.58 18.25
CA LEU E 363 2.48 -68.92 17.88
C LEU E 363 1.22 -69.71 17.59
N ARG E 364 1.10 -70.21 16.37
CA ARG E 364 -0.10 -70.95 16.00
C ARG E 364 0.11 -71.95 14.87
N ASP E 365 -0.44 -73.13 15.07
CA ASP E 365 -0.37 -74.19 14.08
C ASP E 365 1.08 -74.51 13.69
N GLY E 366 1.96 -74.54 14.69
CA GLY E 366 3.36 -74.84 14.46
C GLY E 366 4.22 -73.71 13.90
N ARG E 367 3.64 -72.55 13.68
CA ARG E 367 4.41 -71.43 13.12
C ARG E 367 4.24 -70.14 13.91
N MET E 368 5.27 -69.29 13.83
CA MET E 368 5.27 -67.99 14.49
C MET E 368 4.91 -67.00 13.40
N TRP E 369 3.87 -66.20 13.63
CA TRP E 369 3.41 -65.24 12.62
C TRP E 369 3.94 -63.82 12.80
N ILE E 370 4.27 -63.19 11.68
CA ILE E 370 4.80 -61.83 11.70
C ILE E 370 3.61 -60.89 11.87
N SER E 371 3.62 -60.08 12.92
CA SER E 371 2.53 -59.15 13.15
C SER E 371 2.66 -57.97 12.18
N ASP E 372 1.67 -57.10 12.18
CA ASP E 372 1.69 -55.93 11.31
C ASP E 372 2.45 -54.77 11.94
N ARG E 373 2.99 -54.98 13.15
CA ARG E 373 3.73 -53.91 13.83
C ARG E 373 5.02 -53.59 13.06
N HIS E 374 5.41 -52.31 13.08
CA HIS E 374 6.58 -51.87 12.35
C HIS E 374 7.94 -52.21 12.96
N GLY E 375 8.96 -52.30 12.10
CA GLY E 375 10.29 -52.63 12.56
C GLY E 375 10.27 -54.00 13.23
N LEU E 376 10.95 -54.12 14.38
CA LEU E 376 10.97 -55.39 15.09
C LEU E 376 9.58 -55.71 15.64
N GLY E 377 8.77 -54.67 15.84
CA GLY E 377 7.43 -54.88 16.35
C GLY E 377 7.36 -55.04 17.87
N PHE E 378 8.33 -54.48 18.58
CA PHE E 378 8.35 -54.58 20.03
C PHE E 378 8.65 -53.24 20.69
N THR E 379 8.11 -53.04 21.90
CA THR E 379 8.37 -51.82 22.67
C THR E 379 8.84 -52.30 24.03
N LEU E 380 9.80 -51.60 24.62
CA LEU E 380 10.33 -52.00 25.92
C LEU E 380 9.27 -51.90 27.03
N SER E 381 9.20 -52.93 27.85
CA SER E 381 8.25 -53.00 28.94
C SER E 381 8.80 -52.30 30.19
N GLU E 382 7.93 -52.09 31.17
CA GLU E 382 8.33 -51.46 32.43
C GLU E 382 9.30 -52.41 33.12
N GLN E 383 9.06 -53.71 32.97
CA GLN E 383 9.89 -54.72 33.57
C GLN E 383 11.34 -54.61 33.06
N ALA E 384 11.49 -54.26 31.79
CA ALA E 384 12.81 -54.12 31.19
C ALA E 384 13.56 -53.00 31.90
N ARG E 385 12.83 -51.93 32.24
CA ARG E 385 13.42 -50.81 32.95
C ARG E 385 13.79 -51.22 34.36
N ARG E 386 12.91 -51.99 35.00
CA ARG E 386 13.14 -52.45 36.36
C ARG E 386 14.38 -53.34 36.44
N TRP E 387 14.61 -54.15 35.40
CA TRP E 387 15.77 -55.03 35.37
C TRP E 387 17.03 -54.35 34.85
N THR E 388 16.94 -53.06 34.51
CA THR E 388 18.11 -52.34 34.03
C THR E 388 19.03 -52.02 35.21
N GLN E 389 20.32 -52.31 35.08
CA GLN E 389 21.25 -52.05 36.16
C GLN E 389 22.15 -50.84 35.87
N LEU E 390 22.49 -50.64 34.61
CA LEU E 390 23.33 -49.49 34.22
C LEU E 390 22.69 -48.86 33.00
N THR E 391 22.89 -47.56 32.85
CA THR E 391 22.34 -46.88 31.70
C THR E 391 23.11 -45.59 31.46
N CYS E 392 23.09 -45.09 30.24
CA CYS E 392 23.78 -43.86 29.89
C CYS E 392 23.11 -43.28 28.66
N GLU E 393 23.31 -41.99 28.44
CA GLU E 393 22.71 -41.32 27.31
C GLU E 393 23.68 -40.36 26.64
N PHE E 394 23.42 -40.06 25.37
CA PHE E 394 24.26 -39.17 24.58
C PHE E 394 23.33 -38.29 23.77
N GLY E 395 23.73 -37.04 23.56
CA GLY E 395 22.90 -36.12 22.81
C GLY E 395 21.73 -35.59 23.61
N LYS E 396 20.64 -35.23 22.93
CA LYS E 396 19.46 -34.70 23.60
C LYS E 396 18.20 -35.15 22.87
N ARG E 397 17.23 -35.65 23.63
CA ARG E 397 15.97 -36.10 23.04
C ARG E 397 15.39 -35.02 22.14
N PRO E 398 15.03 -35.39 20.88
CA PRO E 398 14.47 -34.42 19.95
C PRO E 398 13.16 -33.83 20.47
N SER F 4 18.88 43.23 -17.18
CA SER F 4 18.23 44.07 -18.24
C SER F 4 16.74 43.84 -18.43
N ALA F 5 16.00 44.92 -18.63
CA ALA F 5 14.56 44.84 -18.81
C ALA F 5 14.10 44.85 -20.27
N ASN F 6 15.06 44.91 -21.20
CA ASN F 6 14.71 44.90 -22.62
C ASN F 6 15.83 44.28 -23.48
N SER F 7 15.55 44.12 -24.77
CA SER F 7 16.51 43.54 -25.70
C SER F 7 16.34 44.23 -27.05
N ASP F 8 17.01 43.74 -28.08
CA ASP F 8 16.89 44.33 -29.42
C ASP F 8 15.60 43.92 -30.07
N ALA F 9 15.08 42.77 -29.65
CA ALA F 9 13.83 42.25 -30.20
C ALA F 9 12.68 42.68 -29.27
N VAL F 10 11.85 41.70 -28.91
CA VAL F 10 10.71 41.94 -28.03
C VAL F 10 10.46 40.64 -27.28
N THR F 11 10.19 40.72 -25.99
CA THR F 11 9.93 39.50 -25.23
C THR F 11 8.64 39.57 -24.42
N TYR F 12 7.96 38.42 -24.35
CA TYR F 12 6.70 38.30 -23.62
C TYR F 12 6.80 37.29 -22.50
N ALA F 13 6.18 37.62 -21.37
CA ALA F 13 6.18 36.76 -20.20
C ALA F 13 5.23 35.59 -20.41
N LYS F 14 5.25 34.64 -19.48
CA LYS F 14 4.38 33.48 -19.55
C LYS F 14 4.00 33.02 -18.14
N ARG F 19 -6.08 31.98 -13.98
CA ARG F 19 -7.27 32.22 -13.17
C ARG F 19 -7.64 33.70 -13.25
N THR F 20 -8.75 34.00 -13.93
CA THR F 20 -9.22 35.36 -14.16
C THR F 20 -10.27 35.92 -13.20
N ALA F 21 -10.38 37.24 -13.19
CA ALA F 21 -11.34 37.94 -12.34
C ALA F 21 -12.77 37.59 -12.78
N ALA F 22 -12.92 37.32 -14.07
CA ALA F 22 -14.24 36.97 -14.63
C ALA F 22 -14.74 35.64 -14.09
N GLU F 23 -13.88 34.64 -14.05
CA GLU F 23 -14.28 33.32 -13.58
C GLU F 23 -14.38 33.16 -12.07
N THR F 24 -13.80 34.07 -11.31
CA THR F 24 -13.83 33.96 -9.86
C THR F 24 -14.76 34.94 -9.15
N GLY F 25 -15.23 35.96 -9.86
CA GLY F 25 -16.09 36.94 -9.23
C GLY F 25 -17.39 36.43 -8.62
N ASP F 26 -17.90 37.20 -7.67
CA ASP F 26 -19.15 36.87 -7.00
C ASP F 26 -20.30 37.00 -8.03
N ARG F 27 -21.48 36.49 -7.68
CA ARG F 27 -22.63 36.53 -8.57
C ARG F 27 -23.91 36.81 -7.80
N ILE F 28 -24.81 37.61 -8.38
CA ILE F 28 -26.08 37.91 -7.73
C ILE F 28 -26.99 36.69 -7.93
N GLU F 29 -27.62 36.20 -6.88
CA GLU F 29 -28.47 35.02 -7.02
C GLU F 29 -29.91 35.23 -6.59
N TRP F 30 -30.15 36.31 -5.86
CA TRP F 30 -31.49 36.59 -5.35
C TRP F 30 -31.73 38.09 -5.25
N VAL F 31 -32.96 38.49 -5.54
CA VAL F 31 -33.37 39.89 -5.46
C VAL F 31 -34.82 39.97 -4.98
N LYS F 32 -35.08 40.88 -4.05
CA LYS F 32 -36.44 41.07 -3.53
C LYS F 32 -36.79 42.56 -3.60
N LEU F 33 -37.91 42.88 -4.22
CA LEU F 33 -38.34 44.27 -4.33
C LEU F 33 -39.60 44.46 -3.50
N SER F 34 -39.73 45.64 -2.89
CA SER F 34 -40.91 45.91 -2.07
C SER F 34 -41.40 47.34 -2.30
N LEU F 35 -42.71 47.50 -2.29
CA LEU F 35 -43.31 48.83 -2.40
C LEU F 35 -44.02 49.00 -1.08
N ALA F 36 -43.54 49.92 -0.26
CA ALA F 36 -44.16 50.15 1.04
C ALA F 36 -44.64 51.58 1.13
N PHE F 37 -45.55 51.85 2.06
CA PHE F 37 -46.06 53.19 2.24
C PHE F 37 -45.91 53.66 3.66
N LEU F 38 -45.25 54.79 3.79
CA LEU F 38 -44.97 55.42 5.07
C LEU F 38 -46.12 56.40 5.38
N PRO F 39 -46.99 56.04 6.32
CA PRO F 39 -48.11 56.93 6.65
C PRO F 39 -47.70 58.17 7.45
N LEU F 40 -48.29 59.31 7.10
CA LEU F 40 -48.02 60.55 7.82
C LEU F 40 -49.30 60.95 8.54
N ALA F 41 -49.32 60.72 9.85
CA ALA F 41 -50.49 61.04 10.68
C ALA F 41 -50.94 62.48 10.50
N THR F 42 -49.96 63.38 10.41
CA THR F 42 -50.26 64.79 10.23
C THR F 42 -50.00 65.19 8.78
N PRO F 43 -51.08 65.45 8.02
CA PRO F 43 -50.95 65.84 6.60
C PRO F 43 -49.95 67.01 6.50
N VAL F 44 -49.04 66.89 5.54
CA VAL F 44 -48.00 67.90 5.36
C VAL F 44 -48.23 68.85 4.18
N SER F 45 -48.08 70.14 4.43
CA SER F 45 -48.28 71.14 3.40
C SER F 45 -47.16 72.18 3.27
N ASP F 46 -46.50 72.23 2.12
CA ASP F 46 -45.50 73.27 1.90
C ASP F 46 -46.21 74.26 0.95
N ALA F 47 -45.48 75.23 0.42
CA ALA F 47 -46.12 76.23 -0.46
C ALA F 47 -46.86 75.65 -1.67
N LYS F 48 -46.46 74.47 -2.14
CA LYS F 48 -47.11 73.87 -3.31
C LYS F 48 -48.59 73.60 -3.02
N VAL F 49 -48.90 73.38 -1.75
CA VAL F 49 -50.27 73.12 -1.36
C VAL F 49 -51.03 74.43 -1.18
N LEU F 50 -50.39 75.41 -0.55
CA LEU F 50 -51.04 76.69 -0.33
C LEU F 50 -51.31 77.48 -1.63
N THR F 51 -50.61 77.15 -2.71
CA THR F 51 -50.84 77.85 -3.98
C THR F 51 -51.83 77.04 -4.83
N GLY F 52 -52.24 75.88 -4.30
CA GLY F 52 -53.20 75.04 -5.01
C GLY F 52 -52.61 74.09 -6.03
N ARG F 53 -51.29 74.02 -6.13
CA ARG F 53 -50.67 73.12 -7.11
C ARG F 53 -50.85 71.65 -6.71
N GLN F 54 -50.89 71.38 -5.41
CA GLN F 54 -51.02 70.01 -4.93
C GLN F 54 -51.88 69.91 -3.67
N LYS F 55 -52.21 68.67 -3.30
CA LYS F 55 -52.98 68.39 -2.10
C LYS F 55 -51.99 68.05 -0.98
N PRO F 56 -52.42 68.14 0.28
CA PRO F 56 -51.50 67.82 1.38
C PRO F 56 -50.89 66.41 1.21
N LEU F 57 -49.65 66.24 1.68
CA LEU F 57 -48.97 64.96 1.61
C LEU F 57 -49.41 64.11 2.82
N THR F 58 -49.88 62.89 2.57
CA THR F 58 -50.34 62.04 3.67
C THR F 58 -49.58 60.74 3.82
N GLU F 59 -48.65 60.48 2.91
CA GLU F 59 -47.87 59.26 2.98
C GLU F 59 -46.70 59.36 2.01
N VAL F 60 -45.73 58.46 2.17
CA VAL F 60 -44.56 58.44 1.31
C VAL F 60 -44.34 57.03 0.78
N ALA F 61 -44.24 56.90 -0.54
CA ALA F 61 -43.98 55.59 -1.13
C ALA F 61 -42.50 55.29 -0.96
N ILE F 62 -42.19 54.05 -0.60
CA ILE F 62 -40.81 53.62 -0.41
C ILE F 62 -40.61 52.35 -1.23
N ILE F 63 -39.69 52.38 -2.18
CA ILE F 63 -39.42 51.21 -3.02
C ILE F 63 -38.09 50.63 -2.57
N ILE F 64 -38.13 49.41 -2.04
CA ILE F 64 -36.93 48.77 -1.52
C ILE F 64 -36.41 47.63 -2.37
N ALA F 65 -35.09 47.51 -2.42
CA ALA F 65 -34.44 46.43 -3.16
C ALA F 65 -33.47 45.75 -2.19
N GLU F 66 -33.46 44.42 -2.20
CA GLU F 66 -32.57 43.62 -1.37
C GLU F 66 -31.90 42.66 -2.33
N ILE F 67 -30.57 42.61 -2.29
CA ILE F 67 -29.82 41.75 -3.20
C ILE F 67 -28.85 40.85 -2.44
N ARG F 68 -28.84 39.57 -2.80
CA ARG F 68 -27.96 38.62 -2.16
C ARG F 68 -27.07 37.92 -3.18
N SER F 69 -25.80 37.78 -2.83
CA SER F 69 -24.84 37.16 -3.73
C SER F 69 -24.51 35.72 -3.34
N ARG F 70 -23.98 35.00 -4.32
CA ARG F 70 -23.58 33.61 -4.14
C ARG F 70 -22.62 33.47 -2.96
N ASP F 71 -21.63 34.37 -2.89
CA ASP F 71 -20.64 34.28 -1.82
C ASP F 71 -21.06 34.81 -0.46
N GLY F 72 -22.36 35.03 -0.27
CA GLY F 72 -22.84 35.45 1.03
C GLY F 72 -23.00 36.91 1.39
N PHE F 73 -22.89 37.80 0.41
CA PHE F 73 -23.05 39.22 0.70
C PHE F 73 -24.46 39.69 0.37
N GLU F 74 -24.90 40.73 1.07
CA GLU F 74 -26.22 41.27 0.85
C GLU F 74 -26.19 42.79 0.86
N GLY F 75 -27.07 43.39 0.07
CA GLY F 75 -27.15 44.84 0.00
C GLY F 75 -28.59 45.28 0.03
N VAL F 76 -28.85 46.42 0.64
CA VAL F 76 -30.19 46.96 0.69
C VAL F 76 -30.14 48.43 0.24
N GLY F 77 -31.18 48.87 -0.46
CA GLY F 77 -31.24 50.24 -0.93
C GLY F 77 -32.69 50.62 -1.20
N PHE F 78 -32.95 51.91 -1.40
CA PHE F 78 -34.32 52.33 -1.69
C PHE F 78 -34.45 53.67 -2.40
N SER F 79 -35.62 53.89 -2.96
CA SER F 79 -35.94 55.16 -3.60
C SER F 79 -37.32 55.44 -3.02
N TYR F 80 -37.94 56.54 -3.41
CA TYR F 80 -39.24 56.88 -2.84
C TYR F 80 -40.00 57.79 -3.75
N SER F 81 -41.22 58.14 -3.34
CA SER F 81 -42.03 59.07 -4.09
C SER F 81 -42.98 59.77 -3.13
N LYS F 82 -43.01 61.10 -3.22
CA LYS F 82 -43.93 61.89 -2.42
C LYS F 82 -45.03 62.25 -3.42
N ARG F 83 -46.17 61.59 -3.25
CA ARG F 83 -47.33 61.72 -4.11
C ARG F 83 -47.15 60.70 -5.24
N ALA F 84 -47.94 60.80 -6.31
CA ALA F 84 -47.86 59.79 -7.38
C ALA F 84 -46.48 59.52 -7.97
N GLY F 85 -46.16 58.23 -8.11
CA GLY F 85 -44.88 57.84 -8.67
C GLY F 85 -44.40 56.50 -8.16
N GLY F 86 -44.75 56.19 -6.91
CA GLY F 86 -44.33 54.93 -6.30
C GLY F 86 -44.76 53.67 -7.04
N GLN F 87 -45.99 53.64 -7.53
CA GLN F 87 -46.49 52.47 -8.24
C GLN F 87 -45.66 52.24 -9.50
N GLY F 88 -45.35 53.32 -10.20
CA GLY F 88 -44.57 53.24 -11.42
C GLY F 88 -43.13 52.83 -11.18
N ILE F 89 -42.53 53.36 -10.11
CA ILE F 89 -41.14 53.02 -9.82
C ILE F 89 -41.04 51.54 -9.51
N TYR F 90 -41.92 51.06 -8.64
CA TYR F 90 -41.93 49.65 -8.27
C TYR F 90 -42.18 48.75 -9.48
N ALA F 91 -43.19 49.10 -10.28
CA ALA F 91 -43.53 48.31 -11.46
C ALA F 91 -42.38 48.16 -12.43
N HIS F 92 -41.68 49.26 -12.72
CA HIS F 92 -40.55 49.17 -13.63
C HIS F 92 -39.42 48.37 -13.01
N ALA F 93 -39.12 48.63 -11.73
CA ALA F 93 -38.06 47.87 -11.07
C ALA F 93 -38.38 46.39 -11.19
N LYS F 94 -39.65 46.04 -10.98
CA LYS F 94 -40.08 44.65 -11.07
C LYS F 94 -39.91 44.08 -12.47
N GLU F 95 -40.16 44.89 -13.49
CA GLU F 95 -40.04 44.42 -14.85
C GLU F 95 -38.59 44.28 -15.34
N ILE F 96 -37.62 44.85 -14.63
CA ILE F 96 -36.23 44.75 -15.06
C ILE F 96 -35.30 44.02 -14.10
N ALA F 97 -35.76 43.81 -12.87
CA ALA F 97 -34.96 43.16 -11.83
C ALA F 97 -34.29 41.83 -12.17
N ASP F 98 -34.97 40.96 -12.91
CA ASP F 98 -34.35 39.68 -13.21
C ASP F 98 -33.06 39.78 -14.02
N ASN F 99 -32.81 40.95 -14.60
CA ASN F 99 -31.56 41.17 -15.35
C ASN F 99 -30.35 41.10 -14.42
N LEU F 100 -30.59 41.28 -13.12
CA LEU F 100 -29.52 41.25 -12.11
C LEU F 100 -28.94 39.86 -11.87
N LEU F 101 -29.77 38.84 -12.00
CA LEU F 101 -29.35 37.47 -11.76
C LEU F 101 -28.16 37.05 -12.61
N GLY F 102 -27.12 36.53 -11.95
CA GLY F 102 -25.94 36.09 -12.67
C GLY F 102 -24.91 37.17 -12.93
N GLU F 103 -25.18 38.40 -12.52
CA GLU F 103 -24.21 39.48 -12.75
C GLU F 103 -23.23 39.57 -11.58
N ASP F 104 -22.02 40.04 -11.86
CA ASP F 104 -21.02 40.24 -10.83
C ASP F 104 -21.49 41.54 -10.18
N PRO F 105 -21.91 41.49 -8.90
CA PRO F 105 -22.40 42.69 -8.21
C PRO F 105 -21.42 43.84 -8.07
N ASN F 106 -20.12 43.60 -8.30
CA ASN F 106 -19.14 44.67 -8.18
C ASN F 106 -19.09 45.61 -9.38
N ASP F 107 -19.58 45.13 -10.52
CA ASP F 107 -19.60 45.93 -11.74
C ASP F 107 -20.90 46.73 -11.78
N ILE F 108 -21.02 47.64 -10.82
CA ILE F 108 -22.18 48.48 -10.65
C ILE F 108 -22.59 49.27 -11.89
N ASP F 109 -21.61 49.91 -12.54
CA ASP F 109 -21.90 50.71 -13.71
C ASP F 109 -22.27 49.84 -14.90
N LYS F 110 -21.62 48.70 -15.01
CA LYS F 110 -21.91 47.77 -16.09
C LYS F 110 -23.37 47.29 -15.94
N ILE F 111 -23.76 47.03 -14.70
CA ILE F 111 -25.13 46.59 -14.42
C ILE F 111 -26.12 47.71 -14.70
N TYR F 112 -25.77 48.93 -14.28
CA TYR F 112 -26.63 50.10 -14.49
C TYR F 112 -26.93 50.23 -15.98
N THR F 113 -25.89 50.09 -16.79
CA THR F 113 -26.03 50.20 -18.24
C THR F 113 -26.92 49.09 -18.80
N LYS F 114 -26.77 47.88 -18.27
CA LYS F 114 -27.60 46.76 -18.73
C LYS F 114 -29.07 47.05 -18.41
N LEU F 115 -29.33 47.62 -17.24
CA LEU F 115 -30.69 47.94 -16.82
C LEU F 115 -31.30 49.04 -17.70
N LEU F 116 -30.49 50.02 -18.09
CA LEU F 116 -30.97 51.10 -18.95
C LEU F 116 -31.33 50.53 -20.32
N TRP F 117 -30.51 49.62 -20.84
CA TRP F 117 -30.79 49.01 -22.14
C TRP F 117 -32.06 48.15 -22.07
N ALA F 118 -32.23 47.42 -20.96
CA ALA F 118 -33.41 46.59 -20.79
C ALA F 118 -34.69 47.45 -20.79
N GLY F 119 -34.53 48.74 -20.46
CA GLY F 119 -35.67 49.64 -20.45
C GLY F 119 -35.40 50.87 -21.31
N ALA F 120 -34.67 50.68 -22.40
CA ALA F 120 -34.31 51.79 -23.28
C ALA F 120 -35.47 52.66 -23.74
N SER F 121 -36.62 52.03 -23.96
CA SER F 121 -37.81 52.74 -24.44
C SER F 121 -38.30 53.83 -23.49
N VAL F 122 -38.03 53.69 -22.19
CA VAL F 122 -38.51 54.67 -21.22
C VAL F 122 -37.49 55.71 -20.72
N GLY F 123 -36.39 55.89 -21.46
CA GLY F 123 -35.43 56.92 -21.11
C GLY F 123 -34.27 56.70 -20.15
N ARG F 124 -33.53 57.78 -19.93
CA ARG F 124 -32.37 57.75 -19.04
C ARG F 124 -32.48 58.79 -17.93
N SER F 125 -33.71 59.21 -17.64
CA SER F 125 -33.97 60.18 -16.59
C SER F 125 -35.36 59.89 -16.06
N GLY F 126 -35.74 60.55 -14.97
CA GLY F 126 -37.07 60.33 -14.43
C GLY F 126 -37.33 58.99 -13.76
N MET F 127 -38.59 58.59 -13.78
CA MET F 127 -39.05 57.36 -13.15
C MET F 127 -38.23 56.11 -13.38
N ALA F 128 -37.88 55.83 -14.64
CA ALA F 128 -37.09 54.65 -14.95
C ALA F 128 -35.78 54.56 -14.16
N VAL F 129 -35.06 55.67 -14.03
CA VAL F 129 -33.80 55.61 -13.29
C VAL F 129 -34.09 55.58 -11.80
N GLN F 130 -35.25 56.10 -11.40
CA GLN F 130 -35.61 56.07 -9.99
C GLN F 130 -35.96 54.62 -9.60
N ALA F 131 -36.22 53.79 -10.61
CA ALA F 131 -36.53 52.38 -10.39
C ALA F 131 -35.19 51.63 -10.28
N ILE F 132 -34.15 52.24 -10.82
CA ILE F 132 -32.81 51.65 -10.75
C ILE F 132 -32.12 52.08 -9.46
N SER F 133 -32.53 53.22 -8.92
CA SER F 133 -31.94 53.74 -7.68
C SER F 133 -31.83 52.74 -6.53
N PRO F 134 -32.94 52.05 -6.17
CA PRO F 134 -32.90 51.09 -5.07
C PRO F 134 -31.83 50.03 -5.32
N ILE F 135 -31.77 49.53 -6.54
CA ILE F 135 -30.81 48.51 -6.95
C ILE F 135 -29.37 49.06 -6.92
N ASP F 136 -29.15 50.22 -7.53
CA ASP F 136 -27.82 50.84 -7.56
C ASP F 136 -27.33 51.07 -6.14
N ILE F 137 -28.20 51.60 -5.29
CA ILE F 137 -27.85 51.86 -3.90
C ILE F 137 -27.56 50.56 -3.14
N ALA F 138 -28.37 49.53 -3.37
CA ALA F 138 -28.14 48.25 -2.68
C ALA F 138 -26.78 47.69 -3.08
N LEU F 139 -26.41 47.81 -4.35
CA LEU F 139 -25.11 47.32 -4.79
C LEU F 139 -23.96 48.08 -4.12
N TRP F 140 -24.12 49.38 -3.91
CA TRP F 140 -23.06 50.15 -3.25
C TRP F 140 -23.02 49.72 -1.79
N ASP F 141 -24.20 49.54 -1.20
CA ASP F 141 -24.33 49.10 0.19
C ASP F 141 -23.56 47.77 0.32
N MET F 142 -23.75 46.90 -0.66
CA MET F 142 -23.09 45.59 -0.64
C MET F 142 -21.58 45.72 -0.76
N LYS F 143 -21.10 46.50 -1.72
CA LYS F 143 -19.66 46.65 -1.89
C LYS F 143 -19.02 47.19 -0.62
N ALA F 144 -19.66 48.17 0.02
CA ALA F 144 -19.11 48.73 1.25
C ALA F 144 -18.99 47.62 2.30
N LYS F 145 -20.05 46.83 2.43
CA LYS F 145 -20.06 45.73 3.40
C LYS F 145 -18.97 44.72 3.06
N ARG F 146 -18.80 44.44 1.77
CA ARG F 146 -17.77 43.51 1.33
C ARG F 146 -16.40 43.98 1.82
N ALA F 147 -16.21 45.29 1.91
CA ALA F 147 -14.94 45.85 2.35
C ALA F 147 -14.92 46.07 3.87
N GLY F 148 -16.06 45.80 4.52
CA GLY F 148 -16.15 45.99 5.96
C GLY F 148 -16.04 47.45 6.33
N LEU F 149 -16.71 48.31 5.57
CA LEU F 149 -16.66 49.75 5.81
C LEU F 149 -17.99 50.46 5.68
N PRO F 150 -18.16 51.56 6.42
CA PRO F 150 -19.41 52.31 6.31
C PRO F 150 -19.31 52.84 4.86
N LEU F 151 -20.44 53.08 4.18
CA LEU F 151 -20.35 53.56 2.81
C LEU F 151 -19.43 54.77 2.64
N ALA F 152 -19.53 55.74 3.56
CA ALA F 152 -18.71 56.94 3.50
C ALA F 152 -17.22 56.61 3.41
N LYS F 153 -16.81 55.55 4.11
CA LYS F 153 -15.41 55.15 4.11
C LYS F 153 -15.02 54.43 2.82
N LEU F 154 -15.96 53.72 2.22
CA LEU F 154 -15.69 53.04 0.97
C LEU F 154 -15.43 54.12 -0.08
N LEU F 155 -16.25 55.17 -0.05
CA LEU F 155 -16.14 56.27 -1.00
C LEU F 155 -14.93 57.14 -0.68
N GLY F 156 -14.61 57.23 0.60
CA GLY F 156 -13.52 58.06 1.06
C GLY F 156 -14.18 59.27 1.67
N ALA F 157 -13.97 59.50 2.96
CA ALA F 157 -14.61 60.63 3.63
C ALA F 157 -13.65 61.80 3.85
N HIS F 158 -14.25 62.98 3.97
CA HIS F 158 -13.52 64.21 4.21
C HIS F 158 -13.86 64.70 5.61
N ARG F 159 -14.89 64.07 6.20
CA ARG F 159 -15.34 64.40 7.54
C ARG F 159 -16.06 63.18 8.12
N ASP F 160 -16.11 63.09 9.45
CA ASP F 160 -16.75 61.95 10.08
C ASP F 160 -18.16 62.25 10.59
N SER F 161 -18.61 63.47 10.31
CA SER F 161 -19.94 63.90 10.70
C SER F 161 -20.25 65.11 9.82
N VAL F 162 -21.53 65.42 9.64
CA VAL F 162 -21.88 66.56 8.80
C VAL F 162 -22.96 67.44 9.43
N GLN F 163 -22.82 68.76 9.26
CA GLN F 163 -23.77 69.74 9.78
C GLN F 163 -25.15 69.30 9.36
N CYS F 164 -26.11 69.39 10.28
CA CYS F 164 -27.46 68.95 9.98
C CYS F 164 -28.52 69.97 10.41
N TYR F 165 -29.49 70.19 9.52
CA TYR F 165 -30.57 71.13 9.82
C TYR F 165 -31.89 70.40 9.69
N ASN F 166 -32.91 70.88 10.39
CA ASN F 166 -34.23 70.24 10.33
C ASN F 166 -35.20 70.95 9.41
N THR F 167 -36.04 70.18 8.72
CA THR F 167 -37.03 70.71 7.79
C THR F 167 -38.45 70.38 8.21
N SER F 168 -38.65 69.18 8.77
CA SER F 168 -39.98 68.73 9.18
C SER F 168 -40.72 69.60 10.18
N GLY F 169 -40.01 70.44 10.92
CA GLY F 169 -40.68 71.29 11.88
C GLY F 169 -40.98 72.70 11.38
N GLY F 170 -40.79 72.94 10.09
CA GLY F 170 -41.04 74.28 9.56
C GLY F 170 -41.99 74.37 8.38
N PHE F 171 -42.94 73.44 8.31
CA PHE F 171 -43.92 73.43 7.23
C PHE F 171 -45.05 74.44 7.40
N LEU F 172 -45.68 74.80 6.28
CA LEU F 172 -46.74 75.80 6.26
C LEU F 172 -48.09 75.42 6.86
N HIS F 173 -48.32 74.14 7.12
CA HIS F 173 -49.58 73.73 7.74
C HIS F 173 -49.45 73.89 9.26
N THR F 174 -48.24 74.24 9.70
CA THR F 174 -47.94 74.43 11.12
C THR F 174 -48.06 75.89 11.58
N PRO F 175 -48.91 76.16 12.58
CA PRO F 175 -49.09 77.53 13.09
C PRO F 175 -47.76 78.06 13.63
N LEU F 176 -47.53 79.35 13.48
CA LEU F 176 -46.29 79.97 13.95
C LEU F 176 -45.95 79.54 15.36
N ASP F 177 -46.96 79.50 16.23
CA ASP F 177 -46.77 79.11 17.62
C ASP F 177 -46.09 77.74 17.74
N GLN F 178 -46.60 76.77 17.01
CA GLN F 178 -46.05 75.42 17.02
C GLN F 178 -44.66 75.36 16.38
N VAL F 179 -44.44 76.19 15.35
CA VAL F 179 -43.15 76.24 14.68
C VAL F 179 -42.07 76.68 15.67
N LEU F 180 -42.39 77.68 16.49
CA LEU F 180 -41.45 78.19 17.50
C LEU F 180 -41.18 77.09 18.54
N LYS F 181 -42.18 76.28 18.83
CA LYS F 181 -42.01 75.18 19.78
C LYS F 181 -41.10 74.13 19.14
N ASN F 182 -41.28 73.89 17.85
CA ASN F 182 -40.45 72.91 17.13
C ASN F 182 -38.99 73.35 17.13
N VAL F 183 -38.75 74.64 16.91
CA VAL F 183 -37.38 75.15 16.89
C VAL F 183 -36.68 74.76 18.19
N VAL F 184 -37.38 74.94 19.31
CA VAL F 184 -36.82 74.61 20.61
C VAL F 184 -36.55 73.11 20.75
N ILE F 185 -37.53 72.30 20.37
CA ILE F 185 -37.38 70.85 20.45
C ILE F 185 -36.16 70.42 19.63
N SER F 186 -36.09 70.93 18.41
CA SER F 186 -34.98 70.59 17.51
C SER F 186 -33.64 71.06 18.06
N ARG F 187 -33.61 72.30 18.53
CA ARG F 187 -32.38 72.87 19.06
C ARG F 187 -31.91 72.09 20.29
N GLU F 188 -32.84 71.72 21.16
CA GLU F 188 -32.49 70.97 22.36
C GLU F 188 -32.03 69.56 22.02
N ASN F 189 -32.36 69.08 20.84
CA ASN F 189 -31.95 67.74 20.43
C ASN F 189 -30.67 67.76 19.62
N GLY F 190 -30.00 68.91 19.61
CA GLY F 190 -28.74 69.03 18.91
C GLY F 190 -28.75 69.38 17.43
N ILE F 191 -29.87 69.88 16.91
CA ILE F 191 -29.91 70.24 15.49
C ILE F 191 -28.92 71.40 15.24
N GLY F 192 -28.36 71.44 14.03
CA GLY F 192 -27.41 72.50 13.71
C GLY F 192 -27.99 73.63 12.87
N GLY F 193 -29.27 73.55 12.55
CA GLY F 193 -29.89 74.58 11.74
C GLY F 193 -31.38 74.35 11.55
N ILE F 194 -32.08 75.40 11.13
CA ILE F 194 -33.51 75.35 10.91
C ILE F 194 -33.88 75.87 9.52
N LYS F 195 -34.76 75.14 8.84
CA LYS F 195 -35.23 75.56 7.53
C LYS F 195 -36.73 75.85 7.65
N LEU F 196 -37.15 77.01 7.20
CA LEU F 196 -38.56 77.40 7.27
C LEU F 196 -39.17 77.41 5.87
N LYS F 197 -40.34 76.79 5.73
CA LYS F 197 -41.03 76.78 4.45
C LYS F 197 -41.67 78.14 4.20
N VAL F 198 -41.50 78.68 3.01
CA VAL F 198 -42.08 79.97 2.65
C VAL F 198 -42.67 79.84 1.25
N GLY F 199 -43.08 80.96 0.66
CA GLY F 199 -43.62 80.90 -0.68
C GLY F 199 -45.13 80.82 -0.76
N GLN F 200 -45.82 81.14 0.34
CA GLN F 200 -47.28 81.11 0.33
C GLN F 200 -47.78 82.41 -0.30
N PRO F 201 -49.03 82.41 -0.80
CA PRO F 201 -49.59 83.61 -1.43
C PRO F 201 -49.38 84.87 -0.58
N ASN F 202 -49.67 84.77 0.72
CA ASN F 202 -49.50 85.91 1.61
C ASN F 202 -48.02 86.12 1.94
N CYS F 203 -47.34 86.92 1.14
CA CYS F 203 -45.92 87.20 1.36
C CYS F 203 -45.63 87.77 2.73
N ALA F 204 -46.48 88.70 3.17
CA ALA F 204 -46.32 89.34 4.47
C ALA F 204 -46.32 88.33 5.61
N GLU F 205 -47.15 87.30 5.50
CA GLU F 205 -47.22 86.28 6.54
C GLU F 205 -45.91 85.51 6.63
N ASP F 206 -45.29 85.21 5.50
CA ASP F 206 -44.01 84.50 5.50
C ASP F 206 -42.97 85.36 6.19
N ILE F 207 -42.96 86.66 5.89
CA ILE F 207 -42.01 87.57 6.50
C ILE F 207 -42.22 87.60 8.01
N ARG F 208 -43.49 87.56 8.42
CA ARG F 208 -43.83 87.58 9.83
C ARG F 208 -43.27 86.35 10.52
N ARG F 209 -43.56 85.18 9.95
CA ARG F 209 -43.08 83.91 10.50
C ARG F 209 -41.56 83.86 10.51
N LEU F 210 -40.93 84.30 9.43
CA LEU F 210 -39.47 84.28 9.33
C LEU F 210 -38.81 85.18 10.37
N THR F 211 -39.34 86.39 10.55
CA THR F 211 -38.77 87.32 11.53
C THR F 211 -38.87 86.73 12.94
N ALA F 212 -40.00 86.09 13.22
CA ALA F 212 -40.24 85.47 14.52
C ALA F 212 -39.23 84.35 14.80
N VAL F 213 -38.99 83.51 13.79
CA VAL F 213 -38.05 82.41 13.96
C VAL F 213 -36.62 82.92 14.17
N ARG F 214 -36.21 83.92 13.40
CA ARG F 214 -34.86 84.48 13.55
C ARG F 214 -34.75 85.11 14.94
N GLU F 215 -35.83 85.76 15.36
CA GLU F 215 -35.88 86.41 16.66
C GLU F 215 -35.64 85.38 17.74
N ALA F 216 -36.39 84.28 17.66
CA ALA F 216 -36.29 83.19 18.64
C ALA F 216 -34.94 82.48 18.62
N LEU F 217 -34.36 82.30 17.44
CA LEU F 217 -33.07 81.63 17.30
C LEU F 217 -31.87 82.47 17.69
N GLY F 218 -32.00 83.78 17.54
CA GLY F 218 -30.87 84.65 17.85
C GLY F 218 -30.16 84.87 16.52
N ASP F 219 -29.28 85.85 16.47
CA ASP F 219 -28.56 86.20 15.25
C ASP F 219 -27.65 85.15 14.62
N GLU F 220 -27.03 84.30 15.43
CA GLU F 220 -26.06 83.32 14.92
C GLU F 220 -26.56 82.00 14.32
N PHE F 221 -27.55 81.38 14.96
CA PHE F 221 -28.04 80.09 14.49
C PHE F 221 -28.37 80.00 13.01
N PRO F 222 -27.84 78.97 12.32
CA PRO F 222 -28.08 78.77 10.89
C PRO F 222 -29.58 78.65 10.59
N LEU F 223 -30.05 79.51 9.70
CA LEU F 223 -31.44 79.55 9.31
C LEU F 223 -31.54 79.62 7.81
N MET F 224 -32.45 78.84 7.23
CA MET F 224 -32.64 78.84 5.78
C MET F 224 -34.13 78.78 5.45
N VAL F 225 -34.50 79.17 4.23
CA VAL F 225 -35.89 79.15 3.82
C VAL F 225 -36.04 78.35 2.52
N ASP F 226 -37.26 77.85 2.30
CA ASP F 226 -37.56 77.02 1.14
C ASP F 226 -38.93 77.42 0.55
N ALA F 227 -38.93 77.91 -0.69
CA ALA F 227 -40.17 78.33 -1.35
C ALA F 227 -40.81 77.23 -2.20
N ASN F 228 -40.11 76.11 -2.38
CA ASN F 228 -40.65 75.01 -3.17
C ASN F 228 -41.21 75.45 -4.53
N GLN F 229 -40.45 76.29 -5.22
CA GLN F 229 -40.79 76.80 -6.55
C GLN F 229 -42.01 77.70 -6.65
N GLN F 230 -42.55 78.17 -5.53
CA GLN F 230 -43.78 78.95 -5.61
C GLN F 230 -43.78 80.45 -5.89
N TRP F 231 -42.63 81.04 -6.17
CA TRP F 231 -42.61 82.47 -6.48
C TRP F 231 -42.32 82.66 -7.95
N ASP F 232 -42.76 83.79 -8.51
CA ASP F 232 -42.43 84.09 -9.89
C ASP F 232 -41.18 84.97 -9.74
N ARG F 233 -40.50 85.28 -10.82
CA ARG F 233 -39.28 86.08 -10.74
C ARG F 233 -39.44 87.40 -9.99
N GLU F 234 -40.53 88.11 -10.29
CA GLU F 234 -40.79 89.41 -9.64
C GLU F 234 -40.80 89.28 -8.12
N THR F 235 -41.58 88.33 -7.62
CA THR F 235 -41.71 88.11 -6.19
C THR F 235 -40.42 87.58 -5.57
N ALA F 236 -39.73 86.70 -6.29
CA ALA F 236 -38.49 86.12 -5.79
C ALA F 236 -37.46 87.19 -5.43
N ILE F 237 -37.15 88.08 -6.36
CA ILE F 237 -36.17 89.12 -6.07
C ILE F 237 -36.67 90.06 -4.97
N ARG F 238 -37.97 90.34 -4.97
CA ARG F 238 -38.55 91.21 -3.96
C ARG F 238 -38.33 90.59 -2.58
N MET F 239 -38.76 89.33 -2.43
CA MET F 239 -38.60 88.62 -1.16
C MET F 239 -37.12 88.47 -0.83
N GLY F 240 -36.32 88.21 -1.85
CA GLY F 240 -34.89 88.06 -1.65
C GLY F 240 -34.29 89.28 -0.98
N ARG F 241 -34.53 90.46 -1.56
CA ARG F 241 -34.02 91.71 -1.02
C ARG F 241 -34.40 91.86 0.45
N LYS F 242 -35.68 91.61 0.72
CA LYS F 242 -36.21 91.75 2.06
C LYS F 242 -35.67 90.74 3.08
N MET F 243 -35.14 89.61 2.60
CA MET F 243 -34.62 88.60 3.51
C MET F 243 -33.12 88.70 3.74
N GLU F 244 -32.44 89.59 3.02
CA GLU F 244 -31.00 89.75 3.17
C GLU F 244 -30.66 89.98 4.65
N GLN F 245 -31.53 90.73 5.33
CA GLN F 245 -31.34 91.07 6.74
C GLN F 245 -31.30 89.89 7.71
N PHE F 246 -31.87 88.76 7.30
CA PHE F 246 -31.87 87.59 8.18
C PHE F 246 -30.62 86.74 8.08
N ASN F 247 -29.74 87.10 7.16
CA ASN F 247 -28.48 86.37 6.96
C ASN F 247 -28.71 84.87 6.86
N LEU F 248 -29.61 84.47 5.97
CA LEU F 248 -29.94 83.06 5.77
C LEU F 248 -28.77 82.31 5.15
N ILE F 249 -28.67 81.02 5.46
CA ILE F 249 -27.62 80.19 4.88
C ILE F 249 -27.95 80.05 3.40
N TRP F 250 -29.24 80.06 3.08
CA TRP F 250 -29.68 79.99 1.69
C TRP F 250 -31.18 80.16 1.53
N ILE F 251 -31.58 80.44 0.28
CA ILE F 251 -32.98 80.58 -0.09
C ILE F 251 -33.09 79.43 -1.09
N GLU F 252 -33.97 78.48 -0.79
CA GLU F 252 -34.13 77.30 -1.63
C GLU F 252 -35.33 77.32 -2.56
N GLU F 253 -35.13 76.79 -3.76
CA GLU F 253 -36.16 76.71 -4.78
C GLU F 253 -37.09 77.94 -4.83
N PRO F 254 -36.51 79.13 -5.06
CA PRO F 254 -37.34 80.33 -5.13
C PRO F 254 -38.24 80.27 -6.36
N LEU F 255 -37.77 79.60 -7.40
CA LEU F 255 -38.51 79.50 -8.66
C LEU F 255 -38.67 78.08 -9.17
N ASP F 256 -39.38 77.95 -10.29
CA ASP F 256 -39.60 76.66 -10.92
C ASP F 256 -38.23 75.99 -11.03
N ALA F 257 -38.19 74.70 -10.72
CA ALA F 257 -36.96 73.91 -10.75
C ALA F 257 -36.21 73.97 -12.07
N TYR F 258 -36.93 74.28 -13.14
CA TYR F 258 -36.30 74.35 -14.45
C TYR F 258 -36.03 75.75 -14.96
N ASP F 259 -36.29 76.76 -14.13
CA ASP F 259 -36.02 78.14 -14.54
C ASP F 259 -34.55 78.43 -14.26
N ILE F 260 -33.67 77.93 -15.12
CA ILE F 260 -32.23 78.11 -14.96
C ILE F 260 -31.77 79.57 -14.90
N GLU F 261 -32.14 80.36 -15.90
CA GLU F 261 -31.73 81.76 -15.94
C GLU F 261 -32.37 82.53 -14.79
N GLY F 262 -33.57 82.11 -14.40
CA GLY F 262 -34.23 82.78 -13.30
C GLY F 262 -33.42 82.61 -12.03
N HIS F 263 -32.99 81.38 -11.77
CA HIS F 263 -32.20 81.10 -10.58
C HIS F 263 -30.86 81.82 -10.68
N ALA F 264 -30.19 81.67 -11.82
CA ALA F 264 -28.89 82.31 -12.04
C ALA F 264 -28.99 83.80 -11.74
N GLN F 265 -30.05 84.42 -12.22
CA GLN F 265 -30.27 85.84 -12.02
C GLN F 265 -30.39 86.20 -10.55
N LEU F 266 -31.14 85.39 -9.79
CA LEU F 266 -31.29 85.65 -8.36
C LEU F 266 -29.97 85.46 -7.63
N ALA F 267 -29.25 84.40 -8.01
CA ALA F 267 -27.98 84.10 -7.39
C ALA F 267 -26.99 85.24 -7.57
N ALA F 268 -26.95 85.81 -8.78
CA ALA F 268 -26.03 86.91 -9.07
C ALA F 268 -26.46 88.22 -8.43
N ALA F 269 -27.76 88.40 -8.23
CA ALA F 269 -28.28 89.63 -7.64
C ALA F 269 -28.22 89.71 -6.13
N LEU F 270 -28.31 88.57 -5.46
CA LEU F 270 -28.29 88.55 -4.00
C LEU F 270 -27.01 87.99 -3.41
N ASP F 271 -26.64 88.47 -2.22
CA ASP F 271 -25.45 87.96 -1.56
C ASP F 271 -25.86 86.63 -0.92
N THR F 272 -27.10 86.57 -0.43
CA THR F 272 -27.63 85.34 0.17
C THR F 272 -27.52 84.21 -0.84
N PRO F 273 -26.99 83.06 -0.41
CA PRO F 273 -26.87 81.93 -1.34
C PRO F 273 -28.23 81.44 -1.82
N ILE F 274 -28.23 80.88 -3.03
CA ILE F 274 -29.43 80.32 -3.63
C ILE F 274 -29.18 78.81 -3.74
N ALA F 275 -30.20 78.03 -3.42
CA ALA F 275 -30.07 76.58 -3.49
C ALA F 275 -31.21 75.97 -4.29
N THR F 276 -30.92 74.91 -5.03
CA THR F 276 -31.95 74.24 -5.82
C THR F 276 -31.46 72.89 -6.38
N GLY F 277 -32.38 72.12 -6.96
CA GLY F 277 -32.02 70.85 -7.56
C GLY F 277 -32.72 69.59 -7.08
N GLU F 278 -33.35 69.64 -5.91
CA GLU F 278 -34.01 68.46 -5.36
C GLU F 278 -34.99 67.77 -6.33
N MET F 279 -35.67 68.54 -7.17
CA MET F 279 -36.65 67.98 -8.09
C MET F 279 -36.05 67.36 -9.35
N LEU F 280 -34.78 67.65 -9.63
CA LEU F 280 -34.15 67.12 -10.84
C LEU F 280 -34.02 65.59 -10.76
N THR F 281 -34.14 64.93 -11.90
CA THR F 281 -34.11 63.48 -11.94
C THR F 281 -33.03 62.84 -12.81
N SER F 282 -31.84 63.43 -12.85
CA SER F 282 -30.74 62.86 -13.62
C SER F 282 -29.52 63.75 -13.56
N PHE F 283 -28.38 63.19 -13.96
CA PHE F 283 -27.14 63.94 -14.01
C PHE F 283 -27.33 65.06 -15.02
N ARG F 284 -27.81 64.70 -16.21
CA ARG F 284 -28.05 65.66 -17.29
C ARG F 284 -28.79 66.90 -16.80
N GLU F 285 -29.89 66.70 -16.10
CA GLU F 285 -30.68 67.81 -15.59
C GLU F 285 -29.86 68.68 -14.65
N HIS F 286 -29.10 68.06 -13.75
CA HIS F 286 -28.28 68.84 -12.82
C HIS F 286 -27.16 69.58 -13.55
N GLU F 287 -26.65 68.95 -14.60
CA GLU F 287 -25.59 69.53 -15.40
C GLU F 287 -26.05 70.82 -16.06
N GLN F 288 -27.27 70.82 -16.59
CA GLN F 288 -27.81 72.01 -17.23
C GLN F 288 -27.90 73.16 -16.23
N LEU F 289 -28.33 72.86 -15.00
CA LEU F 289 -28.42 73.93 -14.01
C LEU F 289 -27.05 74.41 -13.56
N ILE F 290 -26.10 73.50 -13.41
CA ILE F 290 -24.77 73.88 -12.98
C ILE F 290 -24.03 74.69 -14.06
N LEU F 291 -24.12 74.25 -15.32
CA LEU F 291 -23.46 74.98 -16.39
C LEU F 291 -24.10 76.37 -16.51
N GLY F 292 -25.36 76.48 -16.12
CA GLY F 292 -26.07 77.75 -16.19
C GLY F 292 -25.92 78.59 -14.92
N ASN F 293 -25.06 78.16 -14.01
CA ASN F 293 -24.82 78.89 -12.77
C ASN F 293 -26.10 79.22 -12.01
N ALA F 294 -27.01 78.26 -11.94
CA ALA F 294 -28.28 78.46 -11.27
C ALA F 294 -28.21 78.68 -9.76
N SER F 295 -27.28 78.03 -9.07
CA SER F 295 -27.22 78.17 -7.63
C SER F 295 -25.87 77.98 -6.97
N ASP F 296 -25.77 78.51 -5.75
CA ASP F 296 -24.58 78.44 -4.92
C ASP F 296 -24.52 77.06 -4.24
N PHE F 297 -25.69 76.52 -3.92
CA PHE F 297 -25.78 75.21 -3.30
C PHE F 297 -26.47 74.28 -4.28
N VAL F 298 -25.87 73.14 -4.53
CA VAL F 298 -26.44 72.16 -5.44
C VAL F 298 -27.08 71.13 -4.50
N GLN F 299 -28.35 70.81 -4.75
CA GLN F 299 -29.07 69.88 -3.91
C GLN F 299 -29.58 68.64 -4.65
N PRO F 300 -28.68 67.67 -4.89
CA PRO F 300 -29.11 66.45 -5.59
C PRO F 300 -29.84 65.52 -4.62
N ASP F 301 -30.52 64.53 -5.16
CA ASP F 301 -31.29 63.55 -4.38
C ASP F 301 -30.95 62.22 -5.04
N ALA F 302 -30.13 61.41 -4.37
CA ALA F 302 -29.71 60.13 -4.93
C ALA F 302 -30.89 59.29 -5.47
N PRO F 303 -31.94 59.11 -4.65
CA PRO F 303 -33.07 58.32 -5.14
C PRO F 303 -33.66 58.93 -6.42
N ARG F 304 -33.87 60.25 -6.39
CA ARG F 304 -34.44 60.94 -7.54
C ARG F 304 -33.61 60.94 -8.81
N VAL F 305 -32.28 61.02 -8.70
CA VAL F 305 -31.44 61.08 -9.89
C VAL F 305 -30.98 59.76 -10.47
N GLY F 306 -31.39 58.66 -9.85
CA GLY F 306 -30.99 57.37 -10.36
C GLY F 306 -30.01 56.60 -9.47
N GLY F 307 -29.82 57.07 -8.25
CA GLY F 307 -28.93 56.38 -7.33
C GLY F 307 -27.61 57.03 -6.96
N ILE F 308 -26.77 56.27 -6.26
CA ILE F 308 -25.46 56.77 -5.84
C ILE F 308 -24.52 57.00 -7.03
N SER F 309 -24.51 56.08 -7.99
CA SER F 309 -23.64 56.22 -9.15
C SER F 309 -23.78 57.57 -9.84
N PRO F 310 -25.01 57.95 -10.26
CA PRO F 310 -25.09 59.25 -10.91
C PRO F 310 -24.83 60.38 -9.92
N PHE F 311 -25.24 60.20 -8.67
CA PHE F 311 -25.04 61.22 -7.64
C PHE F 311 -23.56 61.58 -7.49
N LEU F 312 -22.70 60.57 -7.61
CA LEU F 312 -21.26 60.81 -7.49
C LEU F 312 -20.79 61.74 -8.61
N LYS F 313 -21.31 61.51 -9.82
CA LYS F 313 -20.94 62.34 -10.97
C LYS F 313 -21.41 63.78 -10.75
N ILE F 314 -22.60 63.94 -10.19
CA ILE F 314 -23.12 65.27 -9.92
C ILE F 314 -22.23 65.97 -8.89
N MET F 315 -21.82 65.23 -7.86
CA MET F 315 -20.95 65.79 -6.84
C MET F 315 -19.67 66.37 -7.44
N ASP F 316 -19.03 65.59 -8.30
CA ASP F 316 -17.79 66.03 -8.93
C ASP F 316 -18.00 67.28 -9.77
N LEU F 317 -19.10 67.31 -10.52
CA LEU F 317 -19.39 68.47 -11.35
C LEU F 317 -19.55 69.70 -10.46
N ALA F 318 -20.39 69.57 -9.44
CA ALA F 318 -20.64 70.66 -8.51
C ALA F 318 -19.33 71.19 -7.93
N ALA F 319 -18.51 70.28 -7.42
CA ALA F 319 -17.23 70.63 -6.83
C ALA F 319 -16.35 71.39 -7.81
N LYS F 320 -16.29 70.91 -9.06
CA LYS F 320 -15.50 71.56 -10.09
C LYS F 320 -15.95 73.01 -10.28
N HIS F 321 -17.25 73.26 -10.13
CA HIS F 321 -17.77 74.61 -10.27
C HIS F 321 -17.81 75.35 -8.94
N GLY F 322 -17.07 74.85 -7.96
CA GLY F 322 -16.99 75.48 -6.66
C GLY F 322 -18.26 75.66 -5.86
N ARG F 323 -19.25 74.80 -6.07
CA ARG F 323 -20.52 74.90 -5.34
C ARG F 323 -20.55 74.05 -4.06
N LYS F 324 -21.38 74.47 -3.10
CA LYS F 324 -21.55 73.74 -1.85
C LYS F 324 -22.58 72.65 -2.13
N LEU F 325 -22.61 71.61 -1.29
CA LEU F 325 -23.56 70.51 -1.46
C LEU F 325 -24.50 70.43 -0.27
N ALA F 326 -25.79 70.31 -0.58
CA ALA F 326 -26.81 70.18 0.45
C ALA F 326 -27.86 69.20 -0.12
N PRO F 327 -27.57 67.89 -0.03
CA PRO F 327 -28.48 66.85 -0.54
C PRO F 327 -29.88 66.99 0.05
N HIS F 328 -30.88 66.56 -0.71
CA HIS F 328 -32.27 66.66 -0.26
C HIS F 328 -32.85 65.36 0.29
N PHE F 329 -33.47 65.44 1.47
CA PHE F 329 -34.14 64.29 2.07
C PHE F 329 -33.19 63.11 2.27
N ALA F 330 -33.76 61.91 2.34
CA ALA F 330 -33.01 60.66 2.49
C ALA F 330 -31.66 60.79 3.18
N MET F 331 -31.65 61.32 4.39
CA MET F 331 -30.40 61.48 5.13
C MET F 331 -29.70 60.15 5.36
N GLU F 332 -30.48 59.08 5.45
CA GLU F 332 -29.92 57.74 5.68
C GLU F 332 -28.91 57.39 4.57
N VAL F 333 -29.07 57.97 3.40
CA VAL F 333 -28.16 57.71 2.30
C VAL F 333 -27.22 58.90 2.11
N HIS F 334 -27.78 60.09 2.10
CA HIS F 334 -27.00 61.30 1.89
C HIS F 334 -25.92 61.61 2.92
N LEU F 335 -26.06 61.04 4.12
CA LEU F 335 -25.05 61.24 5.16
C LEU F 335 -23.69 60.80 4.63
N HIS F 336 -23.67 59.64 3.99
CA HIS F 336 -22.45 59.07 3.43
C HIS F 336 -21.91 59.86 2.23
N LEU F 337 -22.80 60.26 1.34
CA LEU F 337 -22.39 61.02 0.16
C LEU F 337 -21.85 62.40 0.53
N SER F 338 -22.55 63.12 1.39
CA SER F 338 -22.08 64.45 1.79
C SER F 338 -20.79 64.33 2.61
N ALA F 339 -20.61 63.23 3.32
CA ALA F 339 -19.38 63.03 4.10
C ALA F 339 -18.21 62.93 3.12
N ALA F 340 -18.50 62.47 1.91
CA ALA F 340 -17.47 62.31 0.88
C ALA F 340 -17.23 63.58 0.06
N TYR F 341 -18.06 64.61 0.24
CA TYR F 341 -17.89 65.84 -0.53
C TYR F 341 -16.72 66.67 -0.01
N PRO F 342 -15.88 67.19 -0.93
CA PRO F 342 -14.71 68.00 -0.57
C PRO F 342 -15.00 69.29 0.20
N LEU F 343 -16.07 70.00 -0.15
CA LEU F 343 -16.41 71.24 0.57
C LEU F 343 -17.43 70.95 1.68
N GLU F 344 -17.43 71.78 2.72
CA GLU F 344 -18.33 71.56 3.86
C GLU F 344 -19.80 71.57 3.41
N PRO F 345 -20.49 70.42 3.57
CA PRO F 345 -21.90 70.29 3.17
C PRO F 345 -22.90 70.39 4.31
N TRP F 346 -24.17 70.24 3.97
CA TRP F 346 -25.26 70.26 4.93
C TRP F 346 -26.09 69.02 4.69
N LEU F 347 -26.68 68.49 5.76
CA LEU F 347 -27.52 67.29 5.66
C LEU F 347 -28.92 67.71 6.13
N GLU F 348 -29.94 67.25 5.40
CA GLU F 348 -31.31 67.59 5.73
C GLU F 348 -31.98 66.52 6.60
N HIS F 349 -32.60 66.95 7.69
CA HIS F 349 -33.26 66.03 8.61
C HIS F 349 -34.79 66.00 8.59
N PHE F 350 -35.31 64.78 8.59
CA PHE F 350 -36.73 64.47 8.64
C PHE F 350 -36.72 63.23 9.54
N GLU F 351 -37.75 63.03 10.35
CA GLU F 351 -37.79 61.83 11.20
C GLU F 351 -38.65 60.76 10.52
N TRP F 352 -39.32 61.14 9.44
CA TRP F 352 -40.22 60.25 8.70
C TRP F 352 -39.76 58.83 8.45
N LEU F 353 -38.52 58.65 8.02
CA LEU F 353 -38.03 57.31 7.71
C LEU F 353 -37.44 56.53 8.88
N ASN F 354 -37.37 57.14 10.06
CA ASN F 354 -36.80 56.46 11.22
C ASN F 354 -37.41 55.06 11.49
N PRO F 355 -38.75 54.93 11.42
CA PRO F 355 -39.44 53.66 11.67
C PRO F 355 -39.09 52.53 10.70
N LEU F 356 -38.53 52.85 9.54
CA LEU F 356 -38.19 51.82 8.56
C LEU F 356 -36.96 51.01 8.94
N PHE F 357 -36.13 51.56 9.82
CA PHE F 357 -34.90 50.89 10.18
C PHE F 357 -34.75 50.61 11.66
N ASN F 358 -33.95 49.61 11.97
CA ASN F 358 -33.72 49.24 13.35
C ASN F 358 -32.73 50.17 14.03
N GLU F 359 -31.86 50.79 13.23
CA GLU F 359 -30.86 51.69 13.78
C GLU F 359 -31.19 53.15 13.54
N GLN F 360 -30.79 54.00 14.49
CA GLN F 360 -31.03 55.43 14.36
C GLN F 360 -29.69 56.18 14.30
N LEU F 361 -29.65 57.27 13.55
CA LEU F 361 -28.43 58.06 13.43
C LEU F 361 -28.23 58.94 14.65
N GLU F 362 -26.98 59.19 15.01
CA GLU F 362 -26.70 60.03 16.17
C GLU F 362 -26.57 61.51 15.79
N LEU F 363 -27.50 62.32 16.30
CA LEU F 363 -27.48 63.75 16.06
C LEU F 363 -26.93 64.39 17.32
N ARG F 364 -25.81 65.09 17.19
CA ARG F 364 -25.22 65.71 18.36
C ARG F 364 -24.35 66.93 18.04
N ASP F 365 -24.54 67.97 18.86
CA ASP F 365 -23.79 69.19 18.72
C ASP F 365 -23.91 69.78 17.30
N GLY F 366 -25.13 69.76 16.76
CA GLY F 366 -25.38 70.29 15.43
C GLY F 366 -24.95 69.43 14.25
N ARG F 367 -24.40 68.25 14.51
CA ARG F 367 -23.95 67.38 13.43
C ARG F 367 -24.45 65.95 13.54
N MET F 368 -24.57 65.29 12.39
CA MET F 368 -25.03 63.91 12.33
C MET F 368 -23.73 63.10 12.16
N TRP F 369 -23.51 62.14 13.06
CA TRP F 369 -22.29 61.33 13.02
C TRP F 369 -22.42 60.00 12.29
N ILE F 370 -21.38 59.66 11.53
CA ILE F 370 -21.36 58.41 10.79
C ILE F 370 -21.01 57.29 11.77
N SER F 371 -21.90 56.30 11.89
CA SER F 371 -21.64 55.19 12.81
C SER F 371 -20.60 54.26 12.19
N ASP F 372 -20.17 53.27 12.95
CA ASP F 372 -19.19 52.31 12.45
C ASP F 372 -19.86 51.18 11.68
N ARG F 373 -21.18 51.22 11.56
CA ARG F 373 -21.90 50.15 10.84
C ARG F 373 -21.52 50.17 9.35
N HIS F 374 -21.48 48.99 8.74
CA HIS F 374 -21.08 48.86 7.35
C HIS F 374 -22.13 49.28 6.31
N GLY F 375 -21.64 49.68 5.13
CA GLY F 375 -22.53 50.11 4.06
C GLY F 375 -23.36 51.30 4.53
N LEU F 376 -24.65 51.29 4.23
CA LEU F 376 -25.52 52.38 4.66
C LEU F 376 -25.64 52.39 6.19
N GLY F 377 -25.44 51.23 6.80
CA GLY F 377 -25.54 51.13 8.25
C GLY F 377 -26.97 50.99 8.76
N PHE F 378 -27.86 50.44 7.94
CA PHE F 378 -29.25 50.26 8.35
C PHE F 378 -29.76 48.87 7.99
N THR F 379 -30.70 48.36 8.78
CA THR F 379 -31.34 47.07 8.51
C THR F 379 -32.84 47.34 8.55
N LEU F 380 -33.58 46.69 7.67
CA LEU F 380 -35.03 46.89 7.61
C LEU F 380 -35.72 46.43 8.90
N SER F 381 -36.63 47.27 9.39
CA SER F 381 -37.37 46.98 10.60
C SER F 381 -38.61 46.14 10.29
N GLU F 382 -39.24 45.61 11.34
CA GLU F 382 -40.45 44.82 11.19
C GLU F 382 -41.55 45.74 10.66
N GLN F 383 -41.50 46.99 11.10
CA GLN F 383 -42.48 47.98 10.67
C GLN F 383 -42.42 48.18 9.15
N ALA F 384 -41.23 48.10 8.59
CA ALA F 384 -41.05 48.27 7.15
C ALA F 384 -41.78 47.15 6.43
N ARG F 385 -41.73 45.95 7.01
CA ARG F 385 -42.41 44.80 6.41
C ARG F 385 -43.92 44.98 6.55
N ARG F 386 -44.36 45.48 7.71
CA ARG F 386 -45.77 45.69 7.94
C ARG F 386 -46.35 46.72 6.96
N TRP F 387 -45.56 47.74 6.64
CA TRP F 387 -46.01 48.77 5.70
C TRP F 387 -45.83 48.39 4.24
N THR F 388 -45.28 47.20 3.98
CA THR F 388 -45.09 46.76 2.60
C THR F 388 -46.44 46.35 2.02
N GLN F 389 -46.76 46.85 0.83
CA GLN F 389 -48.02 46.51 0.19
C GLN F 389 -47.84 45.52 -0.98
N LEU F 390 -46.74 45.62 -1.69
CA LEU F 390 -46.46 44.71 -2.80
C LEU F 390 -45.03 44.24 -2.67
N THR F 391 -44.75 43.03 -3.14
CA THR F 391 -43.41 42.51 -3.08
C THR F 391 -43.25 41.42 -4.13
N CYS F 392 -42.02 41.17 -4.55
CA CYS F 392 -41.73 40.14 -5.53
C CYS F 392 -40.29 39.73 -5.36
N GLU F 393 -39.95 38.55 -5.85
CA GLU F 393 -38.60 38.04 -5.74
C GLU F 393 -38.14 37.37 -7.02
N PHE F 394 -36.82 37.28 -7.18
CA PHE F 394 -36.20 36.70 -8.36
C PHE F 394 -35.03 35.87 -7.88
N GLY F 395 -34.77 34.76 -8.56
CA GLY F 395 -33.66 33.89 -8.17
C GLY F 395 -33.99 33.05 -6.95
N LYS F 396 -32.96 32.68 -6.20
CA LYS F 396 -33.16 31.87 -4.99
C LYS F 396 -32.15 32.26 -3.93
N ARG F 397 -32.63 32.46 -2.70
CA ARG F 397 -31.76 32.84 -1.59
C ARG F 397 -30.58 31.88 -1.50
N PRO F 398 -29.35 32.43 -1.45
CA PRO F 398 -28.15 31.59 -1.36
C PRO F 398 -28.16 30.72 -0.10
MG MG G . -23.76 1.53 -0.32
O5A LLH H . -19.38 6.31 -5.98
C5 LLH H . -18.94 5.56 -5.07
O5B LLH H . -18.19 5.93 -4.14
C4 LLH H . -19.35 4.08 -5.09
O4 LLH H . -19.93 3.73 -6.34
C3 LLH H . -20.30 3.80 -3.94
O3 LLH H . -21.44 4.69 -4.01
C2 LLH H . -20.82 2.34 -3.92
O2 LLH H . -19.67 1.54 -3.60
C1 LLH H . -21.94 2.06 -2.90
O1 LLH H . -21.96 2.57 -1.79
N LLH H . -22.92 1.22 -3.33
ON LLH H . -23.76 0.54 -2.46
MG MG I . 7.82 -4.84 21.97
O5A LLH J . 12.50 -7.64 15.23
C5 LLH J . 11.40 -7.06 15.28
O5B LLH J . 10.32 -7.53 14.81
C4 LLH J . 11.31 -5.69 15.96
O4 LLH J . 12.61 -5.18 16.24
C3 LLH J . 10.48 -5.81 17.24
O3 LLH J . 11.03 -6.81 18.11
C2 LLH J . 10.40 -4.47 18.03
O2 LLH J . 9.63 -3.59 17.22
C1 LLH J . 9.77 -4.56 19.44
O1 LLH J . 8.90 -5.37 19.71
N LLH J . 10.26 -3.68 20.34
ON LLH J . 9.75 -3.54 21.62
O5A LLH K . 28.21 -48.17 -29.08
C5 LLH K . 27.99 -49.08 -28.25
O5B LLH K . 27.91 -50.32 -28.52
C4 LLH K . 27.81 -48.67 -26.78
O4 LLH K . 27.52 -47.27 -26.69
C3 LLH K . 29.07 -49.03 -25.97
O3 LLH K . 30.24 -48.39 -26.54
C2 LLH K . 28.99 -48.59 -24.47
O2 LLH K . 27.77 -49.19 -23.97
C1 LLH K . 30.20 -49.02 -23.58
O1 LLH K . 30.57 -50.19 -23.48
N LLH K . 30.82 -48.01 -22.91
ON LLH K . 31.29 -48.16 -21.59
O5A LLH L . 11.86 56.50 -25.24
C5 LLH L . 10.97 57.17 -24.66
O5B LLH L . 11.03 58.42 -24.43
C4 LLH L . 9.68 56.43 -24.18
O4 LLH L . 9.91 55.03 -24.22
C3 LLH L . 8.47 56.82 -25.06
O3 LLH L . 8.75 56.52 -26.44
C2 LLH L . 7.16 56.07 -24.68
O2 LLH L . 6.97 56.27 -23.26
C1 LLH L . 5.88 56.51 -25.46
O1 LLH L . 5.52 57.69 -25.52
N LLH L . 5.16 55.52 -26.07
ON LLH L . 3.77 55.52 -26.09
O5A LLH M . 22.33 -72.83 28.81
C5 LLH M . 22.92 -72.23 27.89
O5B LLH M . 24.18 -72.06 27.83
C4 LLH M . 22.07 -71.65 26.74
O4 LLH M . 20.67 -71.61 27.13
C3 LLH M . 22.29 -72.49 25.45
O3 LLH M . 22.03 -73.89 25.70
C2 LLH M . 21.40 -72.04 24.25
O2 LLH M . 21.86 -70.73 23.92
C1 LLH M . 21.43 -72.94 22.97
O1 LLH M . 22.39 -73.68 22.69
N LLH M . 20.33 -72.88 22.17
ON LLH M . 20.24 -73.59 20.98
O5A LLH N . -44.45 68.28 1.22
C5 LLH N . -43.68 67.92 0.31
O5B LLH N . -43.97 67.91 -0.92
C4 LLH N . -42.26 67.49 0.71
O4 LLH N . -42.21 67.23 2.13
C3 LLH N . -41.25 68.58 0.30
O3 LLH N . -41.59 69.84 0.89
C2 LLH N . -39.78 68.26 0.68
O2 LLH N . -39.43 67.07 -0.05
C1 LLH N . -38.75 69.38 0.33
O1 LLH N . -38.69 69.88 -0.80
N LLH N . -37.93 69.78 1.32
ON LLH N . -36.63 70.23 1.07
#